data_7T66
#
_entry.id   7T66
#
_cell.length_a   135.587
_cell.length_b   178.395
_cell.length_c   180.038
_cell.angle_alpha   90.000
_cell.angle_beta   90.000
_cell.angle_gamma   90.000
#
_symmetry.space_group_name_H-M   'I 2 2 2'
#
loop_
_entity.id
_entity.type
_entity.pdbx_description
1 polymer 'Chaetomium alpha glucosidase'
2 non-polymer GLYCEROL
3 non-polymer "N-9'-methoxynonyl-1-deoxynojirimycin"
4 non-polymer 'SULFATE ION'
5 non-polymer 2-[BIS-(2-HYDROXY-ETHYL)-AMINO]-2-HYDROXYMETHYL-PROPANE-1,3-DIOL
6 non-polymer 2-acetamido-2-deoxy-beta-D-glucopyranose
7 water water
#
_entity_poly.entity_id   1
_entity_poly.type   'polypeptide(L)'
_entity_poly.pdbx_seq_one_letter_code
;MGILPSPGMPALLSLVSLLSVLLMGCVAETGVEGESILHSEIGRLNNQSLLWGPYRPNIYFGTRPRIGKSLMTGLMWGKI
ESYTDFQHTVRYTCEQNEGMKGYGWDEYDPRRGGIQSIHDIQNGLDITTSFVKIPGGAHGGSWAARIKGTLNDDAPKDQK
TIVVFYVSQEGENSELEAVPSENEFGYEGDVILKGRSEALGNYKLVVTKGKGVIPQSDHDLSRLRGPGQTVVQSLTYPDE
VLWQAKPILFQQLKAGIDWLVENKYDVADPPPPWQVYLLANKPGSGNVHIVQKVFEGDFEFDILFSSESAGKEVTSKDLE
REVKQATEVFGERFARVFDLKAPFQGDNYKKFGKSMFSNLIGGIGYFYGHSLVDRSYAPEYDEENEGFWEDAAEARARHQ
EALEGPYELFTSIPSRPFFPRGFLWDEGFHLLPIADWDIDLALEIIKSWYNLMDEDGWIAREQILGAEARSKVPKEFQTQ
YPHYANPPTLFLVLDNFVERLRKNNASQPVVKDNLSLDETLSTASVDNPEVGLEYLRRLYPLLRRQFDWFRKTQAGDIKS
YDREAYSTKEAYRWRGRTVSHCLTSGLDDYPRPQPPHPGELHVDLMSWVGVMVKSLISIGSLLGATEDVEFYTKVLDAIE
HNLDDLHWSEKEGCYCDATIDEFEEHKLVCHKGYISLFPFLTGLLKPDSPKLGKLLALIGDESELWSPYGLRSLSKKDEF
YGTAENYWRSPVWININYLAIVQLYNIATQDGPYKETARDLYTRLRKNIVETVYRNWEETGFAWEQYNPETGKGQRTQHF
TGWTSLVVKIMSGHHHHHH
;
_entity_poly.pdbx_strand_id   A,B
#
# COMPACT_ATOMS: atom_id res chain seq x y z
N LEU A 38 -13.31 2.35 32.36
CA LEU A 38 -13.89 0.99 32.49
C LEU A 38 -13.97 0.29 31.12
N HIS A 39 -13.87 1.07 30.04
CA HIS A 39 -13.79 0.49 28.70
C HIS A 39 -12.35 0.11 28.36
N SER A 40 -11.40 0.96 28.78
CA SER A 40 -9.97 0.67 28.71
C SER A 40 -9.65 -0.56 29.59
N GLU A 41 -10.46 -0.77 30.63
CA GLU A 41 -10.22 -1.79 31.65
C GLU A 41 -10.71 -3.16 31.16
N ILE A 42 -11.95 -3.21 30.63
CA ILE A 42 -12.52 -4.45 30.09
C ILE A 42 -11.68 -4.93 28.90
N GLY A 43 -11.14 -3.97 28.15
CA GLY A 43 -10.22 -4.20 27.04
C GLY A 43 -8.95 -4.93 27.47
N ARG A 44 -8.28 -4.43 28.54
CA ARG A 44 -7.04 -5.01 29.04
C ARG A 44 -7.29 -6.44 29.54
N LEU A 45 -8.42 -6.62 30.25
CA LEU A 45 -8.85 -7.89 30.81
C LEU A 45 -9.10 -8.90 29.68
N ASN A 46 -9.71 -8.41 28.58
CA ASN A 46 -9.97 -9.21 27.39
C ASN A 46 -8.66 -9.63 26.72
N ASN A 47 -7.75 -8.66 26.55
CA ASN A 47 -6.42 -8.88 25.95
C ASN A 47 -5.70 -9.97 26.73
N GLN A 48 -5.63 -9.83 28.06
CA GLN A 48 -4.90 -10.80 28.92
C GLN A 48 -5.54 -12.17 28.82
N SER A 49 -6.85 -12.23 28.73
CA SER A 49 -7.58 -13.51 28.69
C SER A 49 -7.38 -14.23 27.36
N LEU A 50 -7.23 -13.51 26.28
CA LEU A 50 -7.25 -14.12 24.95
C LEU A 50 -5.85 -14.30 24.39
N LEU A 51 -4.83 -13.85 25.13
CA LEU A 51 -3.49 -13.76 24.57
C LEU A 51 -2.96 -15.10 24.08
N TRP A 52 -3.11 -16.14 24.89
CA TRP A 52 -2.55 -17.44 24.55
C TRP A 52 -3.62 -18.34 23.92
N GLY A 53 -3.20 -19.17 22.97
CA GLY A 53 -4.12 -20.17 22.46
C GLY A 53 -3.44 -21.18 21.59
N PRO A 54 -4.16 -22.23 21.17
CA PRO A 54 -3.66 -23.14 20.16
C PRO A 54 -3.94 -22.49 18.81
N TYR A 55 -3.45 -21.26 18.63
CA TYR A 55 -3.93 -20.35 17.60
C TYR A 55 -3.22 -20.60 16.26
N ARG A 56 -2.90 -21.88 15.98
CA ARG A 56 -2.25 -22.27 14.72
C ARG A 56 -3.10 -23.35 14.03
N PRO A 57 -4.34 -23.04 13.60
CA PRO A 57 -5.22 -24.06 13.06
C PRO A 57 -4.71 -24.65 11.73
N ASN A 58 -3.70 -24.02 11.14
CA ASN A 58 -3.12 -24.56 9.91
C ASN A 58 -2.32 -25.82 10.22
N ILE A 59 -2.05 -26.13 11.52
CA ILE A 59 -1.29 -27.33 11.82
C ILE A 59 -2.11 -28.17 12.79
N TYR A 60 -1.77 -29.47 12.93
CA TYR A 60 -2.58 -30.34 13.80
C TYR A 60 -2.60 -29.76 15.21
N PHE A 61 -1.42 -29.46 15.74
CA PHE A 61 -1.38 -28.93 17.08
C PHE A 61 -0.14 -28.07 17.29
N GLY A 62 -0.39 -26.86 17.81
CA GLY A 62 0.65 -25.89 18.08
C GLY A 62 0.05 -24.71 18.84
N THR A 63 0.90 -23.89 19.46
CA THR A 63 0.43 -22.75 20.21
C THR A 63 1.22 -21.52 19.79
N ARG A 64 0.58 -20.35 19.93
CA ARG A 64 1.23 -19.07 19.77
C ARG A 64 0.36 -18.04 20.47
N PRO A 65 0.95 -16.97 21.00
CA PRO A 65 0.17 -15.88 21.57
C PRO A 65 -0.17 -14.92 20.45
N ARG A 66 -1.11 -14.00 20.74
CA ARG A 66 -1.47 -12.95 19.82
C ARG A 66 -0.39 -11.86 19.79
N ILE A 67 0.81 -12.25 19.34
CA ILE A 67 1.95 -11.36 19.16
C ILE A 67 2.65 -11.82 17.89
N GLY A 68 2.82 -10.89 16.93
CA GLY A 68 3.51 -11.16 15.66
C GLY A 68 4.82 -11.94 15.81
N LYS A 69 5.70 -11.48 16.70
CA LYS A 69 7.07 -12.00 16.74
C LYS A 69 7.33 -12.48 18.15
N SER A 70 7.21 -13.78 18.35
CA SER A 70 7.21 -14.33 19.69
C SER A 70 7.41 -15.86 19.67
N LEU A 71 6.91 -16.51 20.71
CA LEU A 71 7.20 -17.91 20.98
C LEU A 71 6.10 -18.75 20.37
N MET A 72 6.47 -19.72 19.51
CA MET A 72 5.51 -20.64 18.88
C MET A 72 5.93 -22.12 19.10
N THR A 73 4.93 -23.01 19.23
CA THR A 73 5.22 -24.43 19.35
C THR A 73 4.41 -25.22 18.32
N GLY A 74 4.88 -26.41 17.96
CA GLY A 74 4.10 -27.28 17.11
C GLY A 74 4.47 -28.75 17.33
N LEU A 75 3.49 -29.63 17.12
CA LEU A 75 3.69 -31.06 17.34
C LEU A 75 3.91 -31.75 15.99
N MET A 76 4.84 -32.73 15.93
CA MET A 76 4.93 -33.61 14.78
C MET A 76 4.94 -35.04 15.31
N TRP A 77 4.43 -36.01 14.51
CA TRP A 77 4.55 -37.43 14.83
C TRP A 77 4.52 -38.24 13.54
N GLY A 78 5.17 -39.41 13.57
CA GLY A 78 4.97 -40.38 12.50
C GLY A 78 5.55 -41.74 12.91
N LYS A 79 4.92 -42.82 12.43
CA LYS A 79 5.49 -44.16 12.59
C LYS A 79 6.77 -44.25 11.77
N ILE A 80 7.68 -45.10 12.24
CA ILE A 80 8.85 -45.43 11.44
C ILE A 80 9.01 -46.95 11.41
N GLU A 81 9.00 -47.47 10.19
CA GLU A 81 9.03 -48.89 9.93
C GLU A 81 10.23 -49.23 9.05
N SER A 82 10.82 -48.22 8.42
CA SER A 82 11.90 -48.49 7.50
C SER A 82 12.91 -47.35 7.55
N TYR A 83 13.87 -47.40 6.63
CA TYR A 83 14.89 -46.39 6.53
C TYR A 83 14.41 -45.20 5.70
N THR A 84 13.22 -45.30 5.07
CA THR A 84 12.82 -44.21 4.18
C THR A 84 11.38 -43.73 4.42
N ASP A 85 10.67 -44.32 5.38
CA ASP A 85 9.22 -44.12 5.45
C ASP A 85 8.87 -42.85 6.25
N PHE A 86 9.72 -42.45 7.22
CA PHE A 86 9.32 -41.43 8.17
C PHE A 86 9.06 -40.10 7.45
N GLN A 87 9.87 -39.77 6.44
CA GLN A 87 9.63 -38.57 5.61
C GLN A 87 8.22 -38.56 5.00
N HIS A 88 7.58 -39.74 4.83
CA HIS A 88 6.27 -39.80 4.20
C HIS A 88 5.15 -39.91 5.25
N THR A 89 5.46 -40.39 6.47
CA THR A 89 4.45 -40.64 7.50
C THR A 89 4.30 -39.42 8.40
N VAL A 90 5.34 -38.59 8.44
CA VAL A 90 5.35 -37.52 9.44
C VAL A 90 4.21 -36.52 9.15
N ARG A 91 3.56 -36.12 10.22
CA ARG A 91 2.41 -35.23 10.20
C ARG A 91 2.82 -33.94 10.85
N TYR A 92 2.40 -32.82 10.26
CA TYR A 92 2.63 -31.50 10.81
C TYR A 92 1.49 -30.57 10.40
N THR A 93 1.46 -30.17 9.12
CA THR A 93 0.39 -29.29 8.66
C THR A 93 -0.88 -30.06 8.34
N CYS A 94 -2.03 -29.40 8.50
CA CYS A 94 -3.32 -30.08 8.36
C CYS A 94 -3.54 -30.51 6.90
N GLU A 95 -4.01 -31.76 6.70
CA GLU A 95 -4.45 -32.25 5.38
C GLU A 95 -5.68 -33.12 5.57
N GLN A 96 -6.31 -33.49 4.47
CA GLN A 96 -7.34 -34.51 4.53
C GLN A 96 -7.28 -35.34 3.26
N ASN A 97 -7.10 -36.64 3.44
CA ASN A 97 -6.92 -37.64 2.39
C ASN A 97 -7.27 -39.00 3.01
N GLU A 98 -7.01 -40.09 2.27
CA GLU A 98 -7.43 -41.41 2.71
C GLU A 98 -6.66 -41.87 3.94
N GLY A 99 -5.47 -41.30 4.19
CA GLY A 99 -4.63 -41.73 5.30
C GLY A 99 -5.08 -41.15 6.66
N MET A 100 -6.11 -40.31 6.64
CA MET A 100 -6.57 -39.66 7.86
C MET A 100 -8.08 -39.87 7.99
N LYS A 101 -8.49 -40.63 9.00
CA LYS A 101 -9.90 -40.83 9.18
C LYS A 101 -10.62 -39.51 9.47
N GLY A 102 -10.02 -38.66 10.30
CA GLY A 102 -10.74 -37.47 10.75
C GLY A 102 -9.99 -36.84 11.92
N TYR A 103 -10.33 -35.58 12.21
CA TYR A 103 -9.76 -34.89 13.34
C TYR A 103 -10.61 -33.70 13.64
N GLY A 104 -10.50 -33.22 14.88
CA GLY A 104 -11.11 -31.95 15.22
C GLY A 104 -11.24 -31.81 16.73
N TRP A 105 -11.83 -30.69 17.14
CA TRP A 105 -11.98 -30.30 18.54
C TRP A 105 -13.28 -30.88 19.08
N ASP A 106 -13.17 -31.58 20.22
CA ASP A 106 -14.39 -32.12 20.80
C ASP A 106 -15.04 -31.06 21.66
N GLU A 107 -14.22 -30.17 22.17
CA GLU A 107 -14.63 -29.13 23.11
C GLU A 107 -13.63 -28.02 22.95
N TYR A 108 -14.11 -26.78 22.99
CA TYR A 108 -13.17 -25.68 22.84
C TYR A 108 -13.82 -24.38 23.24
N ASP A 109 -13.02 -23.57 23.90
CA ASP A 109 -13.33 -22.21 24.29
C ASP A 109 -11.98 -21.52 24.37
N PRO A 110 -11.70 -20.46 23.60
CA PRO A 110 -10.35 -19.96 23.56
C PRO A 110 -9.91 -19.28 24.86
N ARG A 111 -10.84 -18.99 25.79
CA ARG A 111 -10.41 -18.47 27.08
C ARG A 111 -9.88 -19.59 27.98
N ARG A 112 -10.34 -20.83 27.76
CA ARG A 112 -10.15 -21.91 28.75
C ARG A 112 -9.26 -23.03 28.19
N GLY A 113 -9.46 -23.34 26.90
CA GLY A 113 -8.76 -24.43 26.26
C GLY A 113 -9.75 -25.44 25.70
N GLY A 114 -9.25 -26.65 25.42
CA GLY A 114 -10.11 -27.70 24.89
C GLY A 114 -9.35 -29.00 24.64
N ILE A 115 -10.02 -29.93 23.98
CA ILE A 115 -9.51 -31.26 23.71
C ILE A 115 -9.77 -31.55 22.23
N GLN A 116 -8.70 -31.93 21.54
CA GLN A 116 -8.79 -32.26 20.13
C GLN A 116 -8.52 -33.77 20.02
N SER A 117 -9.23 -34.43 19.11
CA SER A 117 -8.89 -35.82 18.83
C SER A 117 -8.58 -36.04 17.35
N ILE A 118 -7.57 -36.88 17.10
CA ILE A 118 -7.01 -37.08 15.77
C ILE A 118 -7.00 -38.58 15.51
N HIS A 119 -7.62 -39.00 14.39
CA HIS A 119 -7.75 -40.39 14.01
C HIS A 119 -6.94 -40.62 12.75
N ASP A 120 -5.70 -41.11 12.95
CA ASP A 120 -4.71 -41.18 11.89
C ASP A 120 -4.57 -42.65 11.47
N ILE A 121 -5.01 -42.95 10.23
CA ILE A 121 -4.93 -44.30 9.70
C ILE A 121 -3.50 -44.65 9.32
N GLN A 122 -2.85 -43.75 8.57
CA GLN A 122 -1.52 -44.05 8.08
C GLN A 122 -0.61 -44.46 9.24
N ASN A 123 -0.73 -43.75 10.35
CA ASN A 123 0.19 -43.93 11.45
C ASN A 123 -0.43 -44.81 12.53
N GLY A 124 -1.60 -45.41 12.24
CA GLY A 124 -2.22 -46.37 13.16
C GLY A 124 -2.41 -45.79 14.57
N LEU A 125 -2.70 -44.47 14.67
CA LEU A 125 -2.75 -43.80 15.97
C LEU A 125 -4.05 -43.00 16.14
N ASP A 126 -4.65 -43.15 17.32
CA ASP A 126 -5.63 -42.21 17.83
C ASP A 126 -4.95 -41.29 18.83
N ILE A 127 -4.90 -40.00 18.50
CA ILE A 127 -4.21 -39.02 19.31
C ILE A 127 -5.20 -38.06 19.95
N THR A 128 -4.88 -37.66 21.18
CA THR A 128 -5.61 -36.68 21.94
C THR A 128 -4.62 -35.57 22.36
N THR A 129 -4.96 -34.32 22.07
CA THR A 129 -4.17 -33.17 22.50
C THR A 129 -5.12 -32.28 23.32
N SER A 130 -4.84 -32.18 24.63
CA SER A 130 -5.64 -31.38 25.56
C SER A 130 -4.89 -30.08 25.81
N PHE A 131 -5.59 -28.96 25.81
CA PHE A 131 -4.89 -27.69 26.03
C PHE A 131 -5.68 -26.91 27.07
N VAL A 132 -4.96 -26.28 28.03
CA VAL A 132 -5.65 -25.54 29.08
C VAL A 132 -4.80 -24.32 29.42
N LYS A 133 -5.49 -23.20 29.67
CA LYS A 133 -4.85 -21.96 30.06
C LYS A 133 -5.04 -21.76 31.57
N ILE A 134 -3.99 -21.22 32.23
CA ILE A 134 -4.02 -21.00 33.67
C ILE A 134 -3.68 -19.53 33.88
N PRO A 135 -4.69 -18.68 34.20
CA PRO A 135 -4.48 -17.23 34.30
C PRO A 135 -3.57 -16.89 35.48
N GLY A 136 -2.90 -15.74 35.37
CA GLY A 136 -2.02 -15.27 36.44
C GLY A 136 -0.85 -14.48 35.88
N GLY A 137 -0.28 -13.60 36.72
CA GLY A 137 0.85 -12.79 36.31
C GLY A 137 0.41 -11.66 35.38
N ALA A 138 1.36 -11.14 34.59
CA ALA A 138 1.15 -9.90 33.88
C ALA A 138 1.42 -10.10 32.39
N HIS A 139 1.55 -11.35 31.95
CA HIS A 139 2.04 -11.57 30.60
C HIS A 139 1.11 -12.50 29.85
N GLY A 140 -0.13 -12.63 30.36
CA GLY A 140 -1.19 -13.35 29.70
C GLY A 140 -1.28 -14.79 30.19
N GLY A 141 -0.60 -15.08 31.30
CA GLY A 141 -0.79 -16.33 32.02
C GLY A 141 -0.02 -17.50 31.41
N SER A 142 -0.36 -18.67 31.91
CA SER A 142 0.34 -19.93 31.67
C SER A 142 -0.60 -20.86 30.91
N TRP A 143 -0.07 -22.01 30.49
CA TRP A 143 -0.85 -22.99 29.74
C TRP A 143 -0.15 -24.35 29.80
N ALA A 144 -0.90 -25.41 29.55
CA ALA A 144 -0.34 -26.76 29.55
C ALA A 144 -1.04 -27.57 28.48
N ALA A 145 -0.35 -28.59 27.97
CA ALA A 145 -0.98 -29.49 27.02
C ALA A 145 -0.54 -30.89 27.37
N ARG A 146 -1.45 -31.84 27.20
CA ARG A 146 -1.14 -33.24 27.24
C ARG A 146 -1.33 -33.80 25.86
N ILE A 147 -0.32 -34.53 25.41
CA ILE A 147 -0.36 -35.23 24.14
C ILE A 147 -0.45 -36.74 24.43
N LYS A 148 -1.50 -37.38 23.91
CA LYS A 148 -1.72 -38.78 24.23
C LYS A 148 -1.91 -39.59 22.94
N GLY A 149 -1.05 -40.59 22.72
CA GLY A 149 -1.24 -41.45 21.56
C GLY A 149 -1.55 -42.90 21.93
N THR A 150 -2.58 -43.46 21.29
CA THR A 150 -3.03 -44.83 21.51
C THR A 150 -3.06 -45.51 20.16
N LEU A 151 -2.29 -46.59 20.02
CA LEU A 151 -2.31 -47.33 18.77
C LEU A 151 -3.71 -47.89 18.56
N ASN A 152 -4.18 -47.91 17.32
CA ASN A 152 -5.45 -48.52 17.00
C ASN A 152 -5.25 -50.04 16.89
N ASP A 153 -6.36 -50.78 16.76
CA ASP A 153 -6.31 -52.25 16.78
C ASP A 153 -5.49 -52.80 15.61
N ASP A 154 -5.38 -52.01 14.54
CA ASP A 154 -4.76 -52.45 13.31
C ASP A 154 -3.25 -52.30 13.38
N ALA A 155 -2.76 -51.39 14.24
CA ALA A 155 -1.33 -51.10 14.29
C ALA A 155 -0.57 -52.27 14.91
N PRO A 156 0.70 -52.55 14.49
CA PRO A 156 1.52 -53.53 15.21
C PRO A 156 1.72 -53.03 16.64
N LYS A 157 1.58 -53.93 17.62
CA LYS A 157 1.71 -53.64 19.04
C LYS A 157 3.06 -53.03 19.38
N ASP A 158 4.08 -53.33 18.57
CA ASP A 158 5.43 -52.84 18.83
C ASP A 158 5.80 -51.65 17.90
N GLN A 159 4.81 -51.03 17.21
CA GLN A 159 5.09 -49.84 16.41
C GLN A 159 6.03 -48.87 17.13
N LYS A 160 7.05 -48.41 16.41
CA LYS A 160 7.83 -47.24 16.83
C LYS A 160 7.19 -45.99 16.21
N THR A 161 6.92 -44.99 17.06
CA THR A 161 6.45 -43.67 16.64
C THR A 161 7.45 -42.60 17.10
N ILE A 162 7.93 -41.77 16.15
CA ILE A 162 8.74 -40.58 16.46
C ILE A 162 7.80 -39.40 16.78
N VAL A 163 8.06 -38.71 17.89
CA VAL A 163 7.28 -37.54 18.25
C VAL A 163 8.26 -36.37 18.46
N VAL A 164 7.93 -35.22 17.85
CA VAL A 164 8.74 -34.02 17.99
C VAL A 164 7.88 -32.91 18.58
N PHE A 165 8.44 -32.21 19.58
CA PHE A 165 7.88 -30.92 19.96
C PHE A 165 8.85 -29.83 19.49
N TYR A 166 8.38 -28.95 18.60
CA TYR A 166 9.25 -27.97 17.96
C TYR A 166 8.90 -26.60 18.53
N VAL A 167 9.92 -25.84 18.97
CA VAL A 167 9.68 -24.58 19.66
C VAL A 167 10.55 -23.52 18.98
N SER A 168 9.96 -22.36 18.66
CA SER A 168 10.71 -21.32 17.96
C SER A 168 10.43 -19.99 18.63
N GLN A 169 11.39 -19.05 18.56
CA GLN A 169 11.17 -17.72 19.13
C GLN A 169 11.76 -16.62 18.25
N GLU A 170 10.86 -15.76 17.79
CA GLU A 170 11.18 -14.64 16.92
C GLU A 170 11.24 -13.39 17.79
N GLY A 171 12.14 -12.46 17.44
CA GLY A 171 12.38 -11.25 18.22
C GLY A 171 13.88 -10.99 18.41
N GLU A 172 14.29 -9.71 18.39
CA GLU A 172 15.71 -9.34 18.40
C GLU A 172 16.35 -9.51 19.78
N ASN A 173 15.62 -9.13 20.85
CA ASN A 173 16.22 -9.05 22.18
C ASN A 173 15.58 -10.08 23.10
N SER A 174 15.64 -11.36 22.69
CA SER A 174 14.92 -12.37 23.45
C SER A 174 15.76 -13.63 23.53
N GLU A 175 15.43 -14.49 24.47
CA GLU A 175 16.37 -15.58 24.71
C GLU A 175 15.58 -16.82 25.07
N LEU A 176 16.14 -17.97 24.70
CA LEU A 176 15.58 -19.26 25.01
C LEU A 176 16.71 -20.30 25.05
N GLU A 177 16.73 -21.14 26.09
CA GLU A 177 17.86 -22.04 26.27
C GLU A 177 17.37 -23.34 26.91
N ALA A 178 17.76 -24.46 26.33
CA ALA A 178 17.48 -25.76 26.94
C ALA A 178 18.50 -26.03 28.03
N VAL A 179 18.03 -26.30 29.24
CA VAL A 179 18.93 -26.68 30.31
C VAL A 179 19.51 -28.05 29.96
N PRO A 180 20.86 -28.20 29.91
CA PRO A 180 21.45 -29.48 29.50
C PRO A 180 21.07 -30.63 30.45
N SER A 181 21.13 -31.85 29.91
CA SER A 181 20.86 -33.08 30.62
C SER A 181 21.92 -33.30 31.72
N GLU A 182 21.65 -34.21 32.67
CA GLU A 182 22.69 -34.73 33.55
C GLU A 182 23.39 -35.89 32.85
N ASN A 183 22.61 -36.63 32.04
CA ASN A 183 23.09 -37.81 31.32
C ASN A 183 23.76 -37.37 30.02
N GLU A 184 24.55 -38.26 29.42
CA GLU A 184 25.52 -37.79 28.45
C GLU A 184 24.98 -37.78 27.02
N PHE A 185 23.91 -38.54 26.77
CA PHE A 185 23.43 -38.79 25.41
C PHE A 185 22.07 -38.15 25.19
N GLY A 186 21.49 -37.57 26.26
CA GLY A 186 20.12 -37.10 26.22
C GLY A 186 19.48 -37.11 27.58
N TYR A 187 18.14 -37.12 27.62
CA TYR A 187 17.37 -36.84 28.83
C TYR A 187 16.67 -38.12 29.28
N GLU A 188 16.86 -38.44 30.56
CA GLU A 188 16.13 -39.52 31.21
C GLU A 188 14.78 -39.00 31.65
N GLY A 189 14.70 -37.69 32.01
CA GLY A 189 13.47 -37.10 32.53
C GLY A 189 12.97 -35.93 31.67
N ASP A 190 12.64 -34.83 32.33
CA ASP A 190 11.93 -33.71 31.71
C ASP A 190 12.94 -32.82 31.00
N VAL A 191 12.48 -32.14 29.95
CA VAL A 191 13.30 -31.14 29.24
C VAL A 191 12.80 -29.76 29.65
N ILE A 192 13.70 -28.94 30.19
CA ILE A 192 13.29 -27.61 30.64
C ILE A 192 13.87 -26.59 29.69
N LEU A 193 13.00 -25.71 29.14
CA LEU A 193 13.49 -24.55 28.40
C LEU A 193 13.20 -23.33 29.24
N LYS A 194 14.25 -22.52 29.44
CA LYS A 194 14.16 -21.24 30.12
C LYS A 194 14.33 -20.16 29.07
N GLY A 195 13.41 -19.20 29.05
CA GLY A 195 13.50 -18.15 28.07
C GLY A 195 13.01 -16.81 28.61
N ARG A 196 13.17 -15.76 27.79
CA ARG A 196 12.76 -14.43 28.16
C ARG A 196 12.48 -13.61 26.90
N SER A 197 11.49 -12.71 27.00
CA SER A 197 11.33 -11.68 25.97
C SER A 197 10.59 -10.49 26.58
N GLU A 198 10.60 -9.34 25.88
CA GLU A 198 9.87 -8.17 26.37
C GLU A 198 8.39 -8.53 26.53
N ALA A 199 7.83 -9.15 25.49
CA ALA A 199 6.41 -9.48 25.45
C ALA A 199 6.01 -10.46 26.57
N LEU A 200 6.86 -11.48 26.86
CA LEU A 200 6.44 -12.59 27.72
C LEU A 200 7.14 -12.54 29.08
N GLY A 201 8.08 -11.60 29.24
CA GLY A 201 8.92 -11.58 30.42
C GLY A 201 9.63 -12.93 30.54
N ASN A 202 9.84 -13.39 31.78
CA ASN A 202 10.55 -14.65 32.01
C ASN A 202 9.55 -15.79 31.98
N TYR A 203 9.99 -16.93 31.42
CA TYR A 203 9.09 -18.08 31.41
C TYR A 203 9.89 -19.36 31.38
N LYS A 204 9.21 -20.45 31.68
CA LYS A 204 9.80 -21.75 31.46
C LYS A 204 8.80 -22.63 30.72
N LEU A 205 9.33 -23.44 29.81
CA LEU A 205 8.52 -24.36 29.03
C LEU A 205 9.09 -25.75 29.27
N VAL A 206 8.30 -26.64 29.84
CA VAL A 206 8.78 -27.98 30.17
C VAL A 206 8.12 -29.01 29.24
N VAL A 207 8.93 -29.96 28.72
CA VAL A 207 8.38 -31.12 28.07
C VAL A 207 8.67 -32.33 28.95
N THR A 208 7.60 -32.89 29.52
CA THR A 208 7.77 -33.86 30.58
C THR A 208 8.26 -35.18 30.00
N LYS A 209 8.85 -35.98 30.86
CA LYS A 209 9.42 -37.27 30.50
C LYS A 209 8.39 -38.09 29.71
N GLY A 210 7.16 -38.14 30.24
CA GLY A 210 6.07 -38.86 29.64
C GLY A 210 6.01 -40.32 30.13
N LYS A 211 5.00 -41.05 29.64
CA LYS A 211 4.80 -42.46 29.91
C LYS A 211 4.78 -43.19 28.57
N GLY A 212 5.43 -44.35 28.53
CA GLY A 212 5.43 -45.25 27.38
C GLY A 212 6.80 -45.93 27.27
N VAL A 213 6.86 -47.05 26.55
CA VAL A 213 8.12 -47.75 26.34
C VAL A 213 9.03 -46.94 25.41
N ILE A 214 10.28 -46.76 25.84
CA ILE A 214 11.31 -46.19 24.99
C ILE A 214 12.22 -47.31 24.49
N PRO A 215 12.23 -47.61 23.16
CA PRO A 215 13.03 -48.73 22.64
C PRO A 215 14.51 -48.45 22.90
N GLN A 216 15.27 -49.54 22.95
CA GLN A 216 16.69 -49.48 23.25
C GLN A 216 17.43 -50.21 22.15
N SER A 217 18.49 -49.63 21.66
CA SER A 217 19.28 -50.26 20.62
C SER A 217 20.54 -50.82 21.25
N ASP A 218 20.85 -52.07 20.89
CA ASP A 218 22.03 -52.76 21.38
C ASP A 218 23.13 -52.64 20.35
N HIS A 219 22.90 -51.79 19.32
CA HIS A 219 23.90 -51.55 18.27
C HIS A 219 25.10 -50.81 18.84
N ASP A 220 26.25 -51.02 18.22
CA ASP A 220 27.49 -50.30 18.43
C ASP A 220 27.31 -48.79 18.51
N LEU A 221 26.43 -48.25 17.64
CA LEU A 221 26.18 -46.81 17.58
C LEU A 221 25.77 -46.28 18.95
N SER A 222 25.12 -47.13 19.75
CA SER A 222 24.63 -46.71 21.06
C SER A 222 25.79 -46.20 21.94
N ARG A 223 27.02 -46.61 21.63
CA ARG A 223 28.19 -46.15 22.37
C ARG A 223 28.42 -44.66 22.12
N LEU A 224 28.00 -44.12 20.95
CA LEU A 224 28.22 -42.70 20.69
C LEU A 224 26.90 -41.89 20.76
N ARG A 225 25.74 -42.57 20.64
CA ARG A 225 24.45 -41.89 20.45
C ARG A 225 23.52 -42.23 21.59
N GLY A 226 23.96 -43.15 22.46
CA GLY A 226 23.10 -43.61 23.52
C GLY A 226 22.20 -44.75 23.04
N PRO A 227 21.68 -45.59 23.98
CA PRO A 227 20.81 -46.71 23.63
C PRO A 227 19.45 -46.28 23.08
N GLY A 228 19.06 -45.01 23.32
CA GLY A 228 17.71 -44.55 23.01
C GLY A 228 17.11 -43.75 24.17
N GLN A 229 16.85 -42.44 23.93
CA GLN A 229 16.41 -41.48 24.94
C GLN A 229 15.88 -40.21 24.26
N THR A 230 15.15 -39.39 25.05
CA THR A 230 14.72 -38.07 24.63
C THR A 230 15.95 -37.24 24.29
N VAL A 231 15.92 -36.51 23.17
CA VAL A 231 17.02 -35.64 22.77
C VAL A 231 16.50 -34.25 22.46
N VAL A 232 17.40 -33.27 22.53
CA VAL A 232 17.08 -31.87 22.23
C VAL A 232 18.20 -31.32 21.35
N GLN A 233 17.83 -30.70 20.21
CA GLN A 233 18.79 -29.86 19.48
C GLN A 233 18.35 -28.41 19.57
N SER A 234 19.33 -27.56 19.86
CA SER A 234 19.09 -26.13 19.99
C SER A 234 19.84 -25.40 18.87
N LEU A 235 19.11 -24.67 18.01
CA LEU A 235 19.70 -24.15 16.77
C LEU A 235 19.31 -22.68 16.63
N THR A 236 19.92 -21.98 15.68
CA THR A 236 19.44 -20.65 15.32
CA THR A 236 19.40 -20.67 15.31
C THR A 236 19.43 -20.51 13.80
N TYR A 237 18.36 -19.87 13.31
CA TYR A 237 18.18 -19.53 11.91
C TYR A 237 17.71 -18.07 11.91
N PRO A 238 17.82 -17.35 10.78
CA PRO A 238 17.19 -16.03 10.69
C PRO A 238 15.70 -16.17 10.99
N ASP A 239 15.19 -15.28 11.84
CA ASP A 239 13.84 -15.30 12.38
C ASP A 239 12.78 -15.66 11.33
N GLU A 240 12.96 -15.20 10.09
CA GLU A 240 11.83 -15.21 9.18
C GLU A 240 11.56 -16.62 8.67
N VAL A 241 12.45 -17.58 8.96
CA VAL A 241 12.27 -18.94 8.44
C VAL A 241 11.93 -19.94 9.54
N LEU A 242 11.78 -19.49 10.79
CA LEU A 242 11.59 -20.39 11.92
C LEU A 242 10.29 -21.19 11.77
N TRP A 243 9.32 -20.67 10.99
CA TRP A 243 8.03 -21.36 10.79
C TRP A 243 8.22 -22.63 9.96
N GLN A 244 9.35 -22.72 9.24
CA GLN A 244 9.55 -23.90 8.40
C GLN A 244 10.04 -25.12 9.22
N ALA A 245 9.16 -25.61 10.09
CA ALA A 245 9.55 -26.63 11.06
C ALA A 245 9.96 -27.92 10.38
N LYS A 246 9.20 -28.33 9.33
CA LYS A 246 9.49 -29.61 8.68
C LYS A 246 10.88 -29.62 8.01
N PRO A 247 11.18 -28.68 7.09
CA PRO A 247 12.51 -28.61 6.47
C PRO A 247 13.66 -28.52 7.49
N ILE A 248 13.44 -27.76 8.56
CA ILE A 248 14.48 -27.52 9.53
C ILE A 248 14.76 -28.83 10.27
N LEU A 249 13.70 -29.53 10.69
CA LEU A 249 13.83 -30.85 11.29
C LEU A 249 14.59 -31.78 10.35
N PHE A 250 14.11 -31.88 9.12
CA PHE A 250 14.68 -32.82 8.17
C PHE A 250 16.14 -32.51 7.86
N GLN A 251 16.52 -31.21 7.90
CA GLN A 251 17.91 -30.87 7.67
C GLN A 251 18.76 -31.46 8.79
N GLN A 252 18.24 -31.46 10.03
CA GLN A 252 18.96 -32.02 11.18
C GLN A 252 19.04 -33.56 11.09
N LEU A 253 17.92 -34.22 10.71
CA LEU A 253 17.88 -35.68 10.49
C LEU A 253 18.89 -36.04 9.41
N LYS A 254 18.88 -35.26 8.32
CA LYS A 254 19.80 -35.49 7.22
C LYS A 254 21.27 -35.39 7.64
N ALA A 255 21.62 -34.37 8.44
CA ALA A 255 22.99 -34.22 8.96
C ALA A 255 23.40 -35.45 9.80
N GLY A 256 22.47 -35.98 10.63
CA GLY A 256 22.74 -37.18 11.44
C GLY A 256 22.99 -38.41 10.56
N ILE A 257 22.20 -38.57 9.51
CA ILE A 257 22.42 -39.66 8.59
C ILE A 257 23.77 -39.49 7.86
N ASP A 258 24.14 -38.25 7.48
CA ASP A 258 25.44 -38.06 6.83
C ASP A 258 26.60 -38.42 7.78
N TRP A 259 26.46 -38.08 9.06
CA TRP A 259 27.45 -38.45 10.07
C TRP A 259 27.57 -39.99 10.15
N LEU A 260 26.43 -40.71 10.12
CA LEU A 260 26.47 -42.16 10.12
C LEU A 260 27.33 -42.65 8.96
N VAL A 261 27.08 -42.12 7.75
CA VAL A 261 27.75 -42.60 6.55
C VAL A 261 29.25 -42.33 6.70
N GLU A 262 29.57 -41.13 7.16
CA GLU A 262 30.95 -40.67 7.29
C GLU A 262 31.70 -41.54 8.30
N ASN A 263 30.98 -42.06 9.31
CA ASN A 263 31.60 -42.74 10.43
C ASN A 263 31.43 -44.25 10.33
N LYS A 264 31.23 -44.78 9.10
CA LYS A 264 31.36 -46.21 8.81
C LYS A 264 30.20 -47.03 9.40
N TYR A 265 29.05 -46.39 9.62
CA TYR A 265 27.81 -47.13 9.92
C TYR A 265 27.03 -47.36 8.61
N ASP A 266 26.92 -48.63 8.17
CA ASP A 266 26.59 -48.94 6.77
C ASP A 266 25.62 -50.13 6.68
N VAL A 267 25.36 -50.59 5.45
CA VAL A 267 24.31 -51.57 5.22
C VAL A 267 24.80 -52.96 5.61
N ALA A 268 26.10 -53.10 5.89
CA ALA A 268 26.63 -54.39 6.33
C ALA A 268 26.09 -54.74 7.72
N ASP A 269 25.75 -53.70 8.52
CA ASP A 269 25.35 -53.83 9.91
C ASP A 269 24.70 -52.50 10.36
N PRO A 270 23.47 -52.20 9.89
CA PRO A 270 22.89 -50.87 10.06
C PRO A 270 22.19 -50.78 11.40
N PRO A 271 22.27 -49.62 12.11
CA PRO A 271 21.46 -49.41 13.30
C PRO A 271 19.98 -49.58 12.93
N PRO A 272 19.08 -49.82 13.89
CA PRO A 272 17.64 -49.81 13.60
C PRO A 272 17.17 -48.45 13.04
N PRO A 273 16.12 -48.43 12.18
CA PRO A 273 15.62 -47.18 11.58
C PRO A 273 15.40 -46.08 12.61
N TRP A 274 14.79 -46.44 13.75
CA TRP A 274 14.38 -45.42 14.70
C TRP A 274 15.61 -44.78 15.35
N GLN A 275 16.72 -45.50 15.35
CA GLN A 275 17.95 -44.96 15.90
C GLN A 275 18.67 -44.10 14.85
N VAL A 276 18.58 -44.50 13.58
CA VAL A 276 19.14 -43.71 12.48
C VAL A 276 18.45 -42.33 12.46
N TYR A 277 17.15 -42.28 12.78
CA TYR A 277 16.40 -41.02 12.73
C TYR A 277 16.27 -40.36 14.11
N LEU A 278 17.11 -40.78 15.09
CA LEU A 278 17.11 -40.09 16.39
C LEU A 278 18.28 -39.11 16.42
N LEU A 279 17.94 -37.84 16.60
CA LEU A 279 18.94 -36.78 16.51
C LEU A 279 19.99 -36.96 17.61
N ALA A 280 21.25 -36.58 17.32
CA ALA A 280 22.28 -36.45 18.35
C ALA A 280 21.88 -35.30 19.27
N ASN A 281 21.90 -35.56 20.59
CA ASN A 281 21.57 -34.56 21.59
C ASN A 281 22.55 -33.39 21.55
N LYS A 282 22.04 -32.14 21.42
CA LYS A 282 22.90 -30.96 21.55
C LYS A 282 22.10 -29.78 22.08
N PRO A 283 21.66 -29.80 23.37
CA PRO A 283 20.89 -28.69 23.92
C PRO A 283 21.78 -27.46 24.06
N GLY A 284 21.15 -26.28 24.10
CA GLY A 284 21.88 -25.03 24.15
C GLY A 284 20.95 -23.83 24.07
N SER A 285 21.52 -22.69 23.68
CA SER A 285 20.77 -21.49 23.38
C SER A 285 20.44 -21.49 21.90
N GLY A 286 19.29 -20.92 21.54
CA GLY A 286 18.98 -20.66 20.13
C GLY A 286 17.57 -20.12 19.98
N ASN A 287 17.17 -19.81 18.75
CA ASN A 287 15.78 -19.42 18.52
C ASN A 287 14.95 -20.62 18.01
N VAL A 288 15.60 -21.80 17.82
CA VAL A 288 14.86 -23.04 17.53
C VAL A 288 15.28 -24.16 18.50
N HIS A 289 14.29 -24.86 19.11
CA HIS A 289 14.59 -26.03 19.93
C HIS A 289 13.75 -27.21 19.47
N ILE A 290 14.42 -28.31 19.07
CA ILE A 290 13.73 -29.51 18.64
C ILE A 290 13.81 -30.52 19.79
N VAL A 291 12.65 -30.93 20.31
CA VAL A 291 12.62 -31.96 21.32
C VAL A 291 12.06 -33.25 20.70
N GLN A 292 12.86 -34.32 20.71
CA GLN A 292 12.45 -35.54 20.02
C GLN A 292 12.36 -36.71 21.01
N LYS A 293 11.28 -37.51 20.89
CA LYS A 293 11.07 -38.76 21.62
C LYS A 293 10.69 -39.83 20.59
N VAL A 294 11.12 -41.06 20.86
CA VAL A 294 10.63 -42.25 20.18
C VAL A 294 9.95 -43.15 21.21
N PHE A 295 8.77 -43.64 20.87
CA PHE A 295 8.04 -44.52 21.75
C PHE A 295 7.77 -45.83 21.03
N GLU A 296 7.64 -46.89 21.84
CA GLU A 296 7.17 -48.15 21.32
C GLU A 296 5.81 -48.41 21.98
N GLY A 297 4.77 -48.58 21.16
CA GLY A 297 3.43 -48.73 21.70
C GLY A 297 2.80 -47.38 22.09
N ASP A 298 1.91 -47.39 23.08
CA ASP A 298 1.15 -46.20 23.44
C ASP A 298 2.06 -45.24 24.21
N PHE A 299 1.69 -43.97 24.19
CA PHE A 299 2.54 -42.95 24.81
C PHE A 299 1.72 -41.75 25.24
N GLU A 300 2.27 -40.95 26.17
CA GLU A 300 1.79 -39.60 26.47
C GLU A 300 2.92 -38.80 27.11
N PHE A 301 2.81 -37.47 27.02
CA PHE A 301 3.74 -36.53 27.64
C PHE A 301 3.05 -35.18 27.75
N ASP A 302 3.51 -34.34 28.67
CA ASP A 302 2.92 -33.03 28.91
C ASP A 302 3.85 -31.90 28.44
N ILE A 303 3.27 -30.75 28.18
CA ILE A 303 4.02 -29.54 27.91
C ILE A 303 3.52 -28.52 28.91
N LEU A 304 4.44 -27.95 29.70
CA LEU A 304 4.04 -27.07 30.79
C LEU A 304 4.69 -25.70 30.61
N PHE A 305 3.86 -24.72 30.25
CA PHE A 305 4.34 -23.38 30.05
C PHE A 305 4.05 -22.60 31.33
N SER A 306 5.11 -22.12 31.97
CA SER A 306 5.00 -21.43 33.25
C SER A 306 5.43 -19.98 33.11
N SER A 307 4.47 -19.08 33.22
CA SER A 307 4.78 -17.66 33.19
C SER A 307 5.38 -17.23 34.53
N GLU A 308 6.63 -16.75 34.54
CA GLU A 308 7.29 -16.55 35.81
C GLU A 308 6.56 -15.50 36.67
N SER A 309 6.05 -14.44 36.01
CA SER A 309 5.37 -13.36 36.67
C SER A 309 4.14 -13.84 37.44
N ALA A 310 3.73 -15.12 37.24
CA ALA A 310 2.52 -15.67 37.86
C ALA A 310 2.83 -16.37 39.19
N GLY A 311 4.12 -16.54 39.49
CA GLY A 311 4.52 -17.24 40.70
C GLY A 311 4.74 -18.73 40.46
N LYS A 312 3.98 -19.57 41.18
CA LYS A 312 4.28 -20.99 41.23
C LYS A 312 4.11 -21.58 39.83
N GLU A 313 5.03 -22.46 39.44
CA GLU A 313 5.05 -22.99 38.08
C GLU A 313 3.94 -24.03 37.94
N VAL A 314 3.54 -24.27 36.69
CA VAL A 314 2.46 -25.20 36.35
C VAL A 314 2.98 -26.63 36.49
N THR A 315 2.16 -27.51 37.06
CA THR A 315 2.53 -28.91 37.14
C THR A 315 1.56 -29.72 36.30
N SER A 316 1.89 -31.01 36.09
CA SER A 316 1.02 -31.99 35.44
C SER A 316 -0.29 -32.17 36.19
N LYS A 317 -0.25 -32.05 37.53
CA LYS A 317 -1.44 -32.20 38.35
C LYS A 317 -2.39 -31.03 38.06
N ASP A 318 -1.82 -29.80 37.96
CA ASP A 318 -2.58 -28.63 37.54
C ASP A 318 -3.28 -28.88 36.18
N LEU A 319 -2.56 -29.51 35.23
CA LEU A 319 -3.07 -29.71 33.88
C LEU A 319 -4.35 -30.54 33.97
N GLU A 320 -4.27 -31.64 34.71
CA GLU A 320 -5.36 -32.59 34.82
C GLU A 320 -6.57 -31.90 35.46
N ARG A 321 -6.33 -31.16 36.56
CA ARG A 321 -7.40 -30.50 37.28
C ARG A 321 -8.03 -29.47 36.35
N GLU A 322 -7.17 -28.71 35.66
CA GLU A 322 -7.71 -27.62 34.88
C GLU A 322 -8.45 -28.17 33.64
N VAL A 323 -8.00 -29.32 33.11
CA VAL A 323 -8.67 -29.99 31.99
C VAL A 323 -10.08 -30.45 32.40
N LYS A 324 -10.21 -31.07 33.59
CA LYS A 324 -11.52 -31.54 34.04
C LYS A 324 -12.47 -30.35 34.23
N GLN A 325 -11.92 -29.23 34.70
CA GLN A 325 -12.74 -28.09 35.06
C GLN A 325 -13.27 -27.41 33.78
N ALA A 326 -12.39 -27.24 32.79
CA ALA A 326 -12.80 -26.70 31.50
C ALA A 326 -13.97 -27.47 30.89
N THR A 327 -13.89 -28.82 30.91
CA THR A 327 -14.93 -29.67 30.35
C THR A 327 -16.26 -29.38 31.03
N GLU A 328 -16.23 -29.27 32.37
CA GLU A 328 -17.45 -29.04 33.16
C GLU A 328 -18.06 -27.70 32.76
N VAL A 329 -17.21 -26.69 32.60
CA VAL A 329 -17.67 -25.36 32.27
C VAL A 329 -18.18 -25.33 30.82
N PHE A 330 -17.45 -25.98 29.89
CA PHE A 330 -17.92 -26.11 28.51
C PHE A 330 -19.33 -26.68 28.51
N GLY A 331 -19.51 -27.81 29.20
CA GLY A 331 -20.80 -28.49 29.29
C GLY A 331 -21.92 -27.55 29.74
N GLU A 332 -21.66 -26.76 30.79
CA GLU A 332 -22.70 -25.95 31.40
C GLU A 332 -23.08 -24.83 30.44
N ARG A 333 -22.06 -24.25 29.75
CA ARG A 333 -22.33 -23.13 28.88
C ARG A 333 -23.10 -23.60 27.64
N PHE A 334 -22.71 -24.75 27.07
CA PHE A 334 -23.35 -25.24 25.85
C PHE A 334 -24.85 -25.38 26.06
N ALA A 335 -25.23 -26.02 27.18
CA ALA A 335 -26.61 -26.39 27.49
C ALA A 335 -27.48 -25.15 27.59
N ARG A 336 -26.83 -24.05 28.01
CA ARG A 336 -27.46 -22.78 28.28
C ARG A 336 -27.55 -21.99 26.97
N VAL A 337 -26.42 -21.93 26.23
CA VAL A 337 -26.31 -21.07 25.06
C VAL A 337 -26.91 -21.77 23.84
N PHE A 338 -26.68 -23.09 23.72
CA PHE A 338 -27.19 -23.85 22.58
C PHE A 338 -28.15 -24.90 23.07
N ASP A 339 -29.31 -24.42 23.53
CA ASP A 339 -30.37 -25.29 24.00
C ASP A 339 -31.14 -25.77 22.78
N LEU A 340 -30.90 -27.02 22.42
CA LEU A 340 -31.38 -27.57 21.15
C LEU A 340 -32.86 -27.86 21.30
N LYS A 341 -33.68 -27.36 20.37
CA LYS A 341 -35.11 -27.54 20.40
C LYS A 341 -35.52 -28.74 19.55
N ALA A 342 -36.78 -29.18 19.78
CA ALA A 342 -37.40 -30.29 19.10
C ALA A 342 -37.32 -30.08 17.59
N PRO A 343 -37.09 -31.16 16.80
CA PRO A 343 -36.93 -32.52 17.35
C PRO A 343 -35.47 -32.94 17.51
N PHE A 344 -34.63 -31.99 17.95
CA PHE A 344 -33.21 -32.23 18.05
C PHE A 344 -32.74 -32.15 19.50
N GLN A 345 -33.62 -32.46 20.46
CA GLN A 345 -33.26 -32.33 21.87
C GLN A 345 -32.44 -33.55 22.30
N GLY A 346 -32.46 -34.61 21.49
CA GLY A 346 -31.83 -35.89 21.83
C GLY A 346 -30.30 -35.78 21.95
N ASP A 347 -29.69 -36.78 22.61
CA ASP A 347 -28.28 -36.75 22.99
C ASP A 347 -27.38 -36.80 21.75
N ASN A 348 -27.88 -37.45 20.70
CA ASN A 348 -27.17 -37.62 19.45
C ASN A 348 -26.95 -36.26 18.79
N TYR A 349 -28.00 -35.41 18.81
CA TYR A 349 -27.94 -34.07 18.27
C TYR A 349 -27.06 -33.17 19.14
N LYS A 350 -27.03 -33.44 20.44
CA LYS A 350 -26.21 -32.65 21.34
C LYS A 350 -24.73 -32.89 20.99
N LYS A 351 -24.36 -34.15 20.75
CA LYS A 351 -22.98 -34.47 20.46
C LYS A 351 -22.61 -33.85 19.11
N PHE A 352 -23.54 -33.91 18.19
CA PHE A 352 -23.39 -33.34 16.87
C PHE A 352 -23.17 -31.83 16.98
N GLY A 353 -24.05 -31.14 17.70
CA GLY A 353 -23.94 -29.70 17.86
C GLY A 353 -22.62 -29.27 18.51
N LYS A 354 -22.15 -30.05 19.49
CA LYS A 354 -20.91 -29.76 20.20
C LYS A 354 -19.71 -29.90 19.27
N SER A 355 -19.73 -30.94 18.42
CA SER A 355 -18.67 -31.12 17.44
C SER A 355 -18.69 -29.98 16.42
N MET A 356 -19.88 -29.66 15.88
CA MET A 356 -19.95 -28.61 14.86
C MET A 356 -19.49 -27.28 15.47
N PHE A 357 -19.95 -26.99 16.71
CA PHE A 357 -19.59 -25.72 17.34
C PHE A 357 -18.11 -25.70 17.70
N SER A 358 -17.61 -26.80 18.28
CA SER A 358 -16.25 -26.76 18.81
C SER A 358 -15.22 -26.65 17.68
N ASN A 359 -15.55 -27.23 16.53
CA ASN A 359 -14.67 -27.10 15.37
C ASN A 359 -14.71 -25.68 14.80
N LEU A 360 -15.90 -25.03 14.83
CA LEU A 360 -15.98 -23.66 14.35
C LEU A 360 -15.10 -22.77 15.21
N ILE A 361 -15.31 -22.83 16.53
CA ILE A 361 -14.66 -21.86 17.39
C ILE A 361 -13.20 -22.28 17.60
N GLY A 362 -12.96 -23.60 17.56
CA GLY A 362 -11.60 -24.13 17.59
C GLY A 362 -10.74 -23.76 16.37
N GLY A 363 -11.35 -23.27 15.30
CA GLY A 363 -10.58 -22.87 14.13
C GLY A 363 -9.91 -21.48 14.30
N ILE A 364 -10.21 -20.80 15.42
CA ILE A 364 -9.69 -19.44 15.58
C ILE A 364 -8.18 -19.46 15.46
N GLY A 365 -7.66 -18.57 14.65
CA GLY A 365 -6.21 -18.45 14.53
C GLY A 365 -5.75 -17.00 14.73
N TYR A 366 -4.44 -16.84 14.97
CA TYR A 366 -3.77 -15.57 14.94
C TYR A 366 -2.76 -15.57 13.80
N PHE A 367 -2.89 -14.62 12.88
CA PHE A 367 -2.04 -14.60 11.70
C PHE A 367 -1.30 -13.27 11.68
N TYR A 368 -0.05 -13.29 11.22
CA TYR A 368 0.79 -12.11 11.28
C TYR A 368 1.72 -12.14 10.09
N GLY A 369 1.89 -10.97 9.45
CA GLY A 369 2.88 -10.86 8.38
C GLY A 369 2.38 -9.93 7.28
N HIS A 370 3.12 -9.85 6.19
CA HIS A 370 2.77 -9.01 5.05
C HIS A 370 1.68 -9.67 4.20
N SER A 371 0.92 -8.82 3.52
CA SER A 371 -0.10 -9.19 2.54
C SER A 371 0.38 -8.72 1.17
N LEU A 372 -0.06 -9.41 0.11
CA LEU A 372 0.31 -9.09 -1.27
C LEU A 372 -0.86 -8.38 -1.98
N VAL A 373 -0.63 -7.11 -2.37
CA VAL A 373 -1.68 -6.19 -2.81
C VAL A 373 -1.19 -5.40 -4.01
N ASP A 374 -2.01 -5.37 -5.06
CA ASP A 374 -1.75 -4.53 -6.22
C ASP A 374 -2.30 -3.16 -5.89
N ARG A 375 -1.40 -2.17 -5.64
CA ARG A 375 -1.78 -0.81 -5.29
C ARG A 375 -1.61 0.13 -6.51
N SER A 376 -1.63 -0.42 -7.73
CA SER A 376 -1.48 0.42 -8.92
C SER A 376 -2.71 1.31 -9.17
N TYR A 377 -3.87 0.88 -8.66
CA TYR A 377 -5.15 1.43 -9.05
C TYR A 377 -5.18 1.69 -10.58
N ALA A 378 -4.71 0.70 -11.36
CA ALA A 378 -4.70 0.86 -12.79
C ALA A 378 -6.12 1.21 -13.28
N PRO A 379 -6.24 2.10 -14.30
CA PRO A 379 -7.56 2.56 -14.75
C PRO A 379 -8.39 1.44 -15.39
N GLU A 380 -7.72 0.40 -15.92
CA GLU A 380 -8.42 -0.78 -16.42
C GLU A 380 -9.30 -1.40 -15.33
N TYR A 381 -9.01 -1.15 -14.04
CA TYR A 381 -9.78 -1.76 -12.95
C TYR A 381 -11.10 -1.03 -12.68
N ASP A 382 -11.32 0.09 -13.36
CA ASP A 382 -12.61 0.80 -13.24
C ASP A 382 -13.71 0.04 -13.96
N GLU A 383 -13.34 -0.78 -14.95
CA GLU A 383 -14.26 -1.64 -15.68
C GLU A 383 -15.38 -0.78 -16.27
N GLU A 384 -15.03 0.29 -17.01
CA GLU A 384 -16.08 1.20 -17.49
C GLU A 384 -16.50 0.86 -18.91
N ASN A 385 -15.70 0.04 -19.59
CA ASN A 385 -15.95 -0.32 -20.98
C ASN A 385 -16.47 -1.75 -21.11
N GLU A 386 -17.08 -2.02 -22.27
CA GLU A 386 -17.38 -3.37 -22.73
C GLU A 386 -16.07 -4.14 -22.91
N GLY A 387 -16.09 -5.40 -22.48
CA GLY A 387 -14.91 -6.26 -22.59
C GLY A 387 -13.88 -5.93 -21.51
N PHE A 388 -14.33 -5.33 -20.38
CA PHE A 388 -13.42 -4.83 -19.35
C PHE A 388 -12.49 -5.92 -18.83
N TRP A 389 -12.92 -7.20 -18.96
CA TRP A 389 -12.21 -8.29 -18.27
C TRP A 389 -10.86 -8.53 -18.93
N GLU A 390 -10.78 -8.22 -20.23
CA GLU A 390 -9.52 -8.36 -20.96
C GLU A 390 -8.56 -7.24 -20.52
N ASP A 391 -9.10 -6.03 -20.37
CA ASP A 391 -8.32 -4.89 -19.91
C ASP A 391 -7.79 -5.18 -18.49
N ALA A 392 -8.66 -5.65 -17.59
CA ALA A 392 -8.25 -5.91 -16.22
C ALA A 392 -7.17 -7.00 -16.18
N ALA A 393 -7.27 -8.00 -17.08
CA ALA A 393 -6.25 -9.04 -17.23
C ALA A 393 -4.92 -8.41 -17.65
N GLU A 394 -4.99 -7.45 -18.58
CA GLU A 394 -3.80 -6.75 -19.04
C GLU A 394 -3.14 -6.03 -17.87
N ALA A 395 -3.93 -5.35 -17.02
CA ALA A 395 -3.35 -4.64 -15.88
C ALA A 395 -2.67 -5.62 -14.91
N ARG A 396 -3.40 -6.70 -14.53
CA ARG A 396 -2.83 -7.72 -13.63
C ARG A 396 -1.51 -8.24 -14.21
N ALA A 397 -1.41 -8.32 -15.56
CA ALA A 397 -0.18 -8.82 -16.15
C ALA A 397 0.98 -7.82 -16.03
N ARG A 398 0.70 -6.59 -15.57
CA ARG A 398 1.77 -5.64 -15.25
C ARG A 398 2.53 -6.11 -13.99
N HIS A 399 1.87 -6.94 -13.15
CA HIS A 399 2.37 -7.41 -11.87
C HIS A 399 3.03 -6.29 -11.07
N GLN A 400 2.24 -5.26 -10.68
CA GLN A 400 2.73 -4.16 -9.86
C GLN A 400 2.49 -4.48 -8.39
N GLU A 401 1.98 -5.68 -8.10
CA GLU A 401 1.64 -6.00 -6.72
C GLU A 401 2.92 -6.02 -5.89
N ALA A 402 2.81 -5.63 -4.62
CA ALA A 402 3.93 -5.68 -3.68
C ALA A 402 3.44 -6.08 -2.28
N LEU A 403 4.35 -6.63 -1.49
CA LEU A 403 4.11 -6.92 -0.08
C LEU A 403 3.93 -5.62 0.71
N GLU A 404 2.95 -5.63 1.60
CA GLU A 404 2.74 -4.51 2.49
C GLU A 404 2.35 -5.07 3.85
N GLY A 405 2.45 -4.21 4.87
CA GLY A 405 2.15 -4.58 6.26
C GLY A 405 3.35 -4.24 7.13
N PRO A 406 3.73 -5.10 8.12
CA PRO A 406 2.99 -6.32 8.43
C PRO A 406 1.62 -6.03 9.04
N TYR A 407 0.72 -7.02 8.95
CA TYR A 407 -0.61 -6.92 9.54
C TYR A 407 -0.83 -8.11 10.49
N GLU A 408 -1.82 -8.01 11.35
CA GLU A 408 -2.19 -9.18 12.10
C GLU A 408 -3.69 -9.39 11.94
N LEU A 409 -4.15 -10.60 12.25
CA LEU A 409 -5.57 -10.83 12.27
C LEU A 409 -5.85 -11.99 13.20
N PHE A 410 -6.89 -11.77 14.00
CA PHE A 410 -7.43 -12.75 14.92
C PHE A 410 -8.81 -13.13 14.39
N THR A 411 -8.96 -14.36 13.89
CA THR A 411 -10.15 -14.71 13.13
C THR A 411 -10.37 -16.21 13.17
N SER A 412 -11.63 -16.61 13.03
CA SER A 412 -11.93 -17.99 12.71
C SER A 412 -11.81 -18.16 11.18
N ILE A 413 -11.84 -19.40 10.70
CA ILE A 413 -11.46 -19.73 9.32
C ILE A 413 -12.47 -20.75 8.77
N PRO A 414 -12.59 -20.93 7.43
CA PRO A 414 -13.50 -21.94 6.90
C PRO A 414 -12.94 -23.36 6.97
N SER A 415 -11.63 -23.52 6.80
CA SER A 415 -11.10 -24.85 6.48
C SER A 415 -9.65 -25.03 6.93
N ARG A 416 -9.45 -25.84 7.97
CA ARG A 416 -8.10 -26.15 8.43
C ARG A 416 -7.25 -26.78 7.34
N PRO A 417 -7.66 -27.88 6.69
CA PRO A 417 -6.78 -28.56 5.74
C PRO A 417 -6.57 -27.83 4.42
N PHE A 418 -7.56 -26.97 4.01
CA PHE A 418 -7.55 -26.45 2.64
C PHE A 418 -7.39 -24.92 2.52
N PHE A 419 -7.99 -24.14 3.42
CA PHE A 419 -7.77 -22.70 3.33
C PHE A 419 -7.83 -22.08 4.72
N PRO A 420 -6.82 -22.32 5.57
CA PRO A 420 -6.90 -21.92 6.96
C PRO A 420 -6.53 -20.44 7.11
N ARG A 421 -7.46 -19.54 6.75
CA ARG A 421 -7.19 -18.11 6.81
C ARG A 421 -8.51 -17.37 6.71
N GLY A 422 -8.45 -16.06 6.94
CA GLY A 422 -9.62 -15.22 7.09
C GLY A 422 -10.23 -14.94 5.73
N PHE A 423 -11.54 -15.19 5.60
CA PHE A 423 -12.33 -14.78 4.44
C PHE A 423 -13.46 -13.86 4.93
N LEU A 424 -13.65 -12.72 4.25
CA LEU A 424 -14.40 -11.59 4.82
C LEU A 424 -15.90 -11.93 4.99
N TRP A 425 -16.59 -12.43 3.96
CA TRP A 425 -18.01 -12.71 4.18
C TRP A 425 -18.27 -14.00 4.96
N ASP A 426 -17.32 -14.96 4.91
CA ASP A 426 -17.45 -16.17 5.72
C ASP A 426 -17.52 -15.76 7.20
N GLU A 427 -16.67 -14.80 7.59
CA GLU A 427 -16.49 -14.51 9.02
C GLU A 427 -17.78 -13.99 9.62
N GLY A 428 -18.55 -13.26 8.83
CA GLY A 428 -19.86 -12.81 9.27
C GLY A 428 -20.76 -13.97 9.72
N PHE A 429 -20.73 -15.08 8.97
CA PHE A 429 -21.49 -16.26 9.36
C PHE A 429 -20.82 -16.97 10.53
N HIS A 430 -19.49 -17.12 10.48
CA HIS A 430 -18.77 -17.78 11.57
C HIS A 430 -19.14 -17.16 12.92
N LEU A 431 -19.24 -15.81 12.97
CA LEU A 431 -19.34 -15.13 14.26
C LEU A 431 -20.77 -15.17 14.81
N LEU A 432 -21.73 -15.63 14.02
CA LEU A 432 -23.11 -15.65 14.50
C LEU A 432 -23.24 -16.65 15.67
N PRO A 433 -22.77 -17.90 15.56
CA PRO A 433 -22.79 -18.81 16.70
C PRO A 433 -21.75 -18.46 17.76
N ILE A 434 -20.60 -17.94 17.33
CA ILE A 434 -19.52 -17.58 18.23
C ILE A 434 -19.97 -16.44 19.17
N ALA A 435 -20.72 -15.48 18.62
CA ALA A 435 -21.17 -14.31 19.36
C ALA A 435 -22.14 -14.75 20.45
N ASP A 436 -23.00 -15.72 20.14
CA ASP A 436 -23.87 -16.26 21.16
C ASP A 436 -23.04 -16.76 22.32
N TRP A 437 -21.94 -17.45 21.99
CA TRP A 437 -21.14 -18.11 23.00
C TRP A 437 -20.38 -17.09 23.84
N ASP A 438 -19.85 -16.07 23.17
CA ASP A 438 -18.91 -15.13 23.77
C ASP A 438 -18.89 -13.90 22.87
N ILE A 439 -19.78 -12.94 23.21
CA ILE A 439 -19.97 -11.74 22.42
C ILE A 439 -18.67 -10.93 22.41
N ASP A 440 -17.99 -10.89 23.56
CA ASP A 440 -16.75 -10.13 23.65
C ASP A 440 -15.71 -10.73 22.71
N LEU A 441 -15.73 -12.05 22.57
CA LEU A 441 -14.80 -12.70 21.64
C LEU A 441 -15.13 -12.26 20.21
N ALA A 442 -16.41 -12.33 19.83
CA ALA A 442 -16.82 -11.97 18.49
C ALA A 442 -16.44 -10.52 18.18
N LEU A 443 -16.67 -9.61 19.14
CA LEU A 443 -16.42 -8.17 18.94
C LEU A 443 -14.93 -7.92 18.78
N GLU A 444 -14.13 -8.74 19.46
CA GLU A 444 -12.69 -8.72 19.34
C GLU A 444 -12.28 -9.09 17.91
N ILE A 445 -12.98 -10.07 17.32
CA ILE A 445 -12.65 -10.52 15.97
C ILE A 445 -13.11 -9.47 14.96
N ILE A 446 -14.30 -8.92 15.14
CA ILE A 446 -14.78 -7.84 14.27
C ILE A 446 -13.75 -6.70 14.25
N LYS A 447 -13.32 -6.31 15.46
CA LYS A 447 -12.35 -5.23 15.62
C LYS A 447 -11.08 -5.59 14.87
N SER A 448 -10.65 -6.84 15.05
CA SER A 448 -9.43 -7.27 14.36
C SER A 448 -9.60 -7.09 12.85
N TRP A 449 -10.76 -7.46 12.31
CA TRP A 449 -10.97 -7.35 10.87
C TRP A 449 -10.98 -5.89 10.45
N TYR A 450 -11.60 -5.05 11.28
CA TYR A 450 -11.77 -3.67 10.83
C TYR A 450 -10.45 -2.90 10.93
N ASN A 451 -9.48 -3.46 11.67
CA ASN A 451 -8.21 -2.77 11.82
C ASN A 451 -7.38 -2.93 10.55
N LEU A 452 -7.88 -3.74 9.59
CA LEU A 452 -7.19 -3.96 8.33
C LEU A 452 -7.72 -3.00 7.27
N MET A 453 -8.75 -2.19 7.63
CA MET A 453 -9.35 -1.38 6.60
C MET A 453 -8.37 -0.27 6.22
N ASP A 454 -8.17 -0.03 4.92
CA ASP A 454 -7.26 1.03 4.49
C ASP A 454 -8.02 2.35 4.54
N GLU A 455 -7.38 3.45 4.07
CA GLU A 455 -7.91 4.81 4.21
C GLU A 455 -9.20 5.02 3.39
N ASP A 456 -9.35 4.24 2.30
CA ASP A 456 -10.48 4.41 1.36
C ASP A 456 -11.71 3.65 1.83
N GLY A 457 -11.53 2.67 2.72
CA GLY A 457 -12.64 1.85 3.19
C GLY A 457 -12.58 0.38 2.75
N TRP A 458 -11.43 -0.07 2.22
CA TRP A 458 -11.29 -1.43 1.70
C TRP A 458 -10.61 -2.35 2.72
N ILE A 459 -11.20 -3.54 2.91
CA ILE A 459 -10.58 -4.69 3.57
C ILE A 459 -10.50 -5.79 2.53
N ALA A 460 -9.31 -6.38 2.33
CA ALA A 460 -9.14 -7.47 1.39
C ALA A 460 -10.04 -8.64 1.80
N ARG A 461 -10.72 -9.24 0.79
CA ARG A 461 -11.74 -10.24 1.07
C ARG A 461 -11.10 -11.54 1.60
N GLU A 462 -9.77 -11.68 1.43
CA GLU A 462 -9.02 -12.91 1.71
C GLU A 462 -7.68 -12.48 2.30
N GLN A 463 -7.39 -12.94 3.52
CA GLN A 463 -6.32 -12.35 4.30
C GLN A 463 -5.21 -13.40 4.42
N ILE A 464 -4.20 -13.29 3.57
CA ILE A 464 -3.05 -14.17 3.51
C ILE A 464 -1.85 -13.43 4.11
N LEU A 465 -1.59 -13.65 5.40
CA LEU A 465 -0.70 -12.81 6.20
C LEU A 465 0.56 -13.61 6.56
N GLY A 466 1.70 -13.26 5.92
CA GLY A 466 2.99 -13.86 6.22
C GLY A 466 3.33 -15.07 5.34
N ALA A 467 4.61 -15.39 5.34
CA ALA A 467 5.16 -16.45 4.51
C ALA A 467 4.50 -17.80 4.85
N GLU A 468 4.18 -18.03 6.12
CA GLU A 468 3.62 -19.30 6.53
C GLU A 468 2.25 -19.47 5.87
N ALA A 469 1.42 -18.42 5.90
CA ALA A 469 0.09 -18.45 5.27
C ALA A 469 0.19 -18.57 3.75
N ARG A 470 1.17 -17.89 3.14
CA ARG A 470 1.43 -17.94 1.72
C ARG A 470 1.83 -19.34 1.24
N SER A 471 2.42 -20.17 2.12
CA SER A 471 3.00 -21.45 1.72
C SER A 471 1.91 -22.36 1.15
N LYS A 472 0.67 -22.10 1.57
CA LYS A 472 -0.52 -22.91 1.30
C LYS A 472 -1.29 -22.34 0.10
N VAL A 473 -0.69 -21.42 -0.69
CA VAL A 473 -1.46 -20.65 -1.67
C VAL A 473 -0.64 -20.43 -2.93
N PRO A 474 -1.10 -20.90 -4.11
CA PRO A 474 -0.33 -20.69 -5.33
C PRO A 474 -0.20 -19.18 -5.52
N LYS A 475 0.94 -18.75 -6.07
CA LYS A 475 1.33 -17.34 -6.11
C LYS A 475 0.33 -16.53 -6.95
N GLU A 476 -0.18 -17.18 -8.01
CA GLU A 476 -1.17 -16.61 -8.93
C GLU A 476 -2.48 -16.26 -8.18
N PHE A 477 -2.62 -16.69 -6.92
CA PHE A 477 -3.89 -16.51 -6.23
C PHE A 477 -3.66 -15.73 -4.94
N GLN A 478 -2.48 -15.13 -4.80
CA GLN A 478 -2.20 -14.45 -3.52
C GLN A 478 -2.63 -12.98 -3.59
N THR A 479 -2.57 -12.39 -4.79
CA THR A 479 -2.72 -10.93 -4.91
C THR A 479 -4.13 -10.47 -4.54
N GLN A 480 -4.23 -9.47 -3.66
CA GLN A 480 -5.49 -8.85 -3.37
C GLN A 480 -5.65 -7.53 -4.15
N TYR A 481 -6.90 -7.14 -4.42
CA TYR A 481 -7.19 -6.03 -5.31
C TYR A 481 -8.11 -5.05 -4.59
N PRO A 482 -7.71 -3.77 -4.48
CA PRO A 482 -8.46 -2.79 -3.70
C PRO A 482 -9.85 -2.44 -4.25
N HIS A 483 -10.16 -2.89 -5.48
CA HIS A 483 -11.50 -2.71 -6.00
C HIS A 483 -12.40 -3.95 -5.80
N TYR A 484 -11.87 -5.02 -5.15
CA TYR A 484 -12.68 -6.22 -4.97
C TYR A 484 -13.34 -6.20 -3.59
N ALA A 485 -14.67 -6.23 -3.56
CA ALA A 485 -15.45 -6.27 -2.35
C ALA A 485 -15.76 -7.75 -2.03
N ASN A 486 -16.57 -7.96 -0.98
CA ASN A 486 -17.16 -9.24 -0.59
C ASN A 486 -18.38 -8.83 0.25
N PRO A 487 -19.40 -9.68 0.42
CA PRO A 487 -20.58 -9.29 1.21
C PRO A 487 -20.26 -8.80 2.62
N PRO A 488 -20.87 -7.69 3.09
CA PRO A 488 -20.61 -7.17 4.44
C PRO A 488 -21.40 -7.90 5.52
N THR A 489 -21.17 -9.23 5.63
CA THR A 489 -21.92 -10.05 6.58
C THR A 489 -21.52 -9.78 8.03
N LEU A 490 -20.39 -9.12 8.25
CA LEU A 490 -20.06 -8.79 9.64
C LEU A 490 -21.07 -7.79 10.24
N PHE A 491 -21.82 -7.06 9.40
CA PHE A 491 -22.89 -6.22 9.91
C PHE A 491 -23.99 -7.06 10.58
N LEU A 492 -24.23 -8.29 10.10
CA LEU A 492 -25.27 -9.14 10.69
C LEU A 492 -24.92 -9.44 12.15
N VAL A 493 -23.63 -9.64 12.41
CA VAL A 493 -23.17 -9.89 13.78
C VAL A 493 -23.43 -8.64 14.63
N LEU A 494 -23.06 -7.47 14.07
CA LEU A 494 -23.24 -6.20 14.76
C LEU A 494 -24.71 -5.98 15.09
N ASP A 495 -25.60 -6.28 14.13
CA ASP A 495 -27.05 -6.25 14.32
C ASP A 495 -27.48 -7.07 15.53
N ASN A 496 -26.86 -8.25 15.71
CA ASN A 496 -27.28 -9.13 16.79
C ASN A 496 -26.86 -8.54 18.14
N PHE A 497 -25.69 -7.90 18.15
CA PHE A 497 -25.14 -7.31 19.34
C PHE A 497 -25.97 -6.08 19.73
N VAL A 498 -26.44 -5.33 18.72
CA VAL A 498 -27.24 -4.14 18.94
C VAL A 498 -28.53 -4.55 19.64
N GLU A 499 -29.19 -5.61 19.13
CA GLU A 499 -30.43 -6.10 19.71
C GLU A 499 -30.20 -6.54 21.16
N ARG A 500 -29.05 -7.18 21.44
CA ARG A 500 -28.77 -7.66 22.78
C ARG A 500 -28.53 -6.47 23.70
N LEU A 501 -27.88 -5.42 23.17
CA LEU A 501 -27.56 -4.23 23.93
C LEU A 501 -28.83 -3.46 24.28
N ARG A 502 -29.79 -3.40 23.34
CA ARG A 502 -31.05 -2.74 23.56
C ARG A 502 -31.86 -3.49 24.64
N LYS A 503 -31.93 -4.82 24.54
CA LYS A 503 -32.72 -5.65 25.45
C LYS A 503 -31.82 -6.23 26.57
N LEU A 517 -14.98 -15.57 36.23
CA LEU A 517 -14.14 -14.45 35.72
C LEU A 517 -14.14 -14.46 34.18
N ASP A 518 -14.04 -15.68 33.61
CA ASP A 518 -14.17 -15.87 32.17
C ASP A 518 -15.65 -15.82 31.81
N GLU A 519 -16.52 -16.17 32.78
CA GLU A 519 -17.95 -16.02 32.66
C GLU A 519 -18.30 -14.53 32.45
N THR A 520 -17.87 -13.68 33.41
CA THR A 520 -18.09 -12.24 33.38
C THR A 520 -17.56 -11.64 32.09
N LEU A 521 -16.37 -12.10 31.68
CA LEU A 521 -15.59 -11.50 30.61
C LEU A 521 -16.33 -11.65 29.27
N SER A 522 -16.94 -12.83 29.06
CA SER A 522 -17.55 -13.13 27.78
C SER A 522 -18.70 -12.19 27.46
N THR A 523 -19.39 -11.63 28.48
CA THR A 523 -20.54 -10.77 28.20
C THR A 523 -20.36 -9.34 28.73
N ALA A 524 -19.12 -8.92 29.03
CA ALA A 524 -18.90 -7.58 29.58
C ALA A 524 -19.42 -6.50 28.64
N SER A 525 -19.38 -6.76 27.33
CA SER A 525 -19.69 -5.72 26.37
C SER A 525 -21.20 -5.52 26.24
N VAL A 526 -22.01 -6.46 26.73
CA VAL A 526 -23.45 -6.27 26.72
C VAL A 526 -23.93 -5.83 28.11
N ASP A 527 -23.27 -6.33 29.16
CA ASP A 527 -23.72 -6.17 30.54
C ASP A 527 -23.38 -4.79 31.10
N ASN A 528 -22.37 -4.13 30.52
CA ASN A 528 -22.01 -2.75 30.82
C ASN A 528 -22.33 -1.89 29.59
N PRO A 529 -23.52 -1.27 29.50
CA PRO A 529 -23.98 -0.69 28.23
C PRO A 529 -23.02 0.41 27.80
N GLU A 530 -22.31 0.99 28.77
CA GLU A 530 -21.30 2.01 28.53
C GLU A 530 -20.18 1.43 27.66
N VAL A 531 -19.72 0.24 28.03
CA VAL A 531 -18.65 -0.44 27.31
C VAL A 531 -19.09 -0.69 25.85
N GLY A 532 -20.26 -1.31 25.68
CA GLY A 532 -20.81 -1.60 24.37
C GLY A 532 -20.81 -0.39 23.44
N LEU A 533 -21.26 0.76 23.98
CA LEU A 533 -21.53 1.93 23.16
C LEU A 533 -20.21 2.52 22.69
N GLU A 534 -19.25 2.59 23.60
CA GLU A 534 -17.90 3.01 23.28
C GLU A 534 -17.33 2.14 22.15
N TYR A 535 -17.56 0.81 22.22
CA TYR A 535 -17.12 -0.07 21.14
C TYR A 535 -17.75 0.41 19.82
N LEU A 536 -19.06 0.62 19.83
CA LEU A 536 -19.75 1.03 18.62
C LEU A 536 -19.24 2.40 18.16
N ARG A 537 -19.03 3.30 19.13
CA ARG A 537 -18.61 4.68 18.84
C ARG A 537 -17.29 4.65 18.07
N ARG A 538 -16.36 3.79 18.51
CA ARG A 538 -15.03 3.71 17.90
C ARG A 538 -15.10 2.96 16.57
N LEU A 539 -16.03 2.01 16.43
CA LEU A 539 -16.12 1.17 15.22
C LEU A 539 -16.88 1.93 14.14
N TYR A 540 -17.90 2.68 14.58
CA TYR A 540 -18.87 3.33 13.72
C TYR A 540 -18.24 4.05 12.53
N PRO A 541 -17.24 4.94 12.70
CA PRO A 541 -16.64 5.62 11.56
C PRO A 541 -16.06 4.66 10.51
N LEU A 542 -15.61 3.49 10.95
CA LEU A 542 -15.08 2.52 9.99
C LEU A 542 -16.24 1.91 9.20
N LEU A 543 -17.35 1.63 9.89
CA LEU A 543 -18.52 1.10 9.19
C LEU A 543 -18.98 2.12 8.15
N ARG A 544 -19.08 3.38 8.60
CA ARG A 544 -19.48 4.48 7.73
C ARG A 544 -18.53 4.53 6.54
N ARG A 545 -17.21 4.40 6.81
CA ARG A 545 -16.23 4.46 5.74
C ARG A 545 -16.44 3.32 4.72
N GLN A 546 -16.80 2.10 5.21
CA GLN A 546 -16.93 0.95 4.31
C GLN A 546 -18.20 1.13 3.46
N PHE A 547 -19.24 1.67 4.09
CA PHE A 547 -20.46 2.01 3.40
C PHE A 547 -20.15 2.92 2.21
N ASP A 548 -19.40 4.01 2.48
CA ASP A 548 -19.10 5.00 1.47
C ASP A 548 -18.25 4.37 0.38
N TRP A 549 -17.34 3.48 0.80
CA TRP A 549 -16.46 2.80 -0.14
C TRP A 549 -17.27 1.96 -1.15
N PHE A 550 -18.28 1.21 -0.67
CA PHE A 550 -19.12 0.38 -1.55
C PHE A 550 -19.79 1.26 -2.61
N ARG A 551 -20.36 2.40 -2.16
CA ARG A 551 -21.11 3.31 -3.04
C ARG A 551 -20.18 4.03 -4.02
N LYS A 552 -18.93 4.23 -3.64
CA LYS A 552 -17.97 4.84 -4.55
C LYS A 552 -17.40 3.79 -5.51
N THR A 553 -17.01 2.61 -5.02
CA THR A 553 -16.25 1.72 -5.89
C THR A 553 -17.16 0.71 -6.58
N GLN A 554 -18.32 0.40 -5.97
CA GLN A 554 -19.17 -0.68 -6.51
C GLN A 554 -20.48 -0.10 -7.08
N ALA A 555 -20.45 1.18 -7.57
CA ALA A 555 -21.59 1.87 -8.14
C ALA A 555 -21.96 1.26 -9.49
N GLY A 556 -23.27 1.09 -9.69
CA GLY A 556 -23.79 0.75 -11.00
C GLY A 556 -24.29 2.02 -11.68
N ASP A 557 -24.61 1.90 -12.97
CA ASP A 557 -24.83 3.01 -13.87
C ASP A 557 -26.33 3.11 -14.20
N ILE A 558 -27.02 4.07 -13.58
CA ILE A 558 -28.38 4.43 -13.94
C ILE A 558 -28.40 5.44 -15.11
N LYS A 559 -27.50 6.45 -15.08
CA LYS A 559 -27.70 7.68 -15.85
C LYS A 559 -27.36 7.54 -17.33
N SER A 560 -26.43 6.66 -17.69
CA SER A 560 -25.95 6.63 -19.06
C SER A 560 -26.93 5.94 -20.00
N TYR A 561 -28.00 5.37 -19.45
CA TYR A 561 -28.82 4.46 -20.22
C TYR A 561 -30.29 4.91 -20.17
N ASP A 562 -31.16 4.24 -20.95
CA ASP A 562 -32.60 4.48 -20.85
C ASP A 562 -33.16 3.77 -19.60
N ARG A 563 -32.84 4.28 -18.40
CA ARG A 563 -33.20 3.63 -17.14
C ARG A 563 -34.03 4.59 -16.32
N GLU A 564 -35.16 4.09 -15.81
CA GLU A 564 -36.09 4.89 -15.03
C GLU A 564 -36.26 4.25 -13.66
N ALA A 565 -36.21 5.05 -12.60
CA ALA A 565 -36.24 4.53 -11.25
C ALA A 565 -36.46 5.68 -10.27
N TYR A 566 -37.04 5.36 -9.11
CA TYR A 566 -37.39 6.32 -8.08
C TYR A 566 -36.17 7.15 -7.64
N SER A 567 -34.99 6.52 -7.59
CA SER A 567 -33.78 7.24 -7.21
C SER A 567 -32.76 7.17 -8.34
N THR A 568 -32.01 8.27 -8.54
CA THR A 568 -30.99 8.30 -9.58
C THR A 568 -29.68 7.67 -9.08
N LYS A 569 -29.58 7.46 -7.76
CA LYS A 569 -28.32 7.15 -7.10
C LYS A 569 -28.15 5.64 -6.88
N GLU A 570 -29.23 4.93 -6.46
CA GLU A 570 -29.09 3.59 -5.88
C GLU A 570 -29.08 2.51 -6.97
N ALA A 571 -27.87 1.99 -7.26
CA ALA A 571 -27.66 0.93 -8.24
C ALA A 571 -26.22 0.44 -8.09
N TYR A 572 -26.02 -0.89 -8.14
CA TYR A 572 -24.74 -1.50 -7.77
C TYR A 572 -24.33 -2.60 -8.73
N ARG A 573 -23.02 -2.76 -8.86
CA ARG A 573 -22.45 -3.76 -9.72
C ARG A 573 -21.13 -4.20 -9.10
N TRP A 574 -21.02 -5.50 -8.73
CA TRP A 574 -19.77 -6.07 -8.21
C TRP A 574 -18.69 -5.85 -9.24
N ARG A 575 -17.55 -5.29 -8.82
CA ARG A 575 -16.36 -5.31 -9.68
C ARG A 575 -15.68 -6.68 -9.61
N GLY A 576 -14.95 -7.03 -10.69
CA GLY A 576 -14.06 -8.18 -10.70
C GLY A 576 -14.67 -9.40 -11.39
N ARG A 577 -15.75 -9.18 -12.13
CA ARG A 577 -16.37 -10.32 -12.77
C ARG A 577 -15.60 -10.73 -14.02
N THR A 578 -15.59 -12.03 -14.28
CA THR A 578 -15.04 -12.58 -15.51
C THR A 578 -16.18 -13.27 -16.27
N VAL A 579 -15.88 -13.84 -17.44
CA VAL A 579 -16.94 -14.35 -18.29
C VAL A 579 -17.78 -15.38 -17.51
N SER A 580 -17.13 -16.19 -16.67
CA SER A 580 -17.87 -17.29 -16.07
C SER A 580 -18.02 -17.16 -14.56
N HIS A 581 -17.47 -16.09 -13.94
CA HIS A 581 -17.43 -16.01 -12.49
C HIS A 581 -17.78 -14.61 -11.97
N CYS A 582 -18.16 -14.55 -10.69
CA CYS A 582 -18.18 -13.33 -9.91
C CYS A 582 -17.72 -13.61 -8.48
N LEU A 583 -16.40 -13.66 -8.27
CA LEU A 583 -15.84 -14.22 -7.04
C LEU A 583 -16.14 -13.29 -5.86
N THR A 584 -16.24 -11.97 -6.14
CA THR A 584 -16.39 -10.97 -5.09
C THR A 584 -17.76 -11.09 -4.45
N SER A 585 -18.75 -11.58 -5.20
CA SER A 585 -20.09 -11.66 -4.63
C SER A 585 -20.15 -12.82 -3.62
N GLY A 586 -19.16 -13.71 -3.66
CA GLY A 586 -19.26 -14.87 -2.76
C GLY A 586 -19.90 -16.09 -3.46
N LEU A 587 -20.67 -15.84 -4.53
CA LEU A 587 -21.35 -16.94 -5.22
C LEU A 587 -20.67 -17.19 -6.58
N ASP A 588 -19.51 -17.86 -6.50
CA ASP A 588 -18.49 -17.90 -7.55
C ASP A 588 -19.09 -17.95 -8.95
N ASP A 589 -19.91 -18.98 -9.24
CA ASP A 589 -20.25 -19.28 -10.62
C ASP A 589 -21.75 -19.27 -10.79
N TYR A 590 -22.46 -18.61 -9.85
CA TYR A 590 -23.88 -18.40 -10.06
C TYR A 590 -24.05 -17.65 -11.37
N PRO A 591 -25.03 -18.04 -12.23
CA PRO A 591 -25.17 -17.44 -13.56
C PRO A 591 -25.52 -15.96 -13.47
N ARG A 592 -24.82 -15.17 -14.28
CA ARG A 592 -24.96 -13.73 -14.28
C ARG A 592 -25.19 -13.32 -15.74
N PRO A 593 -25.56 -12.04 -16.03
CA PRO A 593 -25.74 -11.61 -17.42
C PRO A 593 -24.53 -11.95 -18.27
N GLN A 594 -24.78 -12.42 -19.50
CA GLN A 594 -23.76 -12.73 -20.47
C GLN A 594 -23.98 -11.84 -21.70
N PRO A 595 -22.95 -11.12 -22.19
CA PRO A 595 -21.63 -11.10 -21.55
C PRO A 595 -21.59 -10.16 -20.33
N PRO A 596 -20.54 -10.20 -19.49
CA PRO A 596 -20.45 -9.26 -18.38
C PRO A 596 -20.40 -7.87 -19.04
N HIS A 597 -20.84 -6.82 -18.32
CA HIS A 597 -21.08 -5.55 -18.99
C HIS A 597 -21.05 -4.42 -17.96
N PRO A 598 -20.48 -3.23 -18.27
CA PRO A 598 -20.43 -2.13 -17.29
C PRO A 598 -21.81 -1.63 -16.89
N GLY A 599 -22.84 -2.05 -17.65
CA GLY A 599 -24.21 -1.66 -17.36
C GLY A 599 -24.96 -2.67 -16.47
N GLU A 600 -24.30 -3.80 -16.09
CA GLU A 600 -24.91 -4.78 -15.20
C GLU A 600 -25.27 -4.11 -13.89
N LEU A 601 -26.35 -4.59 -13.24
CA LEU A 601 -26.72 -4.28 -11.87
C LEU A 601 -27.00 -5.61 -11.14
N HIS A 602 -26.52 -5.73 -9.90
CA HIS A 602 -26.61 -7.01 -9.17
C HIS A 602 -27.49 -6.83 -7.96
N VAL A 603 -28.55 -7.63 -7.87
CA VAL A 603 -29.59 -7.35 -6.89
C VAL A 603 -29.11 -7.79 -5.49
N ASP A 604 -28.23 -8.80 -5.45
CA ASP A 604 -27.64 -9.18 -4.18
C ASP A 604 -26.80 -8.05 -3.60
N LEU A 605 -25.97 -7.42 -4.44
CA LEU A 605 -25.14 -6.30 -3.96
C LEU A 605 -26.03 -5.17 -3.41
N MET A 606 -27.10 -4.81 -4.12
CA MET A 606 -27.96 -3.75 -3.61
C MET A 606 -28.55 -4.14 -2.24
N SER A 607 -28.95 -5.40 -2.13
CA SER A 607 -29.51 -5.91 -0.88
C SER A 607 -28.50 -5.79 0.25
N TRP A 608 -27.23 -6.08 -0.05
CA TRP A 608 -26.20 -5.98 1.00
C TRP A 608 -26.05 -4.52 1.48
N VAL A 609 -26.16 -3.56 0.54
CA VAL A 609 -26.06 -2.15 0.90
C VAL A 609 -27.25 -1.79 1.77
N GLY A 610 -28.40 -2.42 1.47
CA GLY A 610 -29.59 -2.31 2.30
C GLY A 610 -29.33 -2.79 3.72
N VAL A 611 -28.62 -3.91 3.83
CA VAL A 611 -28.25 -4.43 5.14
C VAL A 611 -27.43 -3.38 5.88
N MET A 612 -26.40 -2.82 5.22
CA MET A 612 -25.43 -1.94 5.89
C MET A 612 -26.14 -0.67 6.37
N VAL A 613 -27.02 -0.14 5.53
CA VAL A 613 -27.66 1.13 5.85
C VAL A 613 -28.62 0.94 7.03
N LYS A 614 -29.26 -0.23 7.11
CA LYS A 614 -30.13 -0.50 8.24
C LYS A 614 -29.33 -0.58 9.53
N SER A 615 -28.13 -1.15 9.45
CA SER A 615 -27.25 -1.27 10.61
C SER A 615 -26.82 0.13 11.03
N LEU A 616 -26.47 0.95 10.03
CA LEU A 616 -25.94 2.27 10.28
C LEU A 616 -27.02 3.15 10.90
N ILE A 617 -28.29 2.91 10.55
CA ILE A 617 -29.44 3.56 11.19
C ILE A 617 -29.47 3.22 12.68
N SER A 618 -29.43 1.92 13.03
CA SER A 618 -29.50 1.51 14.42
C SER A 618 -28.31 2.05 15.19
N ILE A 619 -27.13 2.06 14.55
CA ILE A 619 -25.92 2.37 15.30
C ILE A 619 -25.78 3.89 15.45
N GLY A 620 -25.92 4.61 14.32
CA GLY A 620 -26.03 6.06 14.30
C GLY A 620 -27.04 6.59 15.33
N SER A 621 -28.19 5.92 15.44
CA SER A 621 -29.25 6.32 16.35
C SER A 621 -28.82 6.14 17.80
N LEU A 622 -27.96 5.15 18.04
CA LEU A 622 -27.53 4.87 19.41
C LEU A 622 -26.50 5.90 19.82
N LEU A 623 -25.80 6.44 18.81
CA LEU A 623 -24.70 7.35 19.04
C LEU A 623 -25.18 8.79 18.88
N GLY A 624 -26.48 8.94 18.55
CA GLY A 624 -27.10 10.23 18.26
C GLY A 624 -26.44 10.98 17.10
N ALA A 625 -26.15 10.27 16.00
CA ALA A 625 -25.62 10.93 14.81
C ALA A 625 -26.78 11.31 13.87
N THR A 626 -27.59 12.27 14.34
CA THR A 626 -28.81 12.70 13.68
C THR A 626 -28.57 13.03 12.20
N GLU A 627 -27.49 13.79 11.89
CA GLU A 627 -27.21 14.19 10.52
C GLU A 627 -27.00 12.93 9.65
N ASP A 628 -26.33 11.93 10.24
CA ASP A 628 -25.99 10.67 9.56
C ASP A 628 -27.27 9.85 9.34
N VAL A 629 -28.06 9.69 10.40
CA VAL A 629 -29.27 8.89 10.37
C VAL A 629 -30.29 9.41 9.34
N GLU A 630 -30.33 10.74 9.14
CA GLU A 630 -31.24 11.30 8.15
C GLU A 630 -30.80 10.92 6.74
N PHE A 631 -29.48 10.93 6.50
CA PHE A 631 -28.96 10.54 5.20
C PHE A 631 -29.23 9.05 4.95
N TYR A 632 -28.89 8.21 5.93
CA TYR A 632 -29.12 6.78 5.81
C TYR A 632 -30.60 6.50 5.50
N THR A 633 -31.50 7.27 6.13
CA THR A 633 -32.93 6.98 6.07
C THR A 633 -33.45 7.18 4.63
N LYS A 634 -32.91 8.19 3.94
CA LYS A 634 -33.31 8.49 2.56
C LYS A 634 -32.67 7.46 1.61
N VAL A 635 -31.47 7.00 1.96
CA VAL A 635 -30.84 5.94 1.19
C VAL A 635 -31.69 4.66 1.25
N LEU A 636 -32.20 4.32 2.44
CA LEU A 636 -32.93 3.07 2.59
C LEU A 636 -34.22 3.15 1.76
N ASP A 637 -34.97 4.23 1.98
CA ASP A 637 -36.17 4.51 1.20
C ASP A 637 -35.87 4.33 -0.29
N ALA A 638 -34.76 4.91 -0.76
CA ALA A 638 -34.44 4.85 -2.17
C ALA A 638 -34.12 3.40 -2.62
N ILE A 639 -33.41 2.64 -1.78
CA ILE A 639 -33.08 1.28 -2.16
C ILE A 639 -34.36 0.46 -2.19
N GLU A 640 -35.25 0.70 -1.22
CA GLU A 640 -36.54 0.01 -1.23
C GLU A 640 -37.24 0.17 -2.58
N HIS A 641 -37.21 1.40 -3.13
CA HIS A 641 -37.92 1.67 -4.37
C HIS A 641 -37.18 1.07 -5.54
N ASN A 642 -35.84 1.20 -5.53
CA ASN A 642 -35.04 0.86 -6.71
C ASN A 642 -34.93 -0.66 -6.84
N LEU A 643 -35.00 -1.36 -5.71
CA LEU A 643 -35.05 -2.83 -5.75
C LEU A 643 -36.20 -3.26 -6.69
N ASP A 644 -37.38 -2.65 -6.49
CA ASP A 644 -38.53 -2.92 -7.35
C ASP A 644 -38.28 -2.43 -8.77
N ASP A 645 -37.85 -1.16 -8.92
CA ASP A 645 -37.80 -0.49 -10.22
C ASP A 645 -36.76 -1.14 -11.12
N LEU A 646 -35.63 -1.57 -10.54
CA LEU A 646 -34.54 -2.04 -11.38
C LEU A 646 -34.44 -3.57 -11.39
N HIS A 647 -35.01 -4.23 -10.37
CA HIS A 647 -34.69 -5.64 -10.18
C HIS A 647 -35.91 -6.57 -10.17
N TRP A 648 -37.12 -6.05 -9.93
CA TRP A 648 -38.30 -6.93 -9.86
C TRP A 648 -38.79 -7.34 -11.24
N SER A 649 -38.94 -8.66 -11.44
CA SER A 649 -39.60 -9.19 -12.63
C SER A 649 -40.99 -9.70 -12.28
N GLU A 650 -42.03 -8.95 -12.69
CA GLU A 650 -43.42 -9.37 -12.51
C GLU A 650 -43.68 -10.65 -13.30
N LYS A 651 -43.10 -10.76 -14.51
CA LYS A 651 -43.29 -11.92 -15.38
C LYS A 651 -42.77 -13.19 -14.70
N GLU A 652 -41.63 -13.09 -13.97
CA GLU A 652 -41.03 -14.29 -13.42
C GLU A 652 -41.47 -14.52 -11.97
N GLY A 653 -42.01 -13.47 -11.32
CA GLY A 653 -42.31 -13.50 -9.91
C GLY A 653 -41.07 -13.57 -8.99
N CYS A 654 -39.97 -12.91 -9.38
N CYS A 654 -39.97 -12.91 -9.38
CA CYS A 654 -38.81 -12.84 -8.51
CA CYS A 654 -38.79 -12.86 -8.53
C CYS A 654 -37.94 -11.65 -8.88
C CYS A 654 -37.93 -11.66 -8.90
N TYR A 655 -36.88 -11.43 -8.09
CA TYR A 655 -35.86 -10.44 -8.37
C TYR A 655 -34.80 -11.01 -9.31
N CYS A 656 -34.19 -10.11 -10.10
CA CYS A 656 -33.26 -10.49 -11.13
C CYS A 656 -32.15 -9.45 -11.16
N ASP A 657 -30.93 -9.87 -11.49
CA ASP A 657 -29.90 -8.96 -11.93
C ASP A 657 -30.34 -8.33 -13.26
N ALA A 658 -29.74 -7.18 -13.59
CA ALA A 658 -30.07 -6.43 -14.81
C ALA A 658 -28.80 -6.24 -15.62
N THR A 659 -28.98 -6.08 -16.93
CA THR A 659 -27.87 -5.71 -17.79
C THR A 659 -28.35 -4.64 -18.77
N ILE A 660 -27.54 -4.38 -19.79
CA ILE A 660 -27.93 -3.49 -20.86
C ILE A 660 -27.75 -4.28 -22.14
N ASP A 661 -28.84 -4.33 -22.93
CA ASP A 661 -29.08 -4.98 -24.23
C ASP A 661 -27.98 -4.71 -25.24
N GLU A 662 -28.06 -5.45 -26.37
CA GLU A 662 -27.39 -5.13 -27.62
C GLU A 662 -27.89 -3.77 -28.15
N PHE A 663 -29.10 -3.37 -27.75
CA PHE A 663 -29.71 -2.14 -28.25
C PHE A 663 -29.77 -1.10 -27.12
N GLU A 664 -28.88 -1.26 -26.14
CA GLU A 664 -28.64 -0.25 -25.11
C GLU A 664 -29.85 -0.08 -24.19
N GLU A 665 -30.69 -1.12 -24.05
CA GLU A 665 -31.83 -1.05 -23.14
C GLU A 665 -31.61 -1.96 -21.92
N HIS A 666 -32.19 -1.52 -20.79
CA HIS A 666 -32.29 -2.30 -19.57
C HIS A 666 -33.03 -3.61 -19.85
N LYS A 667 -32.37 -4.74 -19.55
CA LYS A 667 -33.01 -6.05 -19.58
C LYS A 667 -32.76 -6.71 -18.24
N LEU A 668 -33.79 -7.38 -17.73
CA LEU A 668 -33.64 -8.26 -16.59
C LEU A 668 -33.09 -9.59 -17.08
N VAL A 669 -32.23 -10.19 -16.27
CA VAL A 669 -31.72 -11.51 -16.60
C VAL A 669 -32.00 -12.42 -15.41
N CYS A 670 -33.00 -13.29 -15.58
CA CYS A 670 -33.53 -14.05 -14.45
C CYS A 670 -32.95 -15.45 -14.43
N HIS A 671 -32.39 -15.79 -13.29
CA HIS A 671 -31.88 -17.13 -13.05
C HIS A 671 -32.32 -17.49 -11.65
N LYS A 672 -33.37 -18.30 -11.59
CA LYS A 672 -34.08 -18.53 -10.33
C LYS A 672 -33.19 -19.36 -9.42
N GLY A 673 -32.94 -18.81 -8.23
CA GLY A 673 -32.05 -19.41 -7.26
C GLY A 673 -31.78 -18.41 -6.15
N TYR A 674 -30.69 -18.60 -5.41
CA TYR A 674 -30.43 -17.81 -4.23
C TYR A 674 -30.50 -16.31 -4.55
N ILE A 675 -29.89 -15.89 -5.68
CA ILE A 675 -29.79 -14.48 -6.02
C ILE A 675 -31.20 -13.88 -6.08
N SER A 676 -32.15 -14.67 -6.61
CA SER A 676 -33.52 -14.23 -6.84
C SER A 676 -34.20 -13.84 -5.53
N LEU A 677 -33.72 -14.41 -4.41
CA LEU A 677 -34.40 -14.29 -3.13
C LEU A 677 -33.82 -13.16 -2.31
N PHE A 678 -32.78 -12.48 -2.85
CA PHE A 678 -31.87 -11.74 -1.98
C PHE A 678 -32.55 -10.72 -1.08
N PRO A 679 -33.49 -9.86 -1.57
CA PRO A 679 -34.12 -8.87 -0.68
C PRO A 679 -34.84 -9.51 0.49
N PHE A 680 -35.44 -10.69 0.24
CA PHE A 680 -36.01 -11.51 1.31
C PHE A 680 -34.92 -12.00 2.27
N LEU A 681 -33.83 -12.59 1.72
CA LEU A 681 -32.81 -13.21 2.57
C LEU A 681 -32.21 -12.17 3.52
N THR A 682 -32.11 -10.91 3.06
CA THR A 682 -31.38 -9.89 3.81
C THR A 682 -32.30 -8.99 4.63
N GLY A 683 -33.59 -9.35 4.70
CA GLY A 683 -34.49 -8.77 5.69
C GLY A 683 -35.14 -7.45 5.24
N LEU A 684 -35.21 -7.23 3.93
CA LEU A 684 -35.47 -5.91 3.37
C LEU A 684 -36.97 -5.73 3.03
N LEU A 685 -37.74 -6.83 2.96
CA LEU A 685 -39.12 -6.80 2.49
C LEU A 685 -40.09 -6.71 3.67
N LYS A 686 -41.23 -6.05 3.46
CA LYS A 686 -42.29 -5.97 4.48
C LYS A 686 -43.00 -7.33 4.60
N PRO A 687 -43.52 -7.70 5.80
CA PRO A 687 -44.09 -9.04 6.00
C PRO A 687 -45.44 -9.29 5.32
N ASP A 688 -45.98 -8.26 4.65
CA ASP A 688 -47.23 -8.34 3.95
C ASP A 688 -47.01 -8.00 2.48
N SER A 689 -45.75 -7.72 2.13
CA SER A 689 -45.41 -7.46 0.74
C SER A 689 -45.96 -8.58 -0.12
N PRO A 690 -46.68 -8.30 -1.24
CA PRO A 690 -47.08 -9.34 -2.19
C PRO A 690 -45.87 -9.95 -2.88
N LYS A 691 -44.78 -9.20 -2.94
CA LYS A 691 -43.58 -9.69 -3.60
C LYS A 691 -42.96 -10.79 -2.74
N LEU A 692 -42.84 -10.53 -1.43
CA LEU A 692 -42.41 -11.55 -0.48
C LEU A 692 -43.24 -12.83 -0.66
N GLY A 693 -44.57 -12.67 -0.88
CA GLY A 693 -45.46 -13.81 -1.04
C GLY A 693 -45.11 -14.67 -2.26
N LYS A 694 -44.72 -14.03 -3.37
CA LYS A 694 -44.32 -14.78 -4.55
C LYS A 694 -42.98 -15.47 -4.29
N LEU A 695 -42.12 -14.82 -3.49
CA LEU A 695 -40.81 -15.34 -3.17
C LEU A 695 -40.98 -16.61 -2.31
N LEU A 696 -42.00 -16.62 -1.42
CA LEU A 696 -42.28 -17.80 -0.60
C LEU A 696 -42.75 -18.97 -1.47
N ALA A 697 -43.50 -18.66 -2.53
CA ALA A 697 -43.96 -19.66 -3.48
C ALA A 697 -42.76 -20.29 -4.20
N LEU A 698 -41.82 -19.46 -4.66
CA LEU A 698 -40.61 -19.95 -5.31
C LEU A 698 -39.81 -20.83 -4.34
N ILE A 699 -39.65 -20.36 -3.10
CA ILE A 699 -38.86 -21.08 -2.09
C ILE A 699 -39.41 -22.49 -1.86
N GLY A 700 -40.76 -22.61 -1.72
CA GLY A 700 -41.41 -23.87 -1.38
C GLY A 700 -41.67 -24.80 -2.56
N ASP A 701 -41.32 -24.33 -3.77
CA ASP A 701 -41.62 -25.02 -5.01
C ASP A 701 -40.58 -26.12 -5.26
N GLU A 702 -41.01 -27.39 -5.18
CA GLU A 702 -40.13 -28.52 -5.29
C GLU A 702 -39.52 -28.56 -6.68
N SER A 703 -40.21 -28.01 -7.67
CA SER A 703 -39.74 -28.18 -9.03
C SER A 703 -38.70 -27.10 -9.32
N GLU A 704 -38.58 -26.10 -8.42
CA GLU A 704 -37.59 -25.02 -8.55
C GLU A 704 -36.44 -25.21 -7.55
N LEU A 705 -36.61 -24.68 -6.34
CA LEU A 705 -35.56 -24.57 -5.33
C LEU A 705 -35.69 -25.65 -4.25
N TRP A 706 -36.89 -26.19 -4.01
CA TRP A 706 -37.07 -26.92 -2.76
C TRP A 706 -36.64 -28.36 -2.92
N SER A 707 -35.55 -28.75 -2.27
CA SER A 707 -35.16 -30.16 -2.33
C SER A 707 -35.43 -30.76 -0.96
N PRO A 708 -35.50 -32.09 -0.82
CA PRO A 708 -35.65 -32.68 0.50
C PRO A 708 -34.49 -32.36 1.43
N TYR A 709 -33.40 -31.78 0.88
CA TYR A 709 -32.17 -31.64 1.67
C TYR A 709 -31.89 -30.17 1.97
N GLY A 710 -32.76 -29.27 1.51
CA GLY A 710 -32.56 -27.83 1.65
C GLY A 710 -32.83 -27.10 0.34
N LEU A 711 -32.65 -25.76 0.34
CA LEU A 711 -32.84 -25.01 -0.90
C LEU A 711 -31.62 -25.15 -1.80
N ARG A 712 -31.92 -25.50 -3.06
CA ARG A 712 -30.98 -25.53 -4.15
C ARG A 712 -30.54 -24.11 -4.50
N SER A 713 -29.22 -23.97 -4.75
CA SER A 713 -28.62 -22.68 -5.06
C SER A 713 -29.17 -22.14 -6.38
N LEU A 714 -29.49 -23.05 -7.33
CA LEU A 714 -30.08 -22.68 -8.62
C LEU A 714 -31.28 -23.61 -8.89
N SER A 715 -32.32 -23.08 -9.56
CA SER A 715 -33.51 -23.86 -9.91
C SER A 715 -33.19 -24.98 -10.90
N LYS A 716 -33.84 -26.15 -10.70
CA LYS A 716 -33.76 -27.30 -11.59
C LYS A 716 -34.25 -26.91 -12.98
N LYS A 717 -35.02 -25.80 -13.06
CA LYS A 717 -35.59 -25.31 -14.31
C LYS A 717 -34.63 -24.40 -15.06
N ASP A 718 -33.58 -23.90 -14.37
CA ASP A 718 -32.64 -22.97 -14.98
C ASP A 718 -31.78 -23.69 -16.00
N GLU A 719 -31.50 -23.01 -17.12
CA GLU A 719 -30.65 -23.58 -18.17
C GLU A 719 -29.24 -23.89 -17.65
N PHE A 720 -28.82 -23.25 -16.54
CA PHE A 720 -27.44 -23.44 -16.10
C PHE A 720 -27.32 -24.45 -14.97
N TYR A 721 -28.44 -25.12 -14.62
CA TYR A 721 -28.46 -26.08 -13.52
C TYR A 721 -27.51 -27.25 -13.78
N GLY A 722 -26.69 -27.56 -12.78
CA GLY A 722 -25.69 -28.62 -12.89
C GLY A 722 -24.79 -28.48 -14.14
N THR A 723 -24.35 -27.28 -14.48
CA THR A 723 -23.37 -27.13 -15.56
C THR A 723 -22.00 -26.72 -14.99
N ALA A 724 -20.94 -26.86 -15.83
CA ALA A 724 -19.61 -26.40 -15.56
C ALA A 724 -19.14 -27.04 -14.25
N GLU A 725 -18.62 -26.21 -13.34
CA GLU A 725 -18.08 -26.75 -12.10
C GLU A 725 -19.21 -26.95 -11.12
N ASN A 726 -20.36 -26.35 -11.42
CA ASN A 726 -21.58 -26.64 -10.67
C ASN A 726 -21.37 -26.33 -9.19
N TYR A 727 -20.78 -25.16 -8.90
CA TYR A 727 -20.38 -24.83 -7.56
C TYR A 727 -21.56 -24.21 -6.83
N TRP A 728 -22.13 -23.19 -7.45
CA TRP A 728 -23.32 -22.54 -6.95
C TRP A 728 -24.44 -22.68 -7.99
N ARG A 729 -24.45 -23.81 -8.70
CA ARG A 729 -25.45 -23.98 -9.75
C ARG A 729 -26.37 -25.17 -9.47
N SER A 730 -26.58 -25.48 -8.17
CA SER A 730 -27.53 -26.52 -7.77
C SER A 730 -27.31 -26.96 -6.32
N PRO A 731 -26.06 -27.07 -5.81
CA PRO A 731 -25.87 -27.58 -4.45
C PRO A 731 -26.49 -26.74 -3.33
N VAL A 732 -26.77 -27.40 -2.22
CA VAL A 732 -27.34 -26.78 -1.04
C VAL A 732 -26.19 -26.22 -0.18
N TRP A 733 -26.22 -24.92 0.06
CA TRP A 733 -25.21 -24.26 0.90
C TRP A 733 -25.88 -23.79 2.19
N ILE A 734 -25.20 -24.07 3.28
CA ILE A 734 -25.77 -23.88 4.59
C ILE A 734 -25.92 -22.38 4.90
N ASN A 735 -25.02 -21.53 4.38
CA ASN A 735 -25.04 -20.13 4.82
C ASN A 735 -26.32 -19.45 4.33
N ILE A 736 -26.67 -19.68 3.05
CA ILE A 736 -27.84 -19.04 2.44
C ILE A 736 -29.13 -19.66 3.00
N ASN A 737 -29.14 -20.99 3.17
CA ASN A 737 -30.23 -21.70 3.84
C ASN A 737 -30.49 -21.12 5.25
N TYR A 738 -29.41 -20.82 5.99
CA TYR A 738 -29.51 -20.19 7.30
C TYR A 738 -30.24 -18.84 7.21
N LEU A 739 -29.86 -18.01 6.26
CA LEU A 739 -30.54 -16.73 6.09
C LEU A 739 -32.02 -16.97 5.81
N ALA A 740 -32.35 -17.93 4.91
CA ALA A 740 -33.74 -18.22 4.60
C ALA A 740 -34.49 -18.62 5.88
N ILE A 741 -33.88 -19.50 6.67
CA ILE A 741 -34.54 -20.09 7.82
C ILE A 741 -34.92 -19.00 8.82
N VAL A 742 -33.96 -18.07 9.03
CA VAL A 742 -34.05 -16.97 9.96
C VAL A 742 -35.16 -16.02 9.46
N GLN A 743 -35.16 -15.75 8.15
CA GLN A 743 -36.20 -14.89 7.63
C GLN A 743 -37.58 -15.57 7.67
N LEU A 744 -37.64 -16.90 7.44
CA LEU A 744 -38.95 -17.55 7.51
C LEU A 744 -39.51 -17.44 8.93
N TYR A 745 -38.63 -17.61 9.91
CA TYR A 745 -39.02 -17.60 11.30
C TYR A 745 -39.56 -16.22 11.70
N ASN A 746 -38.99 -15.15 11.11
CA ASN A 746 -39.37 -13.77 11.40
C ASN A 746 -40.83 -13.56 10.97
N ILE A 747 -41.15 -13.98 9.75
CA ILE A 747 -42.49 -13.91 9.21
C ILE A 747 -43.42 -14.86 9.96
N ALA A 748 -42.87 -15.99 10.43
CA ALA A 748 -43.71 -16.96 11.13
C ALA A 748 -44.13 -16.44 12.52
N THR A 749 -43.41 -15.45 13.06
CA THR A 749 -43.63 -15.07 14.45
C THR A 749 -44.21 -13.66 14.56
N GLN A 750 -45.03 -13.30 13.56
CA GLN A 750 -45.53 -11.96 13.36
C GLN A 750 -46.87 -12.06 12.65
N ASP A 751 -47.78 -11.13 12.97
CA ASP A 751 -49.07 -11.07 12.30
C ASP A 751 -48.86 -10.69 10.83
N GLY A 752 -49.54 -11.40 9.94
CA GLY A 752 -49.57 -11.06 8.52
C GLY A 752 -50.17 -12.18 7.67
N PRO A 753 -50.33 -11.97 6.34
CA PRO A 753 -50.94 -12.97 5.47
C PRO A 753 -50.14 -14.25 5.21
N TYR A 754 -48.83 -14.25 5.53
CA TYR A 754 -47.96 -15.36 5.16
C TYR A 754 -47.46 -16.09 6.40
N LYS A 755 -47.91 -15.64 7.58
CA LYS A 755 -47.51 -16.21 8.85
C LYS A 755 -47.45 -17.75 8.80
N GLU A 756 -48.50 -18.37 8.26
CA GLU A 756 -48.67 -19.82 8.34
C GLU A 756 -47.89 -20.51 7.22
N THR A 757 -47.86 -19.93 6.02
CA THR A 757 -46.93 -20.42 4.99
C THR A 757 -45.50 -20.44 5.56
N ALA A 758 -45.07 -19.29 6.09
CA ALA A 758 -43.73 -19.16 6.65
C ALA A 758 -43.49 -20.19 7.77
N ARG A 759 -44.48 -20.37 8.65
CA ARG A 759 -44.31 -21.30 9.76
C ARG A 759 -44.01 -22.70 9.22
N ASP A 760 -44.78 -23.16 8.22
CA ASP A 760 -44.65 -24.48 7.63
C ASP A 760 -43.26 -24.63 6.97
N LEU A 761 -42.87 -23.63 6.16
CA LEU A 761 -41.57 -23.63 5.48
C LEU A 761 -40.42 -23.60 6.49
N TYR A 762 -40.52 -22.74 7.52
CA TYR A 762 -39.55 -22.68 8.60
C TYR A 762 -39.32 -24.08 9.18
N THR A 763 -40.43 -24.73 9.56
CA THR A 763 -40.41 -26.00 10.27
C THR A 763 -39.66 -27.05 9.44
N ARG A 764 -40.04 -27.15 8.17
CA ARG A 764 -39.54 -28.15 7.24
C ARG A 764 -38.07 -27.84 6.86
N LEU A 765 -37.77 -26.58 6.52
CA LEU A 765 -36.42 -26.23 6.09
C LEU A 765 -35.43 -26.44 7.24
N ARG A 766 -35.76 -25.93 8.43
CA ARG A 766 -34.92 -26.19 9.60
C ARG A 766 -34.58 -27.68 9.69
N LYS A 767 -35.65 -28.50 9.64
CA LYS A 767 -35.50 -29.92 9.80
C LYS A 767 -34.62 -30.50 8.71
N ASN A 768 -34.92 -30.13 7.44
CA ASN A 768 -34.24 -30.69 6.26
C ASN A 768 -32.75 -30.37 6.29
N ILE A 769 -32.42 -29.12 6.64
CA ILE A 769 -31.04 -28.67 6.69
C ILE A 769 -30.30 -29.34 7.84
N VAL A 770 -30.93 -29.35 9.02
CA VAL A 770 -30.24 -29.92 10.15
C VAL A 770 -30.03 -31.41 9.90
N GLU A 771 -31.03 -32.07 9.32
CA GLU A 771 -30.94 -33.52 9.23
C GLU A 771 -29.87 -33.91 8.20
N THR A 772 -29.80 -33.15 7.10
CA THR A 772 -28.80 -33.38 6.06
C THR A 772 -27.38 -33.27 6.63
N VAL A 773 -27.12 -32.19 7.38
CA VAL A 773 -25.78 -31.99 7.93
C VAL A 773 -25.49 -33.07 8.97
N TYR A 774 -26.49 -33.38 9.84
CA TYR A 774 -26.33 -34.43 10.84
C TYR A 774 -26.05 -35.80 10.21
N ARG A 775 -26.90 -36.21 9.25
CA ARG A 775 -26.76 -37.52 8.63
C ARG A 775 -25.34 -37.68 8.03
N ASN A 776 -24.87 -36.62 7.35
CA ASN A 776 -23.53 -36.66 6.79
C ASN A 776 -22.47 -36.74 7.87
N TRP A 777 -22.62 -35.93 8.91
CA TRP A 777 -21.69 -35.97 10.04
C TRP A 777 -21.65 -37.37 10.67
N GLU A 778 -22.83 -37.95 10.90
CA GLU A 778 -22.87 -39.27 11.52
C GLU A 778 -22.08 -40.26 10.64
N GLU A 779 -22.25 -40.15 9.32
CA GLU A 779 -21.77 -41.20 8.45
C GLU A 779 -20.30 -41.00 8.09
N THR A 780 -19.84 -39.72 8.05
CA THR A 780 -18.50 -39.44 7.55
C THR A 780 -17.59 -38.83 8.63
N GLY A 781 -18.18 -38.26 9.69
CA GLY A 781 -17.40 -37.52 10.66
C GLY A 781 -17.12 -36.07 10.22
N PHE A 782 -17.63 -35.64 9.04
CA PHE A 782 -17.29 -34.29 8.58
C PHE A 782 -18.50 -33.39 8.45
N ALA A 783 -18.25 -32.08 8.68
CA ALA A 783 -18.95 -31.00 8.00
C ALA A 783 -18.45 -30.89 6.56
N TRP A 784 -19.39 -30.69 5.65
CA TRP A 784 -19.04 -30.49 4.25
C TRP A 784 -19.37 -29.06 3.81
N GLU A 785 -18.76 -28.66 2.70
CA GLU A 785 -18.83 -27.34 2.14
C GLU A 785 -20.21 -27.08 1.55
N GLN A 786 -20.83 -28.13 1.01
CA GLN A 786 -22.13 -28.02 0.36
C GLN A 786 -22.72 -29.44 0.30
N TYR A 787 -24.00 -29.55 -0.07
CA TYR A 787 -24.69 -30.84 -0.01
C TYR A 787 -25.48 -31.06 -1.29
N ASN A 788 -25.42 -32.30 -1.79
CA ASN A 788 -26.01 -32.67 -3.07
C ASN A 788 -27.54 -32.69 -2.92
N PRO A 789 -28.31 -31.90 -3.69
CA PRO A 789 -29.76 -31.87 -3.52
C PRO A 789 -30.52 -33.12 -4.05
N GLU A 790 -29.83 -33.96 -4.83
CA GLU A 790 -30.44 -35.19 -5.32
C GLU A 790 -30.18 -36.34 -4.33
N THR A 791 -28.96 -36.40 -3.79
CA THR A 791 -28.60 -37.58 -3.01
C THR A 791 -28.51 -37.22 -1.52
N GLY A 792 -28.37 -35.93 -1.21
CA GLY A 792 -28.20 -35.53 0.19
C GLY A 792 -26.74 -35.64 0.69
N LYS A 793 -25.84 -36.07 -0.20
CA LYS A 793 -24.44 -36.32 0.18
C LYS A 793 -23.65 -35.01 0.34
N GLY A 794 -22.80 -34.95 1.36
CA GLY A 794 -21.83 -33.87 1.46
C GLY A 794 -20.83 -34.01 0.34
N GLN A 795 -20.44 -32.89 -0.28
CA GLN A 795 -19.49 -32.93 -1.39
C GLN A 795 -18.67 -31.64 -1.37
N ARG A 796 -17.67 -31.55 -2.26
CA ARG A 796 -16.59 -30.55 -2.18
C ARG A 796 -15.82 -30.81 -0.90
N THR A 797 -15.35 -29.77 -0.22
CA THR A 797 -14.36 -30.05 0.80
C THR A 797 -14.98 -30.41 2.13
N GLN A 798 -14.25 -31.26 2.88
CA GLN A 798 -14.55 -31.66 4.24
C GLN A 798 -13.92 -30.66 5.23
N HIS A 799 -14.23 -30.84 6.52
CA HIS A 799 -13.75 -29.96 7.59
C HIS A 799 -14.18 -28.53 7.33
N PHE A 800 -15.37 -28.33 6.77
CA PHE A 800 -15.81 -26.97 6.48
C PHE A 800 -16.56 -26.38 7.67
N THR A 801 -15.82 -25.88 8.66
CA THR A 801 -16.37 -25.28 9.87
C THR A 801 -15.68 -23.94 10.19
N GLY A 802 -15.97 -22.85 9.43
CA GLY A 802 -16.81 -22.89 8.24
C GLY A 802 -18.29 -22.72 8.58
N TRP A 803 -19.05 -22.17 7.63
CA TRP A 803 -20.40 -21.69 7.95
C TRP A 803 -21.40 -22.87 8.03
N THR A 804 -20.96 -24.09 7.63
CA THR A 804 -21.79 -25.26 7.83
C THR A 804 -22.15 -25.41 9.31
N SER A 805 -21.28 -24.91 10.20
CA SER A 805 -21.48 -24.95 11.64
C SER A 805 -22.67 -24.11 12.11
N LEU A 806 -23.25 -23.24 11.24
CA LEU A 806 -24.45 -22.48 11.62
C LEU A 806 -25.56 -23.41 12.11
N VAL A 807 -25.45 -24.70 11.75
CA VAL A 807 -26.46 -25.68 12.10
CA VAL A 807 -26.45 -25.67 12.09
C VAL A 807 -26.68 -25.69 13.62
N VAL A 808 -25.67 -25.35 14.42
CA VAL A 808 -25.82 -25.33 15.87
CA VAL A 808 -25.86 -25.36 15.86
C VAL A 808 -26.93 -24.34 16.26
N LYS A 809 -26.89 -23.15 15.65
CA LYS A 809 -27.80 -22.07 15.92
C LYS A 809 -29.17 -22.37 15.30
N ILE A 810 -29.19 -23.01 14.12
CA ILE A 810 -30.47 -23.40 13.53
C ILE A 810 -31.19 -24.32 14.53
N MET A 811 -30.46 -25.27 15.13
CA MET A 811 -31.09 -26.24 16.03
C MET A 811 -31.61 -25.55 17.29
N SER A 812 -30.88 -24.50 17.73
CA SER A 812 -31.13 -23.73 18.95
C SER A 812 -32.37 -22.88 18.81
N GLY A 813 -32.54 -22.26 17.62
CA GLY A 813 -33.73 -21.53 17.24
C GLY A 813 -33.94 -20.24 18.05
N HIS A 814 -35.22 -19.87 18.23
CA HIS A 814 -35.64 -18.66 18.94
C HIS A 814 -34.79 -17.47 18.48
N HIS A 815 -34.92 -17.10 17.20
CA HIS A 815 -34.14 -16.03 16.58
C HIS A 815 -34.60 -14.63 17.05
N GLU B 35 14.57 21.73 -40.32
CA GLU B 35 15.06 22.84 -41.41
C GLU B 35 16.63 22.99 -41.29
N SER B 36 17.11 23.88 -40.37
CA SER B 36 18.44 24.44 -40.55
C SER B 36 19.52 23.48 -40.07
N ILE B 37 20.55 23.34 -40.90
CA ILE B 37 21.73 22.57 -40.59
C ILE B 37 22.32 23.01 -39.26
N LEU B 38 22.38 24.34 -39.01
CA LEU B 38 23.00 24.81 -37.77
C LEU B 38 22.13 24.45 -36.57
N HIS B 39 20.82 24.68 -36.68
CA HIS B 39 19.88 24.35 -35.61
C HIS B 39 19.98 22.87 -35.24
N SER B 40 19.88 21.96 -36.23
CA SER B 40 20.03 20.52 -36.00
C SER B 40 21.34 20.25 -35.27
N GLU B 41 22.43 20.91 -35.72
CA GLU B 41 23.78 20.53 -35.28
C GLU B 41 23.94 20.94 -33.83
N ILE B 42 23.41 22.10 -33.49
CA ILE B 42 23.46 22.56 -32.11
C ILE B 42 22.56 21.67 -31.23
N GLY B 43 21.39 21.27 -31.77
CA GLY B 43 20.53 20.33 -31.05
C GLY B 43 21.25 19.01 -30.76
N ARG B 44 22.01 18.54 -31.75
CA ARG B 44 22.72 17.27 -31.63
C ARG B 44 23.77 17.39 -30.54
N LEU B 45 24.47 18.54 -30.50
CA LEU B 45 25.58 18.73 -29.57
C LEU B 45 25.03 18.88 -28.15
N ASN B 46 23.90 19.58 -28.04
CA ASN B 46 23.27 19.70 -26.74
C ASN B 46 22.85 18.32 -26.23
N ASN B 47 22.29 17.53 -27.13
CA ASN B 47 21.72 16.22 -26.82
C ASN B 47 22.85 15.28 -26.33
N GLN B 48 24.02 15.33 -27.00
CA GLN B 48 25.13 14.49 -26.55
C GLN B 48 25.68 15.01 -25.24
N SER B 49 25.64 16.35 -25.07
N SER B 49 25.66 16.35 -25.08
CA SER B 49 26.18 16.97 -23.87
CA SER B 49 26.19 16.96 -23.86
C SER B 49 25.35 16.59 -22.65
C SER B 49 25.35 16.55 -22.65
N LEU B 50 24.03 16.54 -22.84
CA LEU B 50 23.09 16.46 -21.69
C LEU B 50 22.65 15.01 -21.43
N LEU B 51 23.01 14.07 -22.32
CA LEU B 51 22.43 12.74 -22.30
C LEU B 51 22.55 12.00 -20.96
N TRP B 52 23.72 12.08 -20.31
CA TRP B 52 23.92 11.35 -19.09
C TRP B 52 23.79 12.30 -17.91
N GLY B 53 23.19 11.79 -16.83
CA GLY B 53 23.28 12.49 -15.58
C GLY B 53 22.78 11.63 -14.43
N PRO B 54 22.79 12.16 -13.21
CA PRO B 54 22.16 11.49 -12.08
C PRO B 54 20.67 11.85 -12.12
N TYR B 55 20.03 11.54 -13.23
CA TYR B 55 18.75 12.14 -13.56
C TYR B 55 17.58 11.39 -12.87
N ARG B 56 17.82 10.94 -11.65
CA ARG B 56 16.87 10.20 -10.84
C ARG B 56 16.79 10.87 -9.47
N PRO B 57 16.22 12.10 -9.42
CA PRO B 57 16.20 12.88 -8.18
C PRO B 57 15.32 12.25 -7.10
N ASN B 58 14.43 11.33 -7.50
CA ASN B 58 13.55 10.66 -6.54
C ASN B 58 14.33 9.70 -5.61
N ILE B 59 15.55 9.30 -5.99
CA ILE B 59 16.34 8.47 -5.07
C ILE B 59 17.60 9.21 -4.64
N TYR B 60 18.23 8.73 -3.55
CA TYR B 60 19.48 9.31 -3.06
C TYR B 60 20.54 9.44 -4.14
N PHE B 61 20.82 8.34 -4.86
CA PHE B 61 21.83 8.41 -5.89
C PHE B 61 21.59 7.36 -6.96
N GLY B 62 21.56 7.81 -8.20
CA GLY B 62 21.50 6.90 -9.31
C GLY B 62 21.63 7.64 -10.62
N THR B 63 21.86 6.90 -11.71
CA THR B 63 22.02 7.56 -12.98
C THR B 63 21.04 6.98 -13.96
N ARG B 64 20.72 7.76 -15.01
CA ARG B 64 20.14 7.23 -16.23
C ARG B 64 20.35 8.24 -17.37
N PRO B 65 20.35 7.80 -18.63
CA PRO B 65 20.42 8.74 -19.74
C PRO B 65 19.01 9.21 -20.06
N ARG B 66 18.94 10.26 -20.89
CA ARG B 66 17.67 10.80 -21.34
C ARG B 66 17.14 9.89 -22.45
N ILE B 67 16.90 8.60 -22.11
CA ILE B 67 16.34 7.61 -23.04
C ILE B 67 15.32 6.80 -22.25
N GLY B 68 14.10 6.69 -22.79
CA GLY B 68 13.00 6.08 -22.07
C GLY B 68 13.37 4.67 -21.55
N LYS B 69 13.85 3.81 -22.46
CA LYS B 69 14.16 2.44 -22.11
C LYS B 69 15.65 2.25 -22.29
N SER B 70 16.40 2.22 -21.18
CA SER B 70 17.84 2.12 -21.32
C SER B 70 18.44 1.66 -20.00
N LEU B 71 19.69 2.06 -19.78
CA LEU B 71 20.44 1.57 -18.63
C LEU B 71 20.21 2.53 -17.45
N MET B 72 19.92 1.99 -16.25
CA MET B 72 19.68 2.80 -15.06
C MET B 72 20.49 2.24 -13.88
N THR B 73 20.92 3.12 -12.95
CA THR B 73 21.63 2.64 -11.77
C THR B 73 20.98 3.22 -10.55
N GLY B 74 21.24 2.59 -9.41
CA GLY B 74 20.80 3.11 -8.13
C GLY B 74 21.63 2.56 -6.98
N LEU B 75 21.79 3.37 -5.93
CA LEU B 75 22.61 3.06 -4.77
C LEU B 75 21.70 2.78 -3.57
N MET B 76 21.99 1.71 -2.82
CA MET B 76 21.31 1.55 -1.54
C MET B 76 22.37 1.30 -0.48
N TRP B 77 22.05 1.66 0.76
CA TRP B 77 22.95 1.29 1.85
C TRP B 77 22.15 1.12 3.12
N GLY B 78 22.74 0.40 4.08
CA GLY B 78 22.14 0.29 5.40
C GLY B 78 23.05 -0.52 6.32
N LYS B 79 23.07 -0.13 7.60
CA LYS B 79 23.76 -0.91 8.61
C LYS B 79 22.95 -2.18 8.87
N ILE B 80 23.63 -3.21 9.39
CA ILE B 80 22.93 -4.42 9.76
C ILE B 80 23.47 -4.92 11.10
N GLU B 81 22.57 -5.11 12.05
CA GLU B 81 22.96 -5.52 13.38
C GLU B 81 22.27 -6.82 13.77
N SER B 82 21.19 -7.20 13.04
CA SER B 82 20.37 -8.34 13.46
C SER B 82 19.81 -9.04 12.22
N TYR B 83 19.05 -10.12 12.43
CA TYR B 83 18.51 -10.87 11.30
C TYR B 83 17.29 -10.15 10.72
N THR B 84 16.86 -9.05 11.35
CA THR B 84 15.58 -8.43 10.96
C THR B 84 15.67 -6.90 10.76
N ASP B 85 16.86 -6.29 10.98
CA ASP B 85 16.93 -4.83 11.03
C ASP B 85 17.09 -4.21 9.62
N PHE B 86 17.75 -4.92 8.69
CA PHE B 86 18.21 -4.30 7.44
C PHE B 86 17.01 -3.70 6.68
N GLN B 87 15.86 -4.36 6.76
CA GLN B 87 14.64 -3.93 6.09
C GLN B 87 14.25 -2.52 6.56
N HIS B 88 14.65 -2.13 7.78
CA HIS B 88 14.24 -0.86 8.36
C HIS B 88 15.32 0.21 8.14
N THR B 89 16.58 -0.21 7.93
CA THR B 89 17.70 0.73 7.91
C THR B 89 18.04 1.11 6.48
N VAL B 90 17.64 0.27 5.51
CA VAL B 90 18.16 0.40 4.14
C VAL B 90 17.62 1.70 3.51
N ARG B 91 18.48 2.37 2.72
CA ARG B 91 18.13 3.63 2.06
C ARG B 91 18.05 3.40 0.57
N TYR B 92 17.04 3.98 -0.08
CA TYR B 92 16.96 4.00 -1.52
C TYR B 92 16.29 5.29 -1.98
N THR B 93 14.98 5.38 -1.72
CA THR B 93 14.11 6.47 -2.08
C THR B 93 14.36 7.62 -1.12
N CYS B 94 14.46 8.83 -1.67
CA CYS B 94 14.59 10.05 -0.86
C CYS B 94 13.40 10.19 0.10
N GLU B 95 13.71 10.47 1.38
CA GLU B 95 12.74 10.79 2.44
C GLU B 95 13.28 11.97 3.26
N GLN B 96 12.51 12.45 4.23
CA GLN B 96 13.05 13.42 5.19
C GLN B 96 12.31 13.24 6.50
N ASN B 97 13.04 12.83 7.52
CA ASN B 97 12.51 12.52 8.84
C ASN B 97 13.67 12.66 9.81
N GLU B 98 13.41 12.36 11.09
CA GLU B 98 14.35 12.49 12.19
C GLU B 98 15.58 11.63 11.94
N GLY B 99 15.43 10.51 11.21
CA GLY B 99 16.54 9.59 10.98
C GLY B 99 17.54 10.13 9.94
N MET B 100 17.17 11.24 9.25
CA MET B 100 18.05 11.85 8.27
C MET B 100 18.36 13.28 8.66
N LYS B 101 19.65 13.62 8.75
CA LYS B 101 20.02 14.98 9.11
C LYS B 101 19.75 15.89 7.92
N GLY B 102 20.30 15.53 6.76
CA GLY B 102 20.16 16.33 5.55
C GLY B 102 20.86 15.65 4.38
N TYR B 103 20.63 16.21 3.18
CA TYR B 103 21.36 15.79 2.00
C TYR B 103 21.13 16.83 0.92
N GLY B 104 21.99 16.78 -0.08
CA GLY B 104 21.83 17.63 -1.23
C GLY B 104 23.15 17.79 -1.96
N TRP B 105 23.10 18.54 -3.05
CA TRP B 105 24.23 18.78 -3.90
C TRP B 105 25.03 19.98 -3.36
N ASP B 106 26.34 19.79 -3.17
CA ASP B 106 27.19 20.88 -2.70
C ASP B 106 27.52 21.74 -3.91
N GLU B 107 27.57 21.07 -5.06
CA GLU B 107 27.89 21.70 -6.30
C GLU B 107 27.34 20.81 -7.43
N TYR B 108 26.85 21.42 -8.50
CA TYR B 108 26.35 20.62 -9.58
C TYR B 108 26.16 21.46 -10.83
N ASP B 109 26.50 20.82 -11.94
CA ASP B 109 26.27 21.30 -13.27
C ASP B 109 25.98 20.07 -14.10
N PRO B 110 24.79 19.98 -14.74
CA PRO B 110 24.40 18.80 -15.51
C PRO B 110 25.32 18.44 -16.65
N ARG B 111 26.07 19.41 -17.19
CA ARG B 111 27.04 19.09 -18.25
C ARG B 111 28.28 18.41 -17.66
N ARG B 112 28.58 18.67 -16.39
CA ARG B 112 29.92 18.38 -15.90
C ARG B 112 29.84 17.39 -14.72
N GLY B 113 28.80 17.52 -13.90
CA GLY B 113 28.65 16.68 -12.72
C GLY B 113 28.62 17.49 -11.43
N GLY B 114 28.93 16.84 -10.31
CA GLY B 114 28.78 17.51 -9.04
C GLY B 114 29.12 16.56 -7.91
N ILE B 115 28.87 17.03 -6.69
CA ILE B 115 29.10 16.25 -5.50
C ILE B 115 27.90 16.44 -4.59
N GLN B 116 27.37 15.31 -4.11
CA GLN B 116 26.28 15.31 -3.16
C GLN B 116 26.82 14.84 -1.82
N SER B 117 26.25 15.37 -0.74
CA SER B 117 26.58 14.96 0.60
C SER B 117 25.31 14.44 1.25
N ILE B 118 25.40 13.32 1.97
CA ILE B 118 24.22 12.75 2.64
C ILE B 118 24.59 12.52 4.11
N HIS B 119 23.77 13.05 5.02
CA HIS B 119 24.02 12.91 6.45
C HIS B 119 22.94 12.04 7.08
N ASP B 120 23.28 10.76 7.30
CA ASP B 120 22.33 9.75 7.71
C ASP B 120 22.56 9.45 9.20
N ILE B 121 21.59 9.84 10.02
CA ILE B 121 21.68 9.63 11.46
C ILE B 121 21.39 8.16 11.76
N GLN B 122 20.32 7.62 11.17
CA GLN B 122 19.94 6.22 11.42
C GLN B 122 21.11 5.27 11.13
N ASN B 123 21.83 5.47 10.02
CA ASN B 123 22.89 4.57 9.60
C ASN B 123 24.27 5.03 10.09
N GLY B 124 24.29 6.15 10.82
CA GLY B 124 25.51 6.63 11.46
C GLY B 124 26.60 7.01 10.48
N LEU B 125 26.20 7.52 9.29
CA LEU B 125 27.10 7.65 8.16
C LEU B 125 26.97 9.00 7.48
N ASP B 126 28.13 9.55 7.06
CA ASP B 126 28.19 10.70 6.17
C ASP B 126 28.77 10.21 4.86
N ILE B 127 28.02 10.45 3.78
CA ILE B 127 28.31 9.87 2.48
C ILE B 127 28.45 11.02 1.49
N THR B 128 29.43 10.91 0.60
CA THR B 128 29.47 11.79 -0.54
C THR B 128 29.39 10.92 -1.79
N THR B 129 28.65 11.39 -2.78
CA THR B 129 28.58 10.77 -4.08
C THR B 129 29.03 11.83 -5.07
N SER B 130 30.21 11.62 -5.68
N SER B 130 30.22 11.62 -5.62
CA SER B 130 30.71 12.55 -6.67
CA SER B 130 30.75 12.47 -6.68
C SER B 130 30.54 11.92 -8.05
C SER B 130 30.34 11.86 -8.01
N PHE B 131 30.03 12.72 -8.98
CA PHE B 131 29.64 12.26 -10.29
C PHE B 131 30.29 13.20 -11.29
N VAL B 132 30.95 12.66 -12.32
CA VAL B 132 31.58 13.49 -13.35
C VAL B 132 31.28 12.86 -14.68
N LYS B 133 31.17 13.71 -15.70
CA LYS B 133 30.96 13.27 -17.07
C LYS B 133 32.24 13.52 -17.86
N ILE B 134 32.49 12.67 -18.87
CA ILE B 134 33.70 12.71 -19.68
C ILE B 134 33.26 12.60 -21.13
N PRO B 135 33.31 13.72 -21.88
CA PRO B 135 32.92 13.71 -23.29
C PRO B 135 33.84 12.84 -24.13
N GLY B 136 33.29 12.27 -25.20
CA GLY B 136 34.03 11.31 -26.01
C GLY B 136 33.09 10.34 -26.74
N GLY B 137 33.39 10.07 -28.00
CA GLY B 137 32.63 9.09 -28.74
C GLY B 137 31.28 9.63 -29.18
N ALA B 138 30.41 8.71 -29.60
CA ALA B 138 29.21 9.10 -30.34
C ALA B 138 27.95 8.83 -29.54
N HIS B 139 28.05 8.51 -28.23
CA HIS B 139 26.87 7.98 -27.53
C HIS B 139 26.58 8.71 -26.24
N GLY B 140 27.11 9.94 -26.11
CA GLY B 140 26.84 10.76 -24.94
C GLY B 140 27.97 10.69 -23.93
N GLY B 141 29.07 10.03 -24.33
CA GLY B 141 30.33 9.99 -23.57
C GLY B 141 30.25 9.04 -22.37
N SER B 142 31.15 9.25 -21.39
CA SER B 142 31.40 8.35 -20.28
C SER B 142 31.12 9.08 -18.98
N TRP B 143 31.09 8.34 -17.86
CA TRP B 143 30.89 8.98 -16.58
C TRP B 143 31.52 8.11 -15.49
N ALA B 144 31.65 8.68 -14.29
CA ALA B 144 32.24 7.95 -13.18
C ALA B 144 31.61 8.53 -11.94
N ALA B 145 31.60 7.74 -10.86
CA ALA B 145 31.12 8.22 -9.58
C ALA B 145 32.01 7.63 -8.51
N ARG B 146 32.21 8.38 -7.44
CA ARG B 146 32.88 7.83 -6.26
C ARG B 146 31.88 7.89 -5.12
N ILE B 147 31.69 6.75 -4.46
CA ILE B 147 30.84 6.65 -3.28
C ILE B 147 31.75 6.53 -2.05
N LYS B 148 31.61 7.46 -1.11
CA LYS B 148 32.47 7.41 0.06
C LYS B 148 31.64 7.54 1.33
N GLY B 149 31.75 6.53 2.20
CA GLY B 149 31.05 6.56 3.48
C GLY B 149 32.04 6.70 4.65
N THR B 150 31.70 7.59 5.58
CA THR B 150 32.49 7.83 6.77
C THR B 150 31.56 7.78 7.98
N LEU B 151 31.79 6.83 8.90
CA LEU B 151 30.96 6.72 10.09
C LEU B 151 31.09 7.99 10.91
N ASN B 152 29.98 8.45 11.50
CA ASN B 152 30.05 9.60 12.39
C ASN B 152 30.58 9.15 13.77
N ASP B 153 30.74 10.12 14.68
CA ASP B 153 31.36 9.88 15.99
C ASP B 153 30.45 9.03 16.88
N ASP B 154 29.15 8.97 16.55
CA ASP B 154 28.20 8.29 17.43
C ASP B 154 28.13 6.81 17.09
N ALA B 155 28.66 6.43 15.93
CA ALA B 155 28.44 5.09 15.37
C ALA B 155 29.47 4.13 15.97
N PRO B 156 29.13 2.85 16.21
CA PRO B 156 30.12 1.87 16.65
C PRO B 156 31.19 1.76 15.55
N LYS B 157 32.47 1.78 15.95
CA LYS B 157 33.57 1.89 14.99
C LYS B 157 33.61 0.66 14.07
N ASP B 158 32.99 -0.43 14.52
CA ASP B 158 33.03 -1.69 13.79
C ASP B 158 31.69 -1.97 13.11
N GLN B 159 30.83 -0.95 12.96
CA GLN B 159 29.54 -1.15 12.30
C GLN B 159 29.73 -1.87 10.97
N LYS B 160 28.85 -2.83 10.68
CA LYS B 160 28.80 -3.38 9.33
C LYS B 160 27.71 -2.65 8.52
N THR B 161 28.11 -2.16 7.34
CA THR B 161 27.18 -1.53 6.41
C THR B 161 27.10 -2.34 5.13
N ILE B 162 25.88 -2.62 4.67
CA ILE B 162 25.70 -3.22 3.34
C ILE B 162 25.53 -2.07 2.37
N VAL B 163 26.26 -2.16 1.26
CA VAL B 163 26.11 -1.24 0.16
C VAL B 163 25.74 -2.06 -1.09
N VAL B 164 24.73 -1.59 -1.83
CA VAL B 164 24.36 -2.22 -3.09
C VAL B 164 24.42 -1.20 -4.22
N PHE B 165 24.99 -1.63 -5.35
CA PHE B 165 24.85 -0.93 -6.61
C PHE B 165 23.98 -1.77 -7.55
N TYR B 166 22.79 -1.24 -7.86
CA TYR B 166 21.77 -1.89 -8.67
C TYR B 166 21.79 -1.34 -10.10
N VAL B 167 21.86 -2.25 -11.07
CA VAL B 167 21.92 -1.85 -12.46
C VAL B 167 20.80 -2.55 -13.24
N SER B 168 20.04 -1.79 -14.01
CA SER B 168 19.01 -2.43 -14.81
C SER B 168 19.09 -1.92 -16.25
N GLN B 169 18.63 -2.73 -17.22
CA GLN B 169 18.59 -2.29 -18.60
C GLN B 169 17.32 -2.78 -19.28
N GLU B 170 16.53 -1.81 -19.76
CA GLU B 170 15.28 -2.05 -20.45
C GLU B 170 15.52 -1.78 -21.93
N GLY B 171 14.74 -2.43 -22.78
CA GLY B 171 14.79 -2.11 -24.19
C GLY B 171 15.14 -3.33 -25.04
N GLU B 172 14.58 -3.38 -26.26
CA GLU B 172 14.85 -4.45 -27.22
C GLU B 172 16.30 -4.37 -27.70
N ASN B 173 16.85 -5.54 -28.08
CA ASN B 173 18.12 -5.64 -28.78
C ASN B 173 19.23 -5.00 -27.95
N SER B 174 19.36 -5.48 -26.72
CA SER B 174 20.30 -4.93 -25.77
C SER B 174 20.78 -6.02 -24.81
N GLU B 175 22.06 -5.96 -24.43
CA GLU B 175 22.70 -7.02 -23.69
C GLU B 175 23.38 -6.43 -22.48
N LEU B 176 23.49 -7.24 -21.42
CA LEU B 176 24.31 -6.84 -20.30
C LEU B 176 24.70 -8.06 -19.51
N GLU B 177 25.95 -8.11 -19.07
CA GLU B 177 26.57 -9.37 -18.69
C GLU B 177 27.71 -9.08 -17.73
N ALA B 178 27.64 -9.62 -16.52
CA ALA B 178 28.71 -9.49 -15.52
C ALA B 178 29.78 -10.54 -15.84
N VAL B 179 31.02 -10.10 -16.00
CA VAL B 179 32.13 -10.98 -16.25
C VAL B 179 32.36 -11.82 -14.98
N PRO B 180 32.40 -13.18 -15.06
CA PRO B 180 32.62 -14.01 -13.87
C PRO B 180 33.90 -13.63 -13.12
N SER B 181 33.91 -13.80 -11.80
CA SER B 181 35.16 -13.66 -11.09
C SER B 181 36.00 -14.91 -11.29
N GLU B 182 37.27 -14.84 -10.89
CA GLU B 182 38.19 -15.96 -11.03
C GLU B 182 38.41 -16.59 -9.66
N ASN B 183 37.40 -16.44 -8.78
CA ASN B 183 37.44 -16.90 -7.39
C ASN B 183 36.11 -17.55 -7.01
N GLU B 184 36.14 -18.37 -5.95
CA GLU B 184 35.09 -19.37 -5.72
C GLU B 184 33.74 -18.70 -5.48
N PHE B 185 33.69 -17.80 -4.49
CA PHE B 185 32.42 -17.39 -3.89
C PHE B 185 32.07 -15.95 -4.24
N GLY B 186 32.89 -15.30 -5.08
CA GLY B 186 32.70 -13.91 -5.46
C GLY B 186 34.02 -13.25 -5.88
N TYR B 187 34.11 -11.94 -5.63
CA TYR B 187 35.09 -11.10 -6.31
C TYR B 187 36.05 -10.51 -5.27
N GLU B 188 37.36 -10.76 -5.52
CA GLU B 188 38.42 -10.12 -4.77
C GLU B 188 38.63 -8.68 -5.27
N GLY B 189 38.40 -8.45 -6.57
CA GLY B 189 38.70 -7.15 -7.15
C GLY B 189 37.45 -6.48 -7.74
N ASP B 190 37.62 -5.96 -8.96
CA ASP B 190 36.62 -5.14 -9.62
C ASP B 190 35.51 -6.04 -10.17
N VAL B 191 34.30 -5.50 -10.23
CA VAL B 191 33.23 -6.16 -10.98
C VAL B 191 33.09 -5.43 -12.30
N ILE B 192 33.08 -6.21 -13.37
CA ILE B 192 32.95 -5.67 -14.70
C ILE B 192 31.62 -6.13 -15.30
N LEU B 193 30.82 -5.15 -15.76
CA LEU B 193 29.64 -5.36 -16.58
C LEU B 193 29.94 -4.90 -18.01
N LYS B 194 29.64 -5.77 -19.00
CA LYS B 194 29.78 -5.46 -20.40
C LYS B 194 28.39 -5.46 -21.05
N GLY B 195 28.07 -4.39 -21.77
CA GLY B 195 26.75 -4.31 -22.38
C GLY B 195 26.77 -3.57 -23.72
N ARG B 196 25.59 -3.47 -24.31
CA ARG B 196 25.42 -2.93 -25.64
C ARG B 196 23.93 -2.65 -25.82
N SER B 197 23.60 -1.49 -26.38
CA SER B 197 22.26 -1.26 -26.93
C SER B 197 22.45 -0.43 -28.18
N GLU B 198 21.37 -0.17 -28.93
CA GLU B 198 21.50 0.68 -30.10
C GLU B 198 21.94 2.07 -29.63
N ALA B 199 21.29 2.56 -28.56
CA ALA B 199 21.41 3.95 -28.15
C ALA B 199 22.75 4.19 -27.50
N LEU B 200 23.24 3.19 -26.77
CA LEU B 200 24.49 3.38 -26.05
C LEU B 200 25.68 2.84 -26.81
N GLY B 201 25.46 2.02 -27.86
CA GLY B 201 26.55 1.22 -28.44
C GLY B 201 27.08 0.23 -27.40
N ASN B 202 28.37 -0.13 -27.51
CA ASN B 202 29.04 -0.94 -26.50
C ASN B 202 29.53 -0.06 -25.37
N TYR B 203 29.56 -0.64 -24.17
CA TYR B 203 30.04 0.11 -23.04
C TYR B 203 30.43 -0.88 -21.96
N LYS B 204 31.13 -0.36 -20.95
CA LYS B 204 31.66 -1.17 -19.88
C LYS B 204 31.32 -0.44 -18.60
N LEU B 205 30.78 -1.13 -17.61
CA LEU B 205 30.49 -0.49 -16.35
C LEU B 205 31.20 -1.26 -15.26
N VAL B 206 32.09 -0.59 -14.53
CA VAL B 206 32.93 -1.24 -13.57
C VAL B 206 32.56 -0.75 -12.18
N VAL B 207 32.38 -1.67 -11.25
CA VAL B 207 32.33 -1.28 -9.84
C VAL B 207 33.63 -1.71 -9.19
N THR B 208 34.40 -0.76 -8.69
CA THR B 208 35.76 -1.09 -8.29
C THR B 208 35.76 -1.78 -6.94
N LYS B 209 36.91 -2.38 -6.63
CA LYS B 209 37.12 -3.13 -5.40
C LYS B 209 36.78 -2.25 -4.20
N GLY B 210 37.32 -1.04 -4.24
CA GLY B 210 37.12 -0.03 -3.22
C GLY B 210 38.19 -0.10 -2.13
N LYS B 211 37.98 0.67 -1.07
CA LYS B 211 38.80 0.65 0.11
C LYS B 211 37.90 0.49 1.32
N GLY B 212 38.41 -0.23 2.33
CA GLY B 212 37.71 -0.47 3.57
C GLY B 212 37.83 -1.94 3.96
N VAL B 213 37.68 -2.18 5.26
CA VAL B 213 37.73 -3.51 5.80
C VAL B 213 36.50 -4.30 5.34
N ILE B 214 36.73 -5.51 4.81
CA ILE B 214 35.68 -6.46 4.53
C ILE B 214 35.61 -7.48 5.67
N PRO B 215 34.52 -7.56 6.48
CA PRO B 215 34.48 -8.48 7.62
C PRO B 215 34.51 -9.92 7.10
N GLN B 216 35.08 -10.82 7.90
CA GLN B 216 35.28 -12.19 7.48
C GLN B 216 34.52 -13.08 8.46
N SER B 217 33.91 -14.14 7.95
CA SER B 217 33.20 -15.07 8.83
C SER B 217 33.98 -16.38 8.93
N ASP B 218 34.02 -16.93 10.14
CA ASP B 218 34.61 -18.26 10.33
C ASP B 218 33.51 -19.27 10.65
N HIS B 219 32.24 -18.86 10.50
CA HIS B 219 31.09 -19.75 10.67
C HIS B 219 31.13 -20.84 9.62
N ASP B 220 30.50 -21.98 9.92
CA ASP B 220 30.45 -23.10 8.98
C ASP B 220 29.79 -22.70 7.65
N LEU B 221 28.89 -21.69 7.68
CA LEU B 221 28.20 -21.20 6.49
C LEU B 221 29.21 -20.72 5.43
N SER B 222 30.41 -20.31 5.89
CA SER B 222 31.47 -19.84 5.00
C SER B 222 31.83 -20.88 3.95
N ARG B 223 31.59 -22.17 4.25
CA ARG B 223 31.96 -23.27 3.36
C ARG B 223 31.13 -23.20 2.09
N LEU B 224 29.95 -22.62 2.23
CA LEU B 224 28.98 -22.63 1.13
C LEU B 224 28.92 -21.25 0.47
N ARG B 225 29.23 -20.20 1.25
CA ARG B 225 28.90 -18.82 0.91
C ARG B 225 30.17 -17.96 0.87
N GLY B 226 31.32 -18.60 1.15
CA GLY B 226 32.60 -17.93 1.24
C GLY B 226 32.72 -17.19 2.56
N PRO B 227 33.94 -16.74 2.96
CA PRO B 227 34.11 -16.05 4.24
C PRO B 227 33.60 -14.61 4.23
N GLY B 228 33.25 -14.09 3.04
CA GLY B 228 32.85 -12.69 2.96
C GLY B 228 33.55 -11.96 1.81
N GLN B 229 32.75 -11.47 0.86
CA GLN B 229 33.34 -10.91 -0.35
C GLN B 229 32.28 -10.16 -1.15
N THR B 230 32.73 -9.41 -2.15
CA THR B 230 31.84 -8.75 -3.09
C THR B 230 31.13 -9.84 -3.88
N VAL B 231 29.85 -9.65 -4.15
CA VAL B 231 29.09 -10.63 -4.92
C VAL B 231 28.25 -9.90 -5.97
N VAL B 232 27.91 -10.59 -7.05
CA VAL B 232 27.00 -10.09 -8.04
C VAL B 232 25.93 -11.12 -8.27
N GLN B 233 24.68 -10.65 -8.50
CA GLN B 233 23.62 -11.50 -9.02
C GLN B 233 23.08 -10.89 -10.32
N SER B 234 23.15 -11.69 -11.39
CA SER B 234 22.61 -11.30 -12.67
C SER B 234 21.30 -12.05 -12.90
N LEU B 235 20.23 -11.27 -13.13
CA LEU B 235 18.86 -11.73 -13.07
C LEU B 235 18.07 -11.14 -14.25
N THR B 236 16.93 -11.74 -14.53
CA THR B 236 16.03 -11.31 -15.57
C THR B 236 14.69 -11.10 -14.91
N TYR B 237 14.15 -9.88 -15.03
CA TYR B 237 12.83 -9.56 -14.51
C TYR B 237 11.99 -9.03 -15.66
N PRO B 238 10.63 -8.97 -15.52
CA PRO B 238 9.78 -8.29 -16.50
C PRO B 238 10.12 -6.79 -16.52
N ASP B 239 10.12 -6.18 -17.71
CA ASP B 239 10.38 -4.76 -17.88
C ASP B 239 9.57 -3.90 -16.90
N GLU B 240 8.32 -4.28 -16.60
CA GLU B 240 7.40 -3.38 -15.89
C GLU B 240 7.86 -3.20 -14.45
N VAL B 241 8.81 -4.00 -14.03
CA VAL B 241 9.06 -4.12 -12.63
C VAL B 241 10.53 -3.74 -12.32
N LEU B 242 11.29 -3.37 -13.36
CA LEU B 242 12.70 -3.03 -13.23
C LEU B 242 12.94 -1.91 -12.22
N TRP B 243 11.98 -0.98 -12.10
CA TRP B 243 12.19 0.18 -11.23
C TRP B 243 12.04 -0.21 -9.76
N GLN B 244 11.42 -1.38 -9.49
CA GLN B 244 11.13 -1.80 -8.13
C GLN B 244 12.40 -2.38 -7.49
N ALA B 245 13.44 -1.53 -7.38
CA ALA B 245 14.79 -2.00 -7.06
C ALA B 245 14.83 -2.65 -5.67
N LYS B 246 14.15 -2.04 -4.72
CA LYS B 246 14.28 -2.48 -3.34
C LYS B 246 13.46 -3.75 -3.12
N PRO B 247 12.21 -3.81 -3.64
CA PRO B 247 11.50 -5.09 -3.63
C PRO B 247 12.30 -6.24 -4.27
N ILE B 248 12.99 -5.94 -5.37
CA ILE B 248 13.77 -6.96 -6.05
C ILE B 248 14.94 -7.39 -5.14
N LEU B 249 15.63 -6.42 -4.55
CA LEU B 249 16.71 -6.78 -3.65
C LEU B 249 16.18 -7.66 -2.52
N PHE B 250 15.03 -7.30 -1.96
CA PHE B 250 14.53 -8.01 -0.79
C PHE B 250 14.04 -9.40 -1.14
N GLN B 251 13.64 -9.58 -2.41
CA GLN B 251 13.22 -10.87 -2.90
C GLN B 251 14.43 -11.78 -2.94
N GLN B 252 15.56 -11.23 -3.41
CA GLN B 252 16.79 -11.99 -3.52
C GLN B 252 17.32 -12.32 -2.12
N LEU B 253 17.23 -11.37 -1.18
CA LEU B 253 17.78 -11.61 0.15
C LEU B 253 16.93 -12.68 0.82
N LYS B 254 15.61 -12.63 0.62
CA LYS B 254 14.67 -13.60 1.19
C LYS B 254 14.93 -14.98 0.61
N ALA B 255 15.08 -15.07 -0.72
CA ALA B 255 15.40 -16.35 -1.34
C ALA B 255 16.72 -16.89 -0.76
N GLY B 256 17.69 -15.98 -0.54
CA GLY B 256 19.00 -16.37 -0.03
C GLY B 256 18.92 -16.94 1.41
N ILE B 257 17.85 -16.57 2.12
CA ILE B 257 17.66 -16.95 3.52
C ILE B 257 16.86 -18.25 3.58
N ASP B 258 15.88 -18.38 2.67
CA ASP B 258 15.10 -19.61 2.54
C ASP B 258 16.01 -20.78 2.23
N TRP B 259 17.05 -20.52 1.42
CA TRP B 259 18.04 -21.47 0.98
C TRP B 259 18.80 -22.09 2.17
N LEU B 260 18.83 -21.42 3.32
CA LEU B 260 19.58 -21.93 4.46
C LEU B 260 18.99 -23.25 5.00
N VAL B 261 17.67 -23.39 4.91
CA VAL B 261 16.98 -24.51 5.54
C VAL B 261 16.96 -25.71 4.59
N GLU B 262 17.55 -25.55 3.40
CA GLU B 262 17.57 -26.62 2.42
C GLU B 262 19.00 -27.07 2.19
N ASN B 263 19.95 -26.51 2.96
CA ASN B 263 21.35 -26.70 2.63
C ASN B 263 22.13 -27.08 3.88
N LYS B 264 23.22 -27.81 3.67
CA LYS B 264 23.92 -28.53 4.71
C LYS B 264 25.04 -27.66 5.28
N TYR B 265 24.81 -27.13 6.48
CA TYR B 265 25.88 -26.51 7.27
C TYR B 265 25.40 -26.58 8.72
N ASP B 266 26.26 -26.14 9.66
CA ASP B 266 26.02 -26.35 11.08
C ASP B 266 25.32 -25.10 11.61
N VAL B 267 24.25 -25.30 12.38
CA VAL B 267 23.36 -24.20 12.73
C VAL B 267 23.23 -24.13 14.24
N ALA B 268 24.16 -24.77 14.94
CA ALA B 268 24.19 -24.68 16.39
C ALA B 268 24.56 -23.27 16.83
N ASP B 269 25.44 -22.59 16.06
CA ASP B 269 25.86 -21.24 16.44
C ASP B 269 25.21 -20.20 15.50
N PRO B 270 24.78 -19.04 16.04
CA PRO B 270 24.23 -17.96 15.21
C PRO B 270 25.28 -17.43 14.23
N PRO B 271 24.97 -17.39 12.92
CA PRO B 271 25.86 -16.81 11.93
C PRO B 271 25.77 -15.29 11.96
N PRO B 272 26.81 -14.57 11.48
CA PRO B 272 26.78 -13.10 11.40
C PRO B 272 25.62 -12.59 10.56
N PRO B 273 24.79 -11.64 11.08
CA PRO B 273 23.72 -11.05 10.27
C PRO B 273 24.17 -10.62 8.88
N TRP B 274 25.38 -10.04 8.77
CA TRP B 274 25.82 -9.52 7.48
C TRP B 274 26.04 -10.67 6.52
N GLN B 275 26.38 -11.86 7.06
CA GLN B 275 26.63 -12.99 6.20
C GLN B 275 25.31 -13.61 5.73
N VAL B 276 24.28 -13.70 6.56
CA VAL B 276 23.07 -14.31 6.01
C VAL B 276 22.37 -13.34 5.04
N TYR B 277 22.71 -12.04 5.13
CA TYR B 277 22.22 -11.02 4.20
C TYR B 277 23.17 -10.77 3.05
N LEU B 278 24.24 -11.57 2.94
CA LEU B 278 25.10 -11.45 1.76
C LEU B 278 24.64 -12.44 0.69
N LEU B 279 24.28 -11.93 -0.50
CA LEU B 279 23.70 -12.72 -1.57
C LEU B 279 24.71 -13.77 -2.05
N ALA B 280 24.20 -14.88 -2.58
CA ALA B 280 25.03 -15.87 -3.25
C ALA B 280 25.47 -15.29 -4.57
N ASN B 281 26.77 -15.41 -4.87
CA ASN B 281 27.34 -14.93 -6.13
C ASN B 281 26.78 -15.72 -7.30
N LYS B 282 26.15 -15.02 -8.27
CA LYS B 282 25.58 -15.68 -9.45
C LYS B 282 25.65 -14.73 -10.64
N PRO B 283 26.87 -14.34 -11.09
CA PRO B 283 27.03 -13.44 -12.22
C PRO B 283 26.66 -14.16 -13.49
N GLY B 284 26.22 -13.37 -14.48
CA GLY B 284 25.92 -13.82 -15.81
C GLY B 284 25.22 -12.73 -16.61
N SER B 285 24.40 -13.18 -17.53
CA SER B 285 23.66 -12.29 -18.39
C SER B 285 22.33 -11.99 -17.69
N GLY B 286 21.79 -10.78 -17.90
CA GLY B 286 20.47 -10.39 -17.39
C GLY B 286 20.15 -8.91 -17.62
N ASN B 287 18.95 -8.48 -17.20
CA ASN B 287 18.52 -7.08 -17.32
C ASN B 287 18.54 -6.43 -15.92
N VAL B 288 19.01 -7.18 -14.92
CA VAL B 288 19.19 -6.66 -13.57
C VAL B 288 20.49 -7.26 -13.07
N HIS B 289 21.34 -6.41 -12.49
CA HIS B 289 22.53 -6.84 -11.82
C HIS B 289 22.60 -6.20 -10.44
N ILE B 290 22.68 -7.05 -9.40
CA ILE B 290 22.87 -6.55 -8.06
C ILE B 290 24.32 -6.81 -7.65
N VAL B 291 25.05 -5.69 -7.42
CA VAL B 291 26.41 -5.76 -6.94
C VAL B 291 26.39 -5.39 -5.45
N GLN B 292 26.87 -6.29 -4.59
CA GLN B 292 26.69 -6.06 -3.17
C GLN B 292 28.06 -6.13 -2.49
N LYS B 293 28.31 -5.23 -1.53
CA LYS B 293 29.52 -5.26 -0.72
C LYS B 293 29.10 -5.09 0.72
N VAL B 294 29.91 -5.66 1.62
CA VAL B 294 29.75 -5.34 3.03
C VAL B 294 31.06 -4.73 3.48
N PHE B 295 30.96 -3.70 4.32
CA PHE B 295 32.12 -3.05 4.87
C PHE B 295 31.97 -2.97 6.38
N GLU B 296 33.11 -2.99 7.04
CA GLU B 296 33.21 -2.71 8.47
C GLU B 296 33.97 -1.39 8.62
N GLY B 297 33.36 -0.40 9.28
CA GLY B 297 33.94 0.95 9.32
C GLY B 297 33.73 1.74 8.00
N ASP B 298 34.64 2.68 7.73
CA ASP B 298 34.58 3.58 6.58
C ASP B 298 34.83 2.82 5.28
N PHE B 299 34.30 3.37 4.19
CA PHE B 299 34.43 2.69 2.92
C PHE B 299 34.43 3.70 1.78
N GLU B 300 34.96 3.28 0.65
CA GLU B 300 34.74 3.98 -0.59
C GLU B 300 34.91 3.00 -1.74
N PHE B 301 34.26 3.29 -2.87
CA PHE B 301 34.45 2.58 -4.11
C PHE B 301 34.01 3.46 -5.26
N ASP B 302 34.37 3.05 -6.49
CA ASP B 302 34.09 3.83 -7.67
C ASP B 302 33.21 3.04 -8.63
N ILE B 303 32.49 3.79 -9.48
CA ILE B 303 31.72 3.26 -10.59
C ILE B 303 32.25 3.94 -11.84
N LEU B 304 32.72 3.14 -12.79
CA LEU B 304 33.34 3.71 -13.96
C LEU B 304 32.56 3.24 -15.17
N PHE B 305 31.95 4.16 -15.90
CA PHE B 305 31.21 3.84 -17.11
C PHE B 305 31.99 4.38 -18.31
N SER B 306 32.42 3.47 -19.19
CA SER B 306 33.21 3.80 -20.35
C SER B 306 32.40 3.49 -21.60
N SER B 307 32.10 4.55 -22.37
CA SER B 307 31.51 4.39 -23.68
C SER B 307 32.59 3.88 -24.62
N GLU B 308 32.33 2.75 -25.31
CA GLU B 308 33.33 2.21 -26.23
C GLU B 308 33.75 3.24 -27.29
N SER B 309 32.75 3.88 -27.92
CA SER B 309 32.79 5.08 -28.79
C SER B 309 33.96 6.00 -28.48
N ALA B 310 34.20 6.27 -27.19
CA ALA B 310 35.17 7.25 -26.76
C ALA B 310 36.59 6.74 -27.02
N GLY B 311 36.73 5.42 -27.22
CA GLY B 311 38.01 4.80 -27.54
C GLY B 311 39.05 4.99 -26.44
N LYS B 312 38.58 5.30 -25.23
CA LYS B 312 39.41 5.49 -24.04
C LYS B 312 38.59 5.12 -22.79
N GLU B 313 39.06 4.11 -22.06
CA GLU B 313 38.41 3.64 -20.87
C GLU B 313 38.71 4.59 -19.71
N VAL B 314 37.67 4.90 -18.90
CA VAL B 314 37.74 5.78 -17.75
C VAL B 314 38.37 5.04 -16.57
N THR B 315 39.28 5.72 -15.86
CA THR B 315 39.98 5.12 -14.73
C THR B 315 39.64 5.89 -13.48
N SER B 316 39.92 5.31 -12.33
CA SER B 316 39.78 6.04 -11.09
C SER B 316 40.59 7.36 -11.10
N LYS B 317 41.72 7.37 -11.79
CA LYS B 317 42.56 8.56 -11.78
C LYS B 317 41.86 9.65 -12.59
N ASP B 318 41.22 9.25 -13.69
CA ASP B 318 40.39 10.16 -14.50
C ASP B 318 39.27 10.77 -13.64
N LEU B 319 38.53 9.91 -12.94
CA LEU B 319 37.52 10.33 -11.98
C LEU B 319 38.08 11.44 -11.09
N GLU B 320 39.22 11.17 -10.42
CA GLU B 320 39.68 12.12 -9.41
C GLU B 320 40.13 13.43 -10.09
N ARG B 321 40.74 13.32 -11.28
CA ARG B 321 41.20 14.51 -11.97
C ARG B 321 39.99 15.37 -12.41
N GLU B 322 38.96 14.73 -12.98
CA GLU B 322 37.81 15.44 -13.53
C GLU B 322 36.94 16.05 -12.43
N VAL B 323 36.86 15.39 -11.29
CA VAL B 323 36.15 15.92 -10.12
C VAL B 323 36.77 17.26 -9.72
N LYS B 324 38.13 17.30 -9.60
CA LYS B 324 38.83 18.50 -9.15
C LYS B 324 38.62 19.64 -10.16
N GLN B 325 38.66 19.30 -11.45
CA GLN B 325 38.47 20.25 -12.54
C GLN B 325 37.05 20.83 -12.53
N ALA B 326 36.03 19.96 -12.36
CA ALA B 326 34.65 20.39 -12.36
C ALA B 326 34.41 21.38 -11.22
N THR B 327 34.99 21.10 -10.04
CA THR B 327 34.80 21.94 -8.86
C THR B 327 35.38 23.33 -9.12
N GLU B 328 36.50 23.39 -9.86
CA GLU B 328 37.17 24.64 -10.14
C GLU B 328 36.32 25.45 -11.11
N VAL B 329 35.87 24.81 -12.20
CA VAL B 329 35.04 25.49 -13.20
C VAL B 329 33.72 25.98 -12.57
N PHE B 330 33.20 25.24 -11.61
CA PHE B 330 31.91 25.58 -11.03
C PHE B 330 32.04 26.87 -10.20
N GLY B 331 33.09 26.92 -9.34
CA GLY B 331 33.43 28.08 -8.51
C GLY B 331 33.55 29.37 -9.35
N GLU B 332 34.29 29.29 -10.45
CA GLU B 332 34.51 30.45 -11.32
C GLU B 332 33.18 30.88 -11.95
N ARG B 333 32.40 29.90 -12.45
CA ARG B 333 31.15 30.21 -13.12
C ARG B 333 30.17 30.88 -12.14
N PHE B 334 30.12 30.37 -10.91
CA PHE B 334 29.22 30.92 -9.91
C PHE B 334 29.54 32.39 -9.66
N ALA B 335 30.85 32.70 -9.53
CA ALA B 335 31.35 34.05 -9.30
C ALA B 335 30.86 35.03 -10.36
N ARG B 336 30.86 34.60 -11.63
CA ARG B 336 30.46 35.45 -12.75
C ARG B 336 28.92 35.52 -12.81
N VAL B 337 28.24 34.39 -12.66
CA VAL B 337 26.82 34.35 -13.00
C VAL B 337 25.98 34.90 -11.86
N PHE B 338 26.34 34.53 -10.63
CA PHE B 338 25.62 34.97 -9.45
C PHE B 338 26.57 35.82 -8.59
N ASP B 339 26.90 37.02 -9.10
CA ASP B 339 27.72 38.01 -8.40
C ASP B 339 26.90 38.61 -7.25
N LEU B 340 27.03 38.03 -6.06
CA LEU B 340 26.18 38.41 -4.95
C LEU B 340 26.47 39.88 -4.61
N LYS B 341 25.41 40.68 -4.44
CA LYS B 341 25.59 42.11 -4.19
C LYS B 341 25.35 42.45 -2.71
N ALA B 342 25.87 43.62 -2.29
CA ALA B 342 25.77 44.11 -0.92
C ALA B 342 24.33 44.04 -0.46
N PRO B 343 24.05 43.62 0.79
CA PRO B 343 25.07 43.25 1.76
C PRO B 343 25.35 41.75 1.88
N PHE B 344 25.32 41.03 0.73
CA PHE B 344 25.43 39.58 0.77
C PHE B 344 26.69 39.13 0.06
N GLN B 345 27.76 39.90 0.20
CA GLN B 345 29.02 39.56 -0.46
C GLN B 345 29.84 38.64 0.44
N GLY B 346 29.36 38.37 1.65
CA GLY B 346 30.07 37.52 2.61
C GLY B 346 30.22 36.08 2.12
N ASP B 347 31.24 35.39 2.66
CA ASP B 347 31.56 34.01 2.33
C ASP B 347 30.38 33.13 2.74
N ASN B 348 29.74 33.47 3.86
CA ASN B 348 28.58 32.77 4.37
C ASN B 348 27.43 32.80 3.34
N TYR B 349 27.33 33.89 2.56
CA TYR B 349 26.24 34.04 1.61
C TYR B 349 26.59 33.35 0.30
N LYS B 350 27.86 33.43 -0.12
CA LYS B 350 28.33 32.61 -1.23
C LYS B 350 28.00 31.12 -0.96
N LYS B 351 28.30 30.63 0.24
CA LYS B 351 28.14 29.21 0.53
C LYS B 351 26.65 28.87 0.49
N PHE B 352 25.82 29.78 1.02
CA PHE B 352 24.37 29.67 0.99
C PHE B 352 23.82 29.65 -0.44
N GLY B 353 24.34 30.53 -1.29
CA GLY B 353 23.84 30.64 -2.64
C GLY B 353 24.23 29.40 -3.47
N LYS B 354 25.44 28.90 -3.22
CA LYS B 354 25.92 27.74 -3.95
C LYS B 354 25.04 26.52 -3.64
N SER B 355 24.65 26.39 -2.37
CA SER B 355 23.81 25.30 -1.93
C SER B 355 22.41 25.41 -2.53
N MET B 356 21.78 26.58 -2.37
CA MET B 356 20.45 26.85 -2.94
C MET B 356 20.42 26.55 -4.43
N PHE B 357 21.44 26.97 -5.13
CA PHE B 357 21.48 26.86 -6.56
C PHE B 357 21.81 25.41 -6.97
N SER B 358 22.83 24.81 -6.32
CA SER B 358 23.23 23.45 -6.68
C SER B 358 22.08 22.48 -6.42
N ASN B 359 21.30 22.68 -5.35
CA ASN B 359 20.12 21.86 -5.11
C ASN B 359 19.07 22.03 -6.21
N LEU B 360 18.85 23.27 -6.68
CA LEU B 360 17.82 23.52 -7.70
C LEU B 360 18.18 22.78 -8.99
N ILE B 361 19.38 23.03 -9.50
CA ILE B 361 19.75 22.51 -10.80
C ILE B 361 20.08 21.02 -10.65
N GLY B 362 20.47 20.61 -9.44
CA GLY B 362 20.74 19.20 -9.18
C GLY B 362 19.47 18.35 -9.08
N GLY B 363 18.30 18.98 -8.93
CA GLY B 363 17.01 18.27 -8.93
C GLY B 363 16.55 17.81 -10.34
N ILE B 364 17.31 18.13 -11.38
CA ILE B 364 16.79 17.85 -12.73
C ILE B 364 16.60 16.33 -12.92
N GLY B 365 15.42 15.93 -13.42
CA GLY B 365 15.17 14.53 -13.68
C GLY B 365 14.82 14.26 -15.16
N TYR B 366 15.11 13.03 -15.62
CA TYR B 366 14.50 12.53 -16.83
C TYR B 366 13.41 11.53 -16.48
N PHE B 367 12.18 11.81 -16.97
CA PHE B 367 10.97 11.07 -16.66
C PHE B 367 10.39 10.46 -17.95
N TYR B 368 10.01 9.19 -17.89
CA TYR B 368 9.49 8.53 -19.08
C TYR B 368 8.35 7.58 -18.72
N GLY B 369 7.28 7.64 -19.52
CA GLY B 369 6.22 6.64 -19.47
C GLY B 369 4.88 7.25 -19.84
N HIS B 370 3.80 6.58 -19.43
CA HIS B 370 2.45 7.02 -19.72
C HIS B 370 1.96 7.99 -18.64
N SER B 371 0.99 8.80 -19.02
CA SER B 371 0.29 9.77 -18.18
C SER B 371 -1.17 9.32 -18.08
N LEU B 372 -1.88 9.70 -17.00
CA LEU B 372 -3.28 9.35 -16.83
C LEU B 372 -4.16 10.57 -17.13
N VAL B 373 -4.93 10.49 -18.21
CA VAL B 373 -5.73 11.62 -18.64
C VAL B 373 -7.19 11.20 -18.89
N ASP B 374 -8.10 12.05 -18.45
CA ASP B 374 -9.53 11.97 -18.79
C ASP B 374 -9.73 12.73 -20.09
N ARG B 375 -9.96 11.99 -21.16
CA ARG B 375 -10.14 12.55 -22.49
C ARG B 375 -11.61 12.50 -22.92
N SER B 376 -12.54 12.48 -21.96
CA SER B 376 -13.97 12.42 -22.32
C SER B 376 -14.49 13.78 -22.82
N TYR B 377 -13.94 14.88 -22.25
CA TYR B 377 -14.40 16.26 -22.51
C TYR B 377 -15.88 16.39 -22.19
N ALA B 378 -16.26 15.84 -21.03
CA ALA B 378 -17.63 15.75 -20.57
C ALA B 378 -18.21 17.17 -20.44
N PRO B 379 -19.50 17.38 -20.82
CA PRO B 379 -20.17 18.68 -20.70
C PRO B 379 -20.13 19.27 -19.29
N GLU B 380 -20.08 18.39 -18.27
CA GLU B 380 -19.91 18.85 -16.91
C GLU B 380 -18.66 19.76 -16.78
N TYR B 381 -17.63 19.46 -17.57
CA TYR B 381 -16.32 20.09 -17.41
C TYR B 381 -16.33 21.52 -18.01
N ASP B 382 -17.41 21.86 -18.74
CA ASP B 382 -17.68 23.21 -19.21
C ASP B 382 -17.90 24.15 -18.03
N GLU B 383 -18.35 23.61 -16.88
CA GLU B 383 -18.61 24.36 -15.65
C GLU B 383 -19.63 25.50 -15.88
N GLU B 384 -20.73 25.21 -16.57
CA GLU B 384 -21.69 26.26 -16.93
C GLU B 384 -22.64 26.58 -15.77
N ASN B 385 -22.87 25.62 -14.85
CA ASN B 385 -24.00 25.77 -13.95
C ASN B 385 -23.49 26.18 -12.58
N GLU B 386 -24.40 26.76 -11.78
CA GLU B 386 -24.20 26.82 -10.35
C GLU B 386 -23.91 25.40 -9.86
N GLY B 387 -23.13 25.28 -8.77
CA GLY B 387 -22.70 23.98 -8.25
C GLY B 387 -22.03 23.06 -9.29
N PHE B 388 -21.18 23.64 -10.18
CA PHE B 388 -20.47 22.89 -11.21
C PHE B 388 -19.54 21.86 -10.59
N TRP B 389 -19.07 22.08 -9.36
CA TRP B 389 -18.15 21.10 -8.77
C TRP B 389 -18.83 19.74 -8.55
N GLU B 390 -20.12 19.77 -8.16
CA GLU B 390 -20.92 18.56 -8.03
C GLU B 390 -21.04 17.89 -9.40
N ASP B 391 -21.27 18.68 -10.45
CA ASP B 391 -21.31 18.17 -11.81
C ASP B 391 -19.97 17.49 -12.17
N ALA B 392 -18.83 18.15 -11.81
CA ALA B 392 -17.52 17.65 -12.17
C ALA B 392 -17.33 16.27 -11.51
N ALA B 393 -17.66 16.18 -10.21
CA ALA B 393 -17.52 14.97 -9.41
C ALA B 393 -18.29 13.81 -10.04
N GLU B 394 -19.43 14.12 -10.67
CA GLU B 394 -20.23 13.07 -11.26
C GLU B 394 -19.62 12.61 -12.58
N ALA B 395 -18.98 13.53 -13.30
CA ALA B 395 -18.31 13.13 -14.52
C ALA B 395 -17.06 12.29 -14.19
N ARG B 396 -16.42 12.57 -13.04
CA ARG B 396 -15.22 11.82 -12.67
C ARG B 396 -15.62 10.39 -12.30
N ALA B 397 -16.79 10.27 -11.65
CA ALA B 397 -17.32 8.96 -11.23
C ALA B 397 -17.66 8.09 -12.44
N ARG B 398 -17.67 8.65 -13.66
CA ARG B 398 -17.83 7.80 -14.85
C ARG B 398 -16.51 7.13 -15.24
N HIS B 399 -15.39 7.51 -14.60
CA HIS B 399 -14.07 6.89 -14.84
C HIS B 399 -13.69 6.71 -16.33
N GLN B 400 -13.70 7.80 -17.11
CA GLN B 400 -13.27 7.70 -18.50
C GLN B 400 -11.74 7.78 -18.64
N GLU B 401 -11.03 8.12 -17.56
CA GLU B 401 -9.58 8.36 -17.72
C GLU B 401 -8.89 7.08 -18.15
N ALA B 402 -7.86 7.24 -19.02
CA ALA B 402 -7.02 6.16 -19.49
C ALA B 402 -5.57 6.64 -19.51
N LEU B 403 -4.64 5.67 -19.50
CA LEU B 403 -3.24 5.94 -19.68
C LEU B 403 -2.99 6.26 -21.14
N GLU B 404 -2.14 7.24 -21.38
CA GLU B 404 -1.76 7.62 -22.73
C GLU B 404 -0.27 7.98 -22.74
N GLY B 405 0.30 8.01 -23.93
CA GLY B 405 1.73 8.16 -24.09
C GLY B 405 2.29 6.98 -24.88
N PRO B 406 3.55 6.56 -24.66
CA PRO B 406 4.40 7.09 -23.57
C PRO B 406 4.97 8.51 -23.83
N TYR B 407 5.29 9.25 -22.77
CA TYR B 407 5.87 10.58 -22.92
C TYR B 407 7.18 10.66 -22.17
N GLU B 408 8.00 11.66 -22.53
CA GLU B 408 9.20 11.96 -21.79
C GLU B 408 9.14 13.40 -21.23
N LEU B 409 9.82 13.65 -20.11
CA LEU B 409 10.03 15.02 -19.63
C LEU B 409 11.41 15.13 -19.01
N PHE B 410 12.16 16.15 -19.44
CA PHE B 410 13.39 16.57 -18.79
C PHE B 410 13.14 17.88 -18.08
N THR B 411 13.24 17.91 -16.74
CA THR B 411 12.74 19.07 -16.01
C THR B 411 13.36 19.12 -14.62
N SER B 412 13.44 20.32 -14.02
CA SER B 412 13.79 20.33 -12.60
C SER B 412 12.50 20.11 -11.80
N ILE B 413 12.60 19.95 -10.49
CA ILE B 413 11.47 19.52 -9.71
C ILE B 413 11.44 20.34 -8.44
N PRO B 414 10.29 20.40 -7.76
CA PRO B 414 10.22 21.15 -6.50
C PRO B 414 10.86 20.47 -5.30
N SER B 415 10.76 19.13 -5.19
CA SER B 415 11.02 18.44 -3.94
C SER B 415 11.43 16.99 -4.20
N ARG B 416 12.69 16.65 -3.93
CA ARG B 416 13.15 15.27 -4.06
C ARG B 416 12.34 14.31 -3.16
N PRO B 417 12.23 14.52 -1.82
CA PRO B 417 11.46 13.60 -1.00
C PRO B 417 9.95 13.57 -1.23
N PHE B 418 9.35 14.73 -1.56
CA PHE B 418 7.89 14.81 -1.43
C PHE B 418 7.19 14.81 -2.78
N PHE B 419 7.76 15.49 -3.77
CA PHE B 419 7.09 15.50 -5.04
C PHE B 419 8.11 15.70 -6.15
N PRO B 420 8.86 14.61 -6.45
CA PRO B 420 9.93 14.66 -7.43
C PRO B 420 9.35 14.52 -8.83
N ARG B 421 8.65 15.56 -9.33
CA ARG B 421 8.09 15.48 -10.68
C ARG B 421 7.86 16.90 -11.22
N GLY B 422 7.47 16.99 -12.51
CA GLY B 422 7.24 18.26 -13.16
C GLY B 422 5.95 18.92 -12.68
N PHE B 423 6.04 20.18 -12.20
CA PHE B 423 4.86 21.03 -12.02
C PHE B 423 5.01 22.28 -12.90
N LEU B 424 3.94 22.63 -13.65
CA LEU B 424 4.01 23.54 -14.80
C LEU B 424 4.37 24.97 -14.35
N TRP B 425 3.69 25.56 -13.35
CA TRP B 425 4.08 26.95 -13.00
C TRP B 425 5.34 27.01 -12.11
N ASP B 426 5.63 25.93 -11.34
CA ASP B 426 6.91 25.85 -10.63
C ASP B 426 8.06 26.06 -11.60
N GLU B 427 7.97 25.41 -12.76
CA GLU B 427 9.11 25.30 -13.64
C GLU B 427 9.53 26.67 -14.20
N GLY B 428 8.57 27.55 -14.50
CA GLY B 428 8.92 28.89 -14.95
C GLY B 428 9.78 29.62 -13.91
N PHE B 429 9.53 29.37 -12.63
CA PHE B 429 10.35 29.92 -11.55
C PHE B 429 11.72 29.22 -11.44
N HIS B 430 11.72 27.85 -11.46
CA HIS B 430 12.96 27.06 -11.46
C HIS B 430 13.96 27.58 -12.49
N LEU B 431 13.45 27.83 -13.70
CA LEU B 431 14.34 28.08 -14.84
C LEU B 431 14.88 29.49 -14.82
N LEU B 432 14.36 30.38 -13.97
CA LEU B 432 14.94 31.72 -13.91
C LEU B 432 16.41 31.69 -13.48
N PRO B 433 16.82 31.03 -12.37
CA PRO B 433 18.24 30.92 -12.05
C PRO B 433 18.97 29.96 -12.98
N ILE B 434 18.29 28.92 -13.42
CA ILE B 434 18.94 27.94 -14.29
C ILE B 434 19.30 28.60 -15.64
N ALA B 435 18.45 29.51 -16.15
CA ALA B 435 18.72 30.16 -17.44
C ALA B 435 19.89 31.13 -17.37
N ASP B 436 20.10 31.77 -16.20
CA ASP B 436 21.28 32.61 -15.94
C ASP B 436 22.54 31.74 -16.07
N TRP B 437 22.48 30.54 -15.49
CA TRP B 437 23.60 29.63 -15.50
C TRP B 437 23.87 29.09 -16.88
N ASP B 438 22.82 28.71 -17.63
CA ASP B 438 22.97 27.87 -18.81
C ASP B 438 21.70 27.99 -19.63
N ILE B 439 21.68 28.99 -20.52
CA ILE B 439 20.47 29.33 -21.26
C ILE B 439 20.09 28.15 -22.16
N ASP B 440 21.08 27.45 -22.72
CA ASP B 440 20.72 26.37 -23.64
C ASP B 440 20.05 25.20 -22.89
N LEU B 441 20.40 25.01 -21.61
CA LEU B 441 19.77 23.99 -20.77
C LEU B 441 18.32 24.38 -20.48
N ALA B 442 18.12 25.64 -20.10
CA ALA B 442 16.78 26.11 -19.80
C ALA B 442 15.90 25.96 -21.05
N LEU B 443 16.47 26.27 -22.24
CA LEU B 443 15.68 26.23 -23.48
C LEU B 443 15.24 24.79 -23.78
N GLU B 444 16.15 23.86 -23.52
CA GLU B 444 15.93 22.44 -23.73
C GLU B 444 14.81 21.93 -22.81
N ILE B 445 14.77 22.42 -21.56
CA ILE B 445 13.72 22.04 -20.63
C ILE B 445 12.38 22.66 -21.09
N ILE B 446 12.42 23.91 -21.55
CA ILE B 446 11.20 24.52 -22.02
C ILE B 446 10.68 23.70 -23.21
N LYS B 447 11.59 23.29 -24.07
CA LYS B 447 11.21 22.55 -25.25
C LYS B 447 10.62 21.19 -24.84
N SER B 448 11.16 20.58 -23.77
CA SER B 448 10.62 19.31 -23.26
C SER B 448 9.17 19.48 -22.80
N TRP B 449 8.89 20.49 -21.99
CA TRP B 449 7.54 20.77 -21.54
C TRP B 449 6.57 21.02 -22.72
N TYR B 450 6.97 21.90 -23.65
CA TYR B 450 6.08 22.28 -24.75
C TYR B 450 5.86 21.11 -25.70
N ASN B 451 6.77 20.15 -25.69
CA ASN B 451 6.57 18.88 -26.39
C ASN B 451 5.39 18.07 -25.81
N LEU B 452 4.93 18.40 -24.59
CA LEU B 452 3.81 17.68 -23.99
C LEU B 452 2.47 18.40 -24.28
N MET B 453 2.50 19.46 -25.09
CA MET B 453 1.26 20.15 -25.37
C MET B 453 0.44 19.32 -26.37
N ASP B 454 -0.85 19.11 -26.09
CA ASP B 454 -1.73 18.39 -27.01
C ASP B 454 -2.13 19.37 -28.11
N GLU B 455 -3.02 18.93 -29.02
CA GLU B 455 -3.30 19.67 -30.24
C GLU B 455 -4.17 20.88 -29.94
N ASP B 456 -4.81 20.89 -28.78
CA ASP B 456 -5.64 22.03 -28.40
C ASP B 456 -4.82 23.15 -27.73
N GLY B 457 -3.61 22.82 -27.23
CA GLY B 457 -2.81 23.81 -26.51
C GLY B 457 -2.76 23.57 -25.00
N TRP B 458 -3.13 22.35 -24.55
CA TRP B 458 -3.13 21.95 -23.15
C TRP B 458 -1.85 21.19 -22.83
N ILE B 459 -1.24 21.58 -21.70
CA ILE B 459 -0.16 20.87 -21.03
C ILE B 459 -0.66 20.61 -19.61
N ALA B 460 -0.64 19.34 -19.19
CA ALA B 460 -1.13 19.02 -17.86
C ALA B 460 -0.22 19.69 -16.85
N ARG B 461 -0.80 20.16 -15.75
CA ARG B 461 -0.06 21.00 -14.83
C ARG B 461 0.85 20.13 -13.96
N GLU B 462 0.58 18.81 -13.96
CA GLU B 462 1.33 17.90 -13.09
C GLU B 462 1.69 16.68 -13.91
N GLN B 463 2.99 16.41 -14.07
CA GLN B 463 3.44 15.43 -15.03
C GLN B 463 3.94 14.21 -14.27
N ILE B 464 3.08 13.20 -14.14
CA ILE B 464 3.39 11.92 -13.48
C ILE B 464 3.58 10.91 -14.62
N LEU B 465 4.83 10.71 -15.06
CA LEU B 465 5.12 9.87 -16.22
C LEU B 465 5.75 8.54 -15.77
N GLY B 466 5.00 7.44 -15.91
CA GLY B 466 5.54 6.11 -15.68
C GLY B 466 5.19 5.57 -14.31
N ALA B 467 5.34 4.24 -14.16
CA ALA B 467 4.83 3.54 -12.99
C ALA B 467 5.67 3.98 -11.78
N GLU B 468 6.97 4.18 -12.01
CA GLU B 468 7.85 4.67 -10.95
C GLU B 468 7.36 6.02 -10.38
N ALA B 469 7.02 6.97 -11.25
CA ALA B 469 6.54 8.28 -10.80
C ALA B 469 5.20 8.08 -10.08
N ARG B 470 4.34 7.25 -10.67
CA ARG B 470 2.99 7.02 -10.18
C ARG B 470 3.01 6.42 -8.77
N SER B 471 4.05 5.63 -8.47
CA SER B 471 4.01 4.77 -7.30
C SER B 471 3.99 5.63 -6.04
N LYS B 472 4.35 6.90 -6.17
CA LYS B 472 4.48 7.78 -5.03
C LYS B 472 3.29 8.74 -4.94
N VAL B 473 2.31 8.59 -5.86
CA VAL B 473 1.22 9.56 -5.97
C VAL B 473 -0.10 8.85 -5.68
N PRO B 474 -0.85 9.30 -4.66
CA PRO B 474 -2.21 8.78 -4.38
C PRO B 474 -3.07 8.86 -5.63
N LYS B 475 -3.86 7.82 -5.88
CA LYS B 475 -4.63 7.65 -7.11
C LYS B 475 -5.50 8.91 -7.40
N GLU B 476 -6.07 9.47 -6.34
CA GLU B 476 -6.93 10.65 -6.30
C GLU B 476 -6.30 11.81 -7.06
N PHE B 477 -4.96 11.85 -7.07
CA PHE B 477 -4.23 12.94 -7.66
C PHE B 477 -3.65 12.60 -9.04
N GLN B 478 -3.77 11.35 -9.51
CA GLN B 478 -3.06 11.01 -10.75
C GLN B 478 -3.76 11.58 -11.98
N THR B 479 -5.09 11.53 -12.04
CA THR B 479 -5.73 11.85 -13.33
C THR B 479 -5.54 13.34 -13.68
N GLN B 480 -5.15 13.65 -14.90
CA GLN B 480 -5.04 15.05 -15.33
C GLN B 480 -6.25 15.44 -16.19
N TYR B 481 -6.69 16.71 -16.10
CA TYR B 481 -7.89 17.13 -16.80
C TYR B 481 -7.54 18.20 -17.84
N PRO B 482 -7.89 17.98 -19.13
CA PRO B 482 -7.58 18.93 -20.20
C PRO B 482 -8.25 20.31 -20.10
N HIS B 483 -9.09 20.53 -19.10
CA HIS B 483 -9.61 21.88 -18.86
C HIS B 483 -8.92 22.58 -17.71
N TYR B 484 -7.88 21.93 -17.13
CA TYR B 484 -7.22 22.50 -15.94
C TYR B 484 -5.93 23.19 -16.34
N ALA B 485 -5.87 24.49 -16.10
CA ALA B 485 -4.69 25.25 -16.49
C ALA B 485 -3.74 25.34 -15.30
N ASN B 486 -2.68 26.14 -15.46
CA ASN B 486 -1.75 26.51 -14.41
C ASN B 486 -1.05 27.78 -14.91
N PRO B 487 -0.54 28.71 -14.05
CA PRO B 487 0.14 29.89 -14.52
C PRO B 487 1.21 29.61 -15.55
N PRO B 488 1.21 30.38 -16.66
CA PRO B 488 2.24 30.26 -17.71
C PRO B 488 3.54 30.99 -17.35
N THR B 489 4.15 30.59 -16.25
CA THR B 489 5.35 31.24 -15.79
C THR B 489 6.52 30.98 -16.72
N LEU B 490 6.44 29.92 -17.52
CA LEU B 490 7.54 29.65 -18.45
C LEU B 490 7.73 30.83 -19.43
N PHE B 491 6.67 31.57 -19.73
CA PHE B 491 6.80 32.78 -20.53
C PHE B 491 7.76 33.79 -19.88
N LEU B 492 7.81 33.85 -18.53
CA LEU B 492 8.79 34.71 -17.86
C LEU B 492 10.22 34.30 -18.24
N VAL B 493 10.46 33.00 -18.37
CA VAL B 493 11.79 32.57 -18.75
C VAL B 493 12.06 33.04 -20.16
N LEU B 494 11.06 32.91 -21.04
CA LEU B 494 11.27 33.31 -22.43
C LEU B 494 11.52 34.82 -22.51
N ASP B 495 10.91 35.61 -21.62
CA ASP B 495 11.05 37.07 -21.71
C ASP B 495 12.49 37.45 -21.40
N ASN B 496 13.09 36.79 -20.38
CA ASN B 496 14.49 36.96 -20.05
C ASN B 496 15.38 36.52 -21.22
N PHE B 497 15.00 35.41 -21.86
CA PHE B 497 15.71 34.96 -23.05
C PHE B 497 15.68 36.04 -24.15
N VAL B 498 14.48 36.58 -24.47
CA VAL B 498 14.34 37.61 -25.51
C VAL B 498 15.22 38.83 -25.19
N GLU B 499 15.19 39.26 -23.91
CA GLU B 499 15.98 40.37 -23.41
C GLU B 499 17.45 40.18 -23.76
N ARG B 500 17.99 38.99 -23.43
CA ARG B 500 19.37 38.65 -23.73
C ARG B 500 19.63 38.61 -25.24
N LEU B 501 18.63 38.20 -26.02
CA LEU B 501 18.82 38.07 -27.45
C LEU B 501 18.99 39.46 -28.07
N ARG B 502 18.35 40.46 -27.45
CA ARG B 502 18.30 41.84 -27.95
C ARG B 502 19.63 42.56 -27.65
N LYS B 503 20.24 42.27 -26.49
CA LYS B 503 21.49 42.89 -26.06
C LYS B 503 22.70 42.32 -26.83
N THR B 520 31.24 27.79 -25.44
CA THR B 520 30.57 26.78 -24.57
C THR B 520 29.14 26.53 -25.06
N LEU B 521 28.70 25.26 -25.00
CA LEU B 521 27.36 24.90 -25.45
C LEU B 521 26.28 25.63 -24.64
N SER B 522 26.63 26.03 -23.41
CA SER B 522 25.77 26.74 -22.49
C SER B 522 25.09 27.95 -23.08
N THR B 523 25.76 28.68 -24.01
CA THR B 523 25.23 29.96 -24.53
C THR B 523 25.24 29.96 -26.06
N ALA B 524 25.33 28.80 -26.70
CA ALA B 524 25.44 28.74 -28.15
C ALA B 524 24.25 29.46 -28.78
N SER B 525 23.08 29.43 -28.11
CA SER B 525 21.85 30.01 -28.65
C SER B 525 21.84 31.54 -28.56
N VAL B 526 22.74 32.10 -27.76
CA VAL B 526 22.82 33.54 -27.64
C VAL B 526 24.06 34.01 -28.40
N ASP B 527 25.15 33.22 -28.35
CA ASP B 527 26.42 33.60 -28.98
C ASP B 527 26.23 33.79 -30.47
N ASN B 528 25.53 32.85 -31.11
CA ASN B 528 25.01 33.12 -32.44
C ASN B 528 23.51 33.34 -32.30
N PRO B 529 23.05 34.60 -32.33
CA PRO B 529 21.65 34.90 -32.04
C PRO B 529 20.68 34.37 -33.11
N GLU B 530 21.19 33.98 -34.29
CA GLU B 530 20.33 33.37 -35.30
C GLU B 530 19.88 32.00 -34.77
N VAL B 531 20.68 31.42 -33.87
CA VAL B 531 20.30 30.12 -33.34
C VAL B 531 19.08 30.32 -32.43
N GLY B 532 19.19 31.25 -31.49
CA GLY B 532 18.09 31.58 -30.59
C GLY B 532 16.84 32.00 -31.38
N LEU B 533 17.04 32.79 -32.44
CA LEU B 533 15.90 33.22 -33.23
C LEU B 533 15.19 32.02 -33.85
N GLU B 534 15.97 31.02 -34.34
CA GLU B 534 15.32 29.86 -34.93
C GLU B 534 14.55 29.08 -33.85
N TYR B 535 15.13 28.95 -32.67
CA TYR B 535 14.46 28.25 -31.60
C TYR B 535 13.12 28.94 -31.34
N LEU B 536 13.14 30.27 -31.26
CA LEU B 536 11.91 31.00 -31.01
C LEU B 536 10.94 30.79 -32.17
N ARG B 537 11.45 30.80 -33.40
CA ARG B 537 10.64 30.61 -34.59
C ARG B 537 9.86 29.29 -34.47
N ARG B 538 10.52 28.24 -34.00
CA ARG B 538 9.91 26.93 -33.85
C ARG B 538 8.91 26.89 -32.69
N LEU B 539 9.18 27.58 -31.55
CA LEU B 539 8.36 27.41 -30.35
C LEU B 539 7.13 28.33 -30.41
N TYR B 540 7.23 29.40 -31.21
CA TYR B 540 6.25 30.47 -31.23
C TYR B 540 4.82 29.97 -31.53
N PRO B 541 4.59 29.11 -32.56
CA PRO B 541 3.25 28.57 -32.82
C PRO B 541 2.68 27.80 -31.63
N LEU B 542 3.55 27.12 -30.82
CA LEU B 542 3.05 26.44 -29.62
C LEU B 542 2.64 27.46 -28.57
N LEU B 543 3.40 28.57 -28.44
CA LEU B 543 3.08 29.63 -27.49
C LEU B 543 1.71 30.25 -27.84
N ARG B 544 1.51 30.53 -29.14
CA ARG B 544 0.22 31.06 -29.64
C ARG B 544 -0.91 30.06 -29.36
N ARG B 545 -0.63 28.77 -29.55
CA ARG B 545 -1.67 27.76 -29.36
C ARG B 545 -2.05 27.74 -27.87
N GLN B 546 -1.06 27.90 -26.99
CA GLN B 546 -1.38 27.88 -25.57
C GLN B 546 -2.19 29.14 -25.21
N PHE B 547 -1.79 30.28 -25.79
CA PHE B 547 -2.50 31.54 -25.54
C PHE B 547 -3.99 31.41 -25.91
N ASP B 548 -4.22 30.91 -27.14
CA ASP B 548 -5.56 30.65 -27.69
C ASP B 548 -6.31 29.71 -26.74
N TRP B 549 -5.65 28.60 -26.35
CA TRP B 549 -6.24 27.65 -25.41
C TRP B 549 -6.70 28.37 -24.14
N PHE B 550 -5.87 29.26 -23.56
CA PHE B 550 -6.30 29.97 -22.35
C PHE B 550 -7.58 30.79 -22.62
N ARG B 551 -7.61 31.56 -23.70
CA ARG B 551 -8.69 32.51 -23.93
C ARG B 551 -10.00 31.77 -24.27
N LYS B 552 -9.88 30.59 -24.89
CA LYS B 552 -11.04 29.77 -25.18
C LYS B 552 -11.53 29.00 -23.93
N THR B 553 -10.64 28.33 -23.17
CA THR B 553 -11.11 27.37 -22.17
C THR B 553 -11.20 27.98 -20.77
N GLN B 554 -10.55 29.15 -20.53
CA GLN B 554 -10.69 29.77 -19.22
C GLN B 554 -11.43 31.12 -19.36
N ALA B 555 -12.20 31.28 -20.45
CA ALA B 555 -13.03 32.48 -20.62
C ALA B 555 -13.92 32.65 -19.40
N GLY B 556 -13.95 33.88 -18.84
CA GLY B 556 -15.03 34.28 -17.93
C GLY B 556 -16.25 34.84 -18.68
N ASP B 557 -17.34 35.05 -17.94
CA ASP B 557 -18.62 35.49 -18.50
C ASP B 557 -18.91 36.94 -18.10
N ILE B 558 -18.99 37.81 -19.11
CA ILE B 558 -19.41 39.20 -18.97
C ILE B 558 -20.85 39.38 -19.50
N LYS B 559 -21.10 38.83 -20.71
CA LYS B 559 -22.30 39.02 -21.54
C LYS B 559 -23.58 38.60 -20.81
N SER B 560 -23.58 37.42 -20.21
CA SER B 560 -24.84 36.88 -19.72
C SER B 560 -25.24 37.49 -18.38
N TYR B 561 -24.51 38.53 -17.93
CA TYR B 561 -24.84 39.16 -16.66
C TYR B 561 -25.03 40.68 -16.80
N ASP B 562 -25.44 41.32 -15.68
CA ASP B 562 -25.49 42.78 -15.57
C ASP B 562 -24.08 43.35 -15.30
N ARG B 563 -23.22 43.32 -16.34
CA ARG B 563 -21.79 43.60 -16.21
C ARG B 563 -21.40 44.62 -17.27
N GLU B 564 -20.80 45.74 -16.82
CA GLU B 564 -20.37 46.80 -17.72
C GLU B 564 -18.83 46.87 -17.69
N ALA B 565 -18.22 46.92 -18.88
CA ALA B 565 -16.78 46.94 -18.99
C ALA B 565 -16.37 47.43 -20.38
N TYR B 566 -15.17 48.05 -20.44
CA TYR B 566 -14.54 48.53 -21.65
C TYR B 566 -14.61 47.49 -22.77
N SER B 567 -14.28 46.23 -22.45
CA SER B 567 -14.29 45.14 -23.41
C SER B 567 -15.27 44.06 -22.93
N THR B 568 -16.04 43.52 -23.87
CA THR B 568 -16.98 42.45 -23.53
C THR B 568 -16.23 41.12 -23.51
N LYS B 569 -15.01 41.10 -24.06
CA LYS B 569 -14.28 39.89 -24.41
C LYS B 569 -13.31 39.44 -23.29
N GLU B 570 -12.66 40.39 -22.60
CA GLU B 570 -11.48 40.08 -21.78
C GLU B 570 -11.91 39.87 -20.35
N ALA B 571 -12.00 38.60 -19.99
CA ALA B 571 -12.44 38.23 -18.66
C ALA B 571 -12.17 36.74 -18.52
N TYR B 572 -11.75 36.33 -17.33
CA TYR B 572 -11.14 35.01 -17.16
C TYR B 572 -11.59 34.38 -15.87
N ARG B 573 -11.83 33.04 -15.92
CA ARG B 573 -12.22 32.29 -14.72
C ARG B 573 -11.44 30.95 -14.65
N TRP B 574 -10.71 30.71 -13.54
CA TRP B 574 -9.97 29.45 -13.46
C TRP B 574 -11.00 28.31 -13.47
N ARG B 575 -10.93 27.42 -14.46
CA ARG B 575 -11.64 26.15 -14.31
C ARG B 575 -11.06 25.35 -13.13
N GLY B 576 -11.89 24.50 -12.51
CA GLY B 576 -11.34 23.45 -11.67
C GLY B 576 -11.49 23.76 -10.21
N ARG B 577 -12.29 24.78 -9.87
CA ARG B 577 -12.39 25.07 -8.46
C ARG B 577 -13.33 24.11 -7.74
N THR B 578 -13.13 24.01 -6.43
CA THR B 578 -14.11 23.36 -5.56
C THR B 578 -14.41 24.34 -4.45
N VAL B 579 -15.13 23.89 -3.42
CA VAL B 579 -15.71 24.80 -2.46
C VAL B 579 -14.63 25.59 -1.70
N SER B 580 -13.51 24.96 -1.35
CA SER B 580 -12.52 25.61 -0.48
C SER B 580 -11.15 25.81 -1.15
N HIS B 581 -11.05 25.56 -2.47
CA HIS B 581 -9.74 25.53 -3.12
C HIS B 581 -9.83 26.11 -4.53
N CYS B 582 -8.65 26.44 -5.10
CA CYS B 582 -8.48 26.66 -6.54
C CYS B 582 -7.06 26.20 -6.93
N LEU B 583 -6.88 24.88 -7.11
CA LEU B 583 -5.55 24.29 -7.29
C LEU B 583 -4.89 24.76 -8.59
N THR B 584 -5.71 24.99 -9.63
CA THR B 584 -5.15 25.30 -10.93
C THR B 584 -4.41 26.64 -10.91
N SER B 585 -4.82 27.53 -10.02
CA SER B 585 -4.28 28.88 -9.96
C SER B 585 -2.89 28.84 -9.33
N GLY B 586 -2.57 27.74 -8.60
CA GLY B 586 -1.29 27.66 -7.88
C GLY B 586 -1.39 28.07 -6.42
N LEU B 587 -2.37 28.92 -6.06
CA LEU B 587 -2.48 29.37 -4.68
C LEU B 587 -3.65 28.61 -4.06
N ASP B 588 -3.40 27.30 -3.78
CA ASP B 588 -4.39 26.28 -3.44
C ASP B 588 -5.61 26.82 -2.67
N ASP B 589 -5.40 27.40 -1.46
CA ASP B 589 -6.52 27.71 -0.56
C ASP B 589 -6.63 29.21 -0.34
N TYR B 590 -6.08 30.00 -1.27
CA TYR B 590 -6.28 31.44 -1.13
C TYR B 590 -7.79 31.69 -1.20
N PRO B 591 -8.36 32.48 -0.27
CA PRO B 591 -9.82 32.65 -0.23
C PRO B 591 -10.28 33.25 -1.56
N ARG B 592 -11.27 32.57 -2.16
CA ARG B 592 -11.91 32.99 -3.40
C ARG B 592 -13.39 33.27 -3.09
N PRO B 593 -14.22 33.72 -4.08
CA PRO B 593 -15.63 34.00 -3.84
C PRO B 593 -16.35 32.76 -3.31
N GLN B 594 -17.25 32.94 -2.32
CA GLN B 594 -18.07 31.84 -1.79
C GLN B 594 -19.54 32.08 -2.15
N PRO B 595 -20.19 31.13 -2.83
CA PRO B 595 -19.55 29.88 -3.18
C PRO B 595 -18.89 30.06 -4.55
N PRO B 596 -18.18 29.03 -5.07
CA PRO B 596 -17.72 29.09 -6.45
C PRO B 596 -18.95 29.25 -7.33
N HIS B 597 -18.77 29.88 -8.49
CA HIS B 597 -19.91 30.24 -9.33
C HIS B 597 -19.38 30.44 -10.73
N PRO B 598 -20.13 30.08 -11.79
CA PRO B 598 -19.67 30.27 -13.17
C PRO B 598 -19.51 31.74 -13.54
N GLY B 599 -19.98 32.63 -12.65
CA GLY B 599 -19.90 34.06 -12.87
C GLY B 599 -18.68 34.68 -12.21
N GLU B 600 -17.81 33.84 -11.60
CA GLU B 600 -16.56 34.30 -10.98
C GLU B 600 -15.66 34.86 -12.07
N LEU B 601 -14.84 35.85 -11.68
CA LEU B 601 -13.71 36.28 -12.49
C LEU B 601 -12.49 36.38 -11.57
N HIS B 602 -11.35 35.90 -12.05
CA HIS B 602 -10.17 35.83 -11.20
C HIS B 602 -9.13 36.80 -11.73
N VAL B 603 -8.68 37.73 -10.88
CA VAL B 603 -7.84 38.80 -11.37
C VAL B 603 -6.41 38.29 -11.66
N ASP B 604 -5.97 37.26 -10.90
CA ASP B 604 -4.66 36.66 -11.17
C ASP B 604 -4.63 36.04 -12.57
N LEU B 605 -5.73 35.40 -12.99
CA LEU B 605 -5.73 34.73 -14.28
C LEU B 605 -5.66 35.76 -15.40
N MET B 606 -6.47 36.83 -15.25
CA MET B 606 -6.46 37.87 -16.28
C MET B 606 -5.05 38.45 -16.37
N SER B 607 -4.40 38.66 -15.23
CA SER B 607 -3.01 39.13 -15.23
C SER B 607 -2.08 38.21 -16.04
N TRP B 608 -2.23 36.87 -15.87
CA TRP B 608 -1.34 35.92 -16.55
C TRP B 608 -1.57 36.01 -18.05
N VAL B 609 -2.83 36.23 -18.47
CA VAL B 609 -3.11 36.38 -19.90
C VAL B 609 -2.42 37.66 -20.39
N GLY B 610 -2.39 38.68 -19.52
CA GLY B 610 -1.61 39.88 -19.80
C GLY B 610 -0.12 39.59 -20.03
N VAL B 611 0.50 38.80 -19.13
CA VAL B 611 1.89 38.36 -19.30
C VAL B 611 2.04 37.70 -20.68
N MET B 612 1.13 36.80 -21.02
CA MET B 612 1.32 36.00 -22.22
C MET B 612 1.28 36.91 -23.45
N VAL B 613 0.29 37.82 -23.51
CA VAL B 613 0.17 38.66 -24.69
C VAL B 613 1.41 39.58 -24.84
N LYS B 614 1.95 40.07 -23.71
CA LYS B 614 3.18 40.86 -23.76
C LYS B 614 4.35 40.05 -24.30
N SER B 615 4.50 38.78 -23.82
CA SER B 615 5.57 37.94 -24.37
C SER B 615 5.37 37.76 -25.86
N LEU B 616 4.11 37.55 -26.28
CA LEU B 616 3.88 37.23 -27.69
C LEU B 616 4.11 38.49 -28.55
N ILE B 617 3.72 39.68 -28.06
CA ILE B 617 4.02 40.91 -28.78
C ILE B 617 5.53 40.98 -29.06
N SER B 618 6.34 40.73 -28.03
CA SER B 618 7.78 40.92 -28.18
C SER B 618 8.41 39.83 -29.05
N ILE B 619 7.99 38.56 -28.87
CA ILE B 619 8.55 37.50 -29.69
C ILE B 619 8.02 37.65 -31.11
N GLY B 620 6.70 37.92 -31.22
CA GLY B 620 6.10 38.14 -32.53
C GLY B 620 6.86 39.25 -33.28
N SER B 621 7.15 40.35 -32.59
CA SER B 621 7.87 41.44 -33.22
C SER B 621 9.27 40.98 -33.70
N LEU B 622 9.92 40.09 -32.93
CA LEU B 622 11.24 39.57 -33.28
C LEU B 622 11.20 38.72 -34.54
N LEU B 623 10.05 38.10 -34.81
CA LEU B 623 9.95 37.10 -35.86
C LEU B 623 9.31 37.69 -37.13
N GLY B 624 8.85 38.95 -37.06
CA GLY B 624 8.17 39.61 -38.17
C GLY B 624 6.69 39.23 -38.30
N ALA B 625 6.08 38.73 -37.21
CA ALA B 625 4.72 38.24 -37.28
C ALA B 625 3.75 39.43 -37.18
N THR B 626 3.85 40.27 -38.22
CA THR B 626 3.15 41.52 -38.36
C THR B 626 1.65 41.32 -38.24
N GLU B 627 1.17 40.18 -38.75
CA GLU B 627 -0.25 39.90 -38.83
C GLU B 627 -0.84 39.75 -37.42
N ASP B 628 -0.04 39.22 -36.48
CA ASP B 628 -0.48 38.93 -35.12
C ASP B 628 -0.50 40.19 -34.25
N VAL B 629 0.09 41.29 -34.76
CA VAL B 629 0.40 42.47 -33.96
C VAL B 629 -0.88 43.21 -33.58
N GLU B 630 -1.69 43.55 -34.59
CA GLU B 630 -2.98 44.20 -34.38
C GLU B 630 -3.81 43.43 -33.34
N PHE B 631 -3.75 42.09 -33.41
CA PHE B 631 -4.56 41.26 -32.52
C PHE B 631 -4.08 41.38 -31.07
N TYR B 632 -2.79 41.11 -30.85
CA TYR B 632 -2.16 41.13 -29.53
C TYR B 632 -2.34 42.51 -28.89
N THR B 633 -2.15 43.54 -29.71
CA THR B 633 -2.20 44.93 -29.28
C THR B 633 -3.59 45.25 -28.71
N LYS B 634 -4.62 44.80 -29.42
CA LYS B 634 -6.00 45.01 -28.98
C LYS B 634 -6.27 44.25 -27.68
N VAL B 635 -5.72 43.04 -27.55
CA VAL B 635 -6.04 42.24 -26.36
C VAL B 635 -5.44 42.94 -25.14
N LEU B 636 -4.19 43.37 -25.29
CA LEU B 636 -3.47 43.96 -24.17
C LEU B 636 -4.17 45.24 -23.73
N ASP B 637 -4.56 46.07 -24.70
CA ASP B 637 -5.35 47.26 -24.40
C ASP B 637 -6.65 46.90 -23.67
N ALA B 638 -7.33 45.82 -24.10
CA ALA B 638 -8.58 45.41 -23.48
C ALA B 638 -8.35 44.91 -22.05
N ILE B 639 -7.23 44.20 -21.84
CA ILE B 639 -6.98 43.67 -20.50
C ILE B 639 -6.65 44.82 -19.51
N GLU B 640 -5.84 45.80 -19.97
CA GLU B 640 -5.49 46.94 -19.11
C GLU B 640 -6.73 47.69 -18.64
N HIS B 641 -7.72 47.82 -19.51
CA HIS B 641 -8.96 48.48 -19.10
C HIS B 641 -9.81 47.57 -18.21
N ASN B 642 -10.03 46.31 -18.66
CA ASN B 642 -10.93 45.43 -17.95
C ASN B 642 -10.42 45.10 -16.56
N LEU B 643 -9.10 45.13 -16.37
CA LEU B 643 -8.52 44.97 -15.03
C LEU B 643 -9.15 46.02 -14.10
N ASP B 644 -9.30 47.26 -14.59
CA ASP B 644 -9.87 48.34 -13.79
C ASP B 644 -11.38 48.14 -13.62
N ASP B 645 -12.09 47.94 -14.74
CA ASP B 645 -13.55 47.82 -14.75
C ASP B 645 -14.01 46.64 -13.87
N LEU B 646 -13.44 45.45 -14.09
CA LEU B 646 -13.95 44.23 -13.44
C LEU B 646 -13.35 43.98 -12.06
N HIS B 647 -12.14 44.52 -11.75
CA HIS B 647 -11.41 43.98 -10.60
C HIS B 647 -10.93 45.04 -9.59
N TRP B 648 -10.92 46.32 -9.99
CA TRP B 648 -10.38 47.31 -9.08
C TRP B 648 -11.45 47.75 -8.07
N SER B 649 -11.11 47.73 -6.77
CA SER B 649 -11.98 48.22 -5.71
C SER B 649 -11.44 49.55 -5.19
N GLU B 650 -12.19 50.63 -5.45
CA GLU B 650 -11.87 51.95 -4.91
C GLU B 650 -11.93 51.91 -3.39
N LYS B 651 -12.96 51.26 -2.85
CA LYS B 651 -13.14 51.19 -1.40
C LYS B 651 -11.91 50.59 -0.73
N GLU B 652 -11.35 49.51 -1.31
CA GLU B 652 -10.37 48.69 -0.59
C GLU B 652 -8.94 49.13 -0.96
N GLY B 653 -8.80 49.87 -2.06
CA GLY B 653 -7.48 50.28 -2.55
C GLY B 653 -6.63 49.11 -3.14
N CYS B 654 -7.30 48.20 -3.86
N CYS B 654 -7.30 48.16 -3.83
CA CYS B 654 -6.66 46.97 -4.36
CA CYS B 654 -6.60 47.02 -4.40
C CYS B 654 -7.52 46.32 -5.42
C CYS B 654 -7.52 46.30 -5.40
N TYR B 655 -6.93 45.34 -6.13
CA TYR B 655 -7.67 44.49 -7.04
C TYR B 655 -8.30 43.33 -6.26
N CYS B 656 -9.39 42.81 -6.82
CA CYS B 656 -10.28 41.84 -6.19
C CYS B 656 -10.75 40.89 -7.28
N ASP B 657 -10.95 39.62 -6.93
CA ASP B 657 -11.74 38.69 -7.74
C ASP B 657 -13.19 39.21 -7.75
N ALA B 658 -13.98 38.83 -8.75
CA ALA B 658 -15.38 39.21 -8.83
C ALA B 658 -16.23 37.94 -8.85
N THR B 659 -17.50 38.09 -8.44
CA THR B 659 -18.47 37.05 -8.65
C THR B 659 -19.82 37.67 -9.01
N ILE B 660 -20.80 36.79 -9.26
CA ILE B 660 -22.22 37.13 -9.33
C ILE B 660 -22.86 36.62 -8.04
N ASP B 661 -23.53 37.52 -7.28
CA ASP B 661 -23.94 37.16 -5.93
C ASP B 661 -25.38 36.61 -5.93
N GLU B 662 -25.90 36.38 -4.70
CA GLU B 662 -27.17 35.70 -4.45
C GLU B 662 -28.32 36.48 -5.09
N PHE B 663 -28.15 37.80 -5.27
CA PHE B 663 -29.14 38.69 -5.86
C PHE B 663 -28.86 38.88 -7.35
N GLU B 664 -28.00 38.01 -7.91
CA GLU B 664 -27.59 38.08 -9.33
C GLU B 664 -26.80 39.36 -9.63
N GLU B 665 -26.03 39.87 -8.63
CA GLU B 665 -25.30 41.12 -8.83
C GLU B 665 -23.78 40.89 -8.96
N HIS B 666 -23.12 41.73 -9.79
CA HIS B 666 -21.67 41.82 -9.85
C HIS B 666 -21.16 42.35 -8.51
N LYS B 667 -20.28 41.57 -7.89
CA LYS B 667 -19.73 41.91 -6.60
C LYS B 667 -18.24 41.57 -6.62
N LEU B 668 -17.43 42.49 -6.11
CA LEU B 668 -16.03 42.23 -5.90
C LEU B 668 -15.90 41.56 -4.55
N VAL B 669 -14.99 40.60 -4.47
CA VAL B 669 -14.76 39.90 -3.24
C VAL B 669 -13.30 40.14 -2.85
N CYS B 670 -13.10 40.98 -1.85
CA CYS B 670 -11.78 41.47 -1.57
C CYS B 670 -11.18 40.68 -0.44
N HIS B 671 -9.98 40.20 -0.69
CA HIS B 671 -9.23 39.50 0.33
C HIS B 671 -7.79 39.91 0.13
N LYS B 672 -7.35 40.83 0.97
CA LYS B 672 -6.10 41.53 0.81
C LYS B 672 -4.96 40.54 1.01
N GLY B 673 -4.25 40.28 -0.09
CA GLY B 673 -3.07 39.41 -0.07
C GLY B 673 -2.45 39.37 -1.46
N TYR B 674 -1.80 38.23 -1.78
CA TYR B 674 -1.06 38.10 -3.03
C TYR B 674 -1.98 38.40 -4.20
N ILE B 675 -3.18 37.83 -4.18
CA ILE B 675 -4.08 37.96 -5.33
C ILE B 675 -4.39 39.44 -5.63
N SER B 676 -4.52 40.24 -4.55
CA SER B 676 -4.90 41.64 -4.63
C SER B 676 -3.82 42.43 -5.36
N LEU B 677 -2.61 41.84 -5.45
CA LEU B 677 -1.43 42.53 -5.94
C LEU B 677 -1.15 42.18 -7.39
N PHE B 678 -1.94 41.26 -7.97
CA PHE B 678 -1.50 40.52 -9.15
C PHE B 678 -1.11 41.39 -10.33
N PRO B 679 -1.92 42.40 -10.75
CA PRO B 679 -1.56 43.22 -11.90
C PRO B 679 -0.18 43.88 -11.74
N PHE B 680 0.22 44.14 -10.49
CA PHE B 680 1.55 44.69 -10.20
C PHE B 680 2.62 43.60 -10.34
N LEU B 681 2.37 42.43 -9.71
CA LEU B 681 3.34 41.32 -9.68
C LEU B 681 3.70 40.86 -11.08
N THR B 682 2.77 41.00 -12.02
CA THR B 682 2.98 40.46 -13.35
C THR B 682 3.48 41.57 -14.27
N GLY B 683 3.58 42.79 -13.73
CA GLY B 683 4.28 43.86 -14.43
C GLY B 683 3.37 44.61 -15.39
N LEU B 684 2.06 44.68 -15.09
CA LEU B 684 1.12 45.25 -16.07
C LEU B 684 0.85 46.73 -15.81
N LEU B 685 1.34 47.28 -14.70
CA LEU B 685 0.95 48.64 -14.34
C LEU B 685 2.08 49.59 -14.76
N LYS B 686 1.69 50.76 -15.25
CA LYS B 686 2.60 51.85 -15.59
C LYS B 686 3.10 52.50 -14.30
N PRO B 687 4.34 53.03 -14.24
CA PRO B 687 4.85 53.71 -13.05
C PRO B 687 4.07 54.98 -12.63
N ASP B 688 3.23 55.49 -13.51
CA ASP B 688 2.42 56.65 -13.15
C ASP B 688 1.01 56.23 -12.70
N SER B 689 0.76 54.92 -12.52
CA SER B 689 -0.61 54.51 -12.22
C SER B 689 -0.95 54.82 -10.79
N PRO B 690 -2.03 55.58 -10.49
CA PRO B 690 -2.44 55.78 -9.12
C PRO B 690 -2.81 54.47 -8.40
N LYS B 691 -3.16 53.44 -9.17
CA LYS B 691 -3.49 52.17 -8.54
C LYS B 691 -2.21 51.51 -8.03
N LEU B 692 -1.14 51.67 -8.80
CA LEU B 692 0.14 51.18 -8.34
C LEU B 692 0.50 51.81 -7.00
N GLY B 693 0.31 53.13 -6.85
CA GLY B 693 0.67 53.76 -5.58
C GLY B 693 -0.10 53.15 -4.39
N LYS B 694 -1.38 52.84 -4.63
CA LYS B 694 -2.26 52.24 -3.62
C LYS B 694 -1.76 50.84 -3.22
N LEU B 695 -1.28 50.08 -4.19
CA LEU B 695 -0.79 48.73 -3.96
C LEU B 695 0.52 48.77 -3.19
N LEU B 696 1.35 49.75 -3.51
CA LEU B 696 2.60 49.98 -2.83
C LEU B 696 2.37 50.28 -1.35
N ALA B 697 1.30 51.05 -1.05
CA ALA B 697 0.95 51.37 0.33
C ALA B 697 0.54 50.10 1.09
N LEU B 698 -0.31 49.26 0.47
CA LEU B 698 -0.74 47.98 1.03
C LEU B 698 0.46 47.05 1.27
N ILE B 699 1.43 47.03 0.33
CA ILE B 699 2.56 46.14 0.39
C ILE B 699 3.40 46.51 1.59
N GLY B 700 3.52 47.83 1.84
CA GLY B 700 4.35 48.38 2.88
C GLY B 700 3.66 48.39 4.24
N ASP B 701 2.40 47.96 4.28
CA ASP B 701 1.61 48.12 5.50
C ASP B 701 1.82 46.94 6.44
N GLU B 702 2.54 47.16 7.58
CA GLU B 702 2.89 46.16 8.59
C GLU B 702 1.64 45.49 9.18
N SER B 703 0.53 46.24 9.18
CA SER B 703 -0.72 45.76 9.76
C SER B 703 -1.44 44.84 8.78
N GLU B 704 -0.98 44.82 7.51
CA GLU B 704 -1.61 44.04 6.46
C GLU B 704 -0.62 42.98 5.95
N LEU B 705 0.28 43.38 5.05
CA LEU B 705 1.02 42.41 4.22
C LEU B 705 2.47 42.30 4.67
N TRP B 706 3.02 43.35 5.29
CA TRP B 706 4.44 43.47 5.51
C TRP B 706 4.87 42.86 6.86
N SER B 707 5.52 41.68 6.80
CA SER B 707 6.06 41.03 7.99
C SER B 707 7.53 41.35 8.07
N PRO B 708 8.20 41.10 9.23
CA PRO B 708 9.67 41.15 9.26
C PRO B 708 10.38 40.17 8.30
N TYR B 709 9.62 39.28 7.66
CA TYR B 709 10.20 38.10 7.00
C TYR B 709 9.82 38.06 5.51
N GLY B 710 9.07 39.07 5.08
CA GLY B 710 8.60 39.15 3.72
C GLY B 710 7.12 39.41 3.71
N LEU B 711 6.50 39.43 2.51
CA LEU B 711 5.08 39.70 2.34
C LEU B 711 4.29 38.44 2.67
N ARG B 712 3.32 38.62 3.59
CA ARG B 712 2.34 37.60 3.91
C ARG B 712 1.48 37.31 2.69
N SER B 713 1.07 36.04 2.52
CA SER B 713 0.17 35.66 1.43
C SER B 713 -1.22 36.25 1.61
N LEU B 714 -1.61 36.48 2.87
CA LEU B 714 -2.92 37.00 3.25
C LEU B 714 -2.74 37.96 4.41
N SER B 715 -3.47 39.10 4.37
CA SER B 715 -3.39 40.19 5.35
C SER B 715 -3.75 39.69 6.74
N LYS B 716 -3.06 40.20 7.77
CA LYS B 716 -3.40 39.92 9.17
C LYS B 716 -4.87 40.29 9.43
N LYS B 717 -5.45 41.14 8.56
CA LYS B 717 -6.73 41.76 8.84
C LYS B 717 -7.87 41.02 8.16
N ASP B 718 -7.52 40.12 7.22
CA ASP B 718 -8.55 39.37 6.51
C ASP B 718 -9.16 38.34 7.46
N GLU B 719 -10.44 38.04 7.23
CA GLU B 719 -11.15 37.14 8.12
C GLU B 719 -10.57 35.73 8.01
N PHE B 720 -9.95 35.41 6.85
CA PHE B 720 -9.46 34.06 6.67
C PHE B 720 -8.01 33.89 7.11
N TYR B 721 -7.41 34.95 7.65
CA TYR B 721 -6.00 34.89 8.02
C TYR B 721 -5.78 33.73 8.98
N GLY B 722 -4.91 32.77 8.60
CA GLY B 722 -4.46 31.69 9.49
C GLY B 722 -5.44 30.51 9.62
N THR B 723 -6.53 30.50 8.82
CA THR B 723 -7.60 29.52 8.96
C THR B 723 -7.36 28.27 8.08
N ALA B 724 -8.09 27.19 8.41
CA ALA B 724 -8.04 25.89 7.73
C ALA B 724 -6.60 25.37 7.60
N GLU B 725 -6.21 25.02 6.36
CA GLU B 725 -4.91 24.43 6.10
C GLU B 725 -3.84 25.51 6.23
N ASN B 726 -4.23 26.78 6.08
CA ASN B 726 -3.33 27.91 6.28
C ASN B 726 -2.12 27.83 5.33
N TYR B 727 -2.39 27.50 4.07
CA TYR B 727 -1.32 27.16 3.14
C TYR B 727 -0.91 28.45 2.45
N TRP B 728 -1.90 29.16 1.89
CA TRP B 728 -1.74 30.46 1.25
C TRP B 728 -2.58 31.52 1.96
N ARG B 729 -2.79 31.32 3.28
CA ARG B 729 -3.63 32.22 4.06
C ARG B 729 -2.82 32.89 5.16
N SER B 730 -1.53 33.06 4.95
CA SER B 730 -0.75 33.97 5.80
C SER B 730 0.74 33.83 5.53
N PRO B 731 1.27 32.62 5.26
CA PRO B 731 2.72 32.42 5.25
C PRO B 731 3.38 33.15 4.08
N VAL B 732 4.70 33.26 4.17
CA VAL B 732 5.54 33.94 3.20
C VAL B 732 6.03 32.93 2.14
N TRP B 733 5.69 33.16 0.87
CA TRP B 733 6.10 32.30 -0.24
C TRP B 733 7.12 33.04 -1.09
N ILE B 734 8.19 32.35 -1.54
CA ILE B 734 9.38 33.01 -2.09
C ILE B 734 9.14 33.44 -3.54
N ASN B 735 8.55 32.53 -4.30
CA ASN B 735 7.62 32.62 -5.42
C ASN B 735 7.21 34.09 -5.69
N ILE B 736 6.16 34.45 -4.99
CA ILE B 736 5.45 35.68 -5.14
C ILE B 736 6.34 36.80 -4.63
N ASN B 737 7.07 36.55 -3.55
CA ASN B 737 7.93 37.59 -3.03
C ASN B 737 8.97 37.98 -4.08
N TYR B 738 9.51 36.97 -4.78
CA TYR B 738 10.43 37.23 -5.88
C TYR B 738 9.80 38.19 -6.90
N LEU B 739 8.53 37.95 -7.25
CA LEU B 739 7.90 38.74 -8.30
C LEU B 739 7.76 40.20 -7.83
N ALA B 740 7.48 40.38 -6.52
CA ALA B 740 7.29 41.68 -5.90
C ALA B 740 8.61 42.44 -5.95
N ILE B 741 9.69 41.75 -5.57
CA ILE B 741 11.02 42.31 -5.52
C ILE B 741 11.42 42.79 -6.93
N VAL B 742 11.16 41.96 -7.94
CA VAL B 742 11.52 42.32 -9.30
C VAL B 742 10.72 43.57 -9.72
N GLN B 743 9.43 43.61 -9.40
CA GLN B 743 8.59 44.70 -9.90
C GLN B 743 8.84 46.00 -9.11
N LEU B 744 9.11 45.88 -7.81
CA LEU B 744 9.59 46.99 -6.99
C LEU B 744 10.85 47.58 -7.66
N TYR B 745 11.78 46.69 -8.05
CA TYR B 745 13.04 47.16 -8.61
C TYR B 745 12.77 48.01 -9.86
N ASN B 746 11.84 47.53 -10.71
CA ASN B 746 11.50 48.16 -11.96
C ASN B 746 10.95 49.59 -11.72
N ILE B 747 10.09 49.74 -10.71
CA ILE B 747 9.53 51.06 -10.41
C ILE B 747 10.64 51.96 -9.90
N ALA B 748 11.60 51.35 -9.21
CA ALA B 748 12.57 52.14 -8.47
C ALA B 748 13.62 52.70 -9.42
N THR B 749 13.61 52.24 -10.69
CA THR B 749 14.70 52.58 -11.60
C THR B 749 14.17 53.36 -12.81
N GLN B 750 13.04 54.02 -12.63
CA GLN B 750 12.56 54.92 -13.66
C GLN B 750 11.79 56.06 -13.00
N ASP B 751 11.61 57.15 -13.75
CA ASP B 751 10.97 58.37 -13.25
C ASP B 751 9.51 58.10 -12.88
N GLY B 752 9.09 58.66 -11.74
CA GLY B 752 7.67 58.75 -11.41
C GLY B 752 7.45 58.99 -9.92
N PRO B 753 6.20 59.27 -9.48
CA PRO B 753 5.94 59.65 -8.09
C PRO B 753 6.28 58.57 -7.07
N TYR B 754 6.33 57.31 -7.52
CA TYR B 754 6.51 56.20 -6.57
C TYR B 754 7.92 55.63 -6.61
N LYS B 755 8.80 56.25 -7.43
CA LYS B 755 10.15 55.73 -7.59
C LYS B 755 10.76 55.48 -6.22
N GLU B 756 10.66 56.49 -5.34
CA GLU B 756 11.36 56.47 -4.08
C GLU B 756 10.67 55.49 -3.12
N THR B 757 9.34 55.41 -3.17
CA THR B 757 8.65 54.40 -2.39
C THR B 757 9.13 52.99 -2.78
N ALA B 758 9.24 52.74 -4.09
CA ALA B 758 9.63 51.45 -4.60
C ALA B 758 11.08 51.15 -4.22
N ARG B 759 11.99 52.15 -4.31
CA ARG B 759 13.39 51.91 -3.92
C ARG B 759 13.46 51.42 -2.47
N ASP B 760 12.68 52.05 -1.59
CA ASP B 760 12.75 51.74 -0.16
C ASP B 760 12.23 50.32 0.09
N LEU B 761 11.03 50.03 -0.41
CA LEU B 761 10.43 48.71 -0.25
C LEU B 761 11.31 47.63 -0.90
N TYR B 762 11.89 47.93 -2.08
CA TYR B 762 12.78 46.98 -2.74
C TYR B 762 13.90 46.58 -1.78
N THR B 763 14.61 47.58 -1.25
CA THR B 763 15.79 47.37 -0.41
C THR B 763 15.39 46.56 0.80
N ARG B 764 14.25 46.90 1.38
CA ARG B 764 13.85 46.27 2.63
C ARG B 764 13.31 44.85 2.37
N LEU B 765 12.51 44.65 1.31
CA LEU B 765 11.93 43.33 1.06
C LEU B 765 13.05 42.36 0.67
N ARG B 766 13.99 42.82 -0.16
CA ARG B 766 15.12 42.01 -0.53
C ARG B 766 15.84 41.54 0.74
N LYS B 767 16.20 42.49 1.64
CA LYS B 767 16.94 42.13 2.86
C LYS B 767 16.13 41.13 3.68
N ASN B 768 14.82 41.38 3.81
CA ASN B 768 14.00 40.51 4.65
C ASN B 768 13.95 39.08 4.08
N ILE B 769 13.69 38.95 2.76
CA ILE B 769 13.50 37.63 2.16
C ILE B 769 14.79 36.83 2.27
N VAL B 770 15.91 37.46 1.90
CA VAL B 770 17.18 36.76 1.84
C VAL B 770 17.57 36.28 3.24
N GLU B 771 17.34 37.15 4.24
CA GLU B 771 17.76 36.85 5.61
C GLU B 771 16.91 35.70 6.16
N THR B 772 15.62 35.75 5.90
CA THR B 772 14.70 34.71 6.32
C THR B 772 15.13 33.35 5.75
N VAL B 773 15.43 33.28 4.43
CA VAL B 773 15.77 31.98 3.82
C VAL B 773 17.17 31.60 4.31
N TYR B 774 18.09 32.59 4.37
CA TYR B 774 19.43 32.33 4.87
C TYR B 774 19.38 31.77 6.28
N ARG B 775 18.71 32.47 7.21
CA ARG B 775 18.82 32.14 8.63
C ARG B 775 18.30 30.72 8.86
N ASN B 776 17.27 30.32 8.10
CA ASN B 776 16.70 28.99 8.27
C ASN B 776 17.66 27.95 7.70
N TRP B 777 18.28 28.28 6.57
CA TRP B 777 19.23 27.39 5.94
C TRP B 777 20.43 27.13 6.88
N GLU B 778 20.84 28.17 7.60
CA GLU B 778 21.99 28.05 8.48
C GLU B 778 21.63 27.15 9.67
N GLU B 779 20.39 27.28 10.15
CA GLU B 779 19.93 26.61 11.34
C GLU B 779 19.50 25.17 11.04
N THR B 780 18.88 24.93 9.85
CA THR B 780 18.24 23.63 9.62
C THR B 780 18.89 22.85 8.48
N GLY B 781 19.70 23.51 7.65
CA GLY B 781 20.27 22.91 6.44
C GLY B 781 19.27 22.83 5.27
N PHE B 782 18.05 23.36 5.43
CA PHE B 782 17.02 23.20 4.40
C PHE B 782 16.52 24.54 3.83
N ALA B 783 16.23 24.54 2.52
CA ALA B 783 15.22 25.40 1.94
C ALA B 783 13.85 24.84 2.32
N TRP B 784 12.93 25.74 2.66
CA TRP B 784 11.59 25.33 3.05
C TRP B 784 10.59 25.81 2.01
N GLU B 785 9.40 25.18 2.03
CA GLU B 785 8.37 25.48 1.06
C GLU B 785 7.79 26.89 1.29
N GLN B 786 7.73 27.31 2.58
CA GLN B 786 7.21 28.60 2.98
C GLN B 786 7.76 28.94 4.37
N TYR B 787 7.50 30.19 4.79
CA TYR B 787 8.07 30.73 6.01
C TYR B 787 6.97 31.35 6.86
N ASN B 788 7.09 31.10 8.17
CA ASN B 788 6.13 31.61 9.13
C ASN B 788 6.20 33.14 9.11
N PRO B 789 5.05 33.86 9.02
CA PRO B 789 5.08 35.33 9.03
C PRO B 789 5.30 35.95 10.44
N GLU B 790 5.01 35.15 11.49
CA GLU B 790 5.18 35.60 12.88
C GLU B 790 6.63 35.41 13.35
N THR B 791 7.27 34.27 13.03
CA THR B 791 8.57 33.96 13.64
C THR B 791 9.71 33.89 12.60
N GLY B 792 9.35 33.63 11.34
CA GLY B 792 10.34 33.50 10.27
C GLY B 792 10.68 32.03 9.93
N LYS B 793 10.18 31.07 10.73
CA LYS B 793 10.61 29.67 10.67
C LYS B 793 10.12 29.00 9.37
N GLY B 794 11.04 28.30 8.69
CA GLY B 794 10.70 27.41 7.59
C GLY B 794 9.64 26.42 8.03
N GLN B 795 8.59 26.25 7.23
CA GLN B 795 7.52 25.31 7.59
C GLN B 795 6.98 24.65 6.33
N ARG B 796 5.95 23.80 6.49
CA ARG B 796 5.60 22.83 5.47
C ARG B 796 6.85 22.02 5.11
N THR B 797 7.02 21.62 3.83
CA THR B 797 8.04 20.62 3.51
C THR B 797 9.44 21.22 3.40
N GLN B 798 10.45 20.41 3.75
CA GLN B 798 11.87 20.73 3.59
C GLN B 798 12.30 20.29 2.21
N HIS B 799 13.54 20.61 1.86
CA HIS B 799 14.16 20.31 0.57
C HIS B 799 13.40 20.96 -0.60
N PHE B 800 12.83 22.15 -0.40
CA PHE B 800 12.00 22.74 -1.48
C PHE B 800 12.88 23.57 -2.42
N THR B 801 13.55 22.91 -3.36
CA THR B 801 14.40 23.62 -4.31
C THR B 801 14.05 23.14 -5.71
N GLY B 802 12.89 23.54 -6.26
CA GLY B 802 11.89 24.38 -5.59
C GLY B 802 12.23 25.84 -5.78
N TRP B 803 11.19 26.66 -5.90
CA TRP B 803 11.39 28.07 -6.22
C TRP B 803 11.99 28.85 -5.03
N THR B 804 12.09 28.24 -3.85
CA THR B 804 12.78 28.94 -2.75
C THR B 804 14.20 29.35 -3.17
N SER B 805 14.79 28.56 -4.06
CA SER B 805 16.10 28.82 -4.64
C SER B 805 16.19 30.13 -5.45
N LEU B 806 15.04 30.76 -5.75
CA LEU B 806 15.00 32.08 -6.36
C LEU B 806 15.87 33.08 -5.56
N VAL B 807 16.02 32.83 -4.26
CA VAL B 807 16.84 33.68 -3.42
C VAL B 807 18.22 33.97 -4.04
N VAL B 808 18.76 33.03 -4.83
CA VAL B 808 20.08 33.23 -5.41
C VAL B 808 20.04 34.42 -6.37
N LYS B 809 18.95 34.57 -7.12
CA LYS B 809 18.84 35.70 -8.04
C LYS B 809 18.51 36.95 -7.25
N ILE B 810 17.84 36.79 -6.11
CA ILE B 810 17.50 37.97 -5.34
C ILE B 810 18.79 38.62 -4.81
N MET B 811 19.78 37.78 -4.48
CA MET B 811 21.03 38.27 -3.93
C MET B 811 21.89 38.95 -5.01
N SER B 812 21.71 38.54 -6.26
CA SER B 812 22.62 38.90 -7.36
C SER B 812 22.25 40.23 -8.00
N GLY B 813 21.01 40.69 -7.77
CA GLY B 813 20.51 41.99 -8.25
C GLY B 813 20.02 41.94 -9.69
N HIS B 814 19.33 43.02 -10.13
CA HIS B 814 18.80 43.08 -11.49
C HIS B 814 19.54 44.18 -12.28
#